data_4RVN
#
_entry.id   4RVN
#
_cell.length_a   127.780
_cell.length_b   211.300
_cell.length_c   71.980
_cell.angle_alpha   90.000
_cell.angle_beta   90.000
_cell.angle_gamma   90.000
#
_symmetry.space_group_name_H-M   'P 21 21 2'
#
loop_
_entity.id
_entity.type
_entity.pdbx_description
1 polymer 'Phenylacetate-coenzyme A ligase'
2 non-polymer 'ZINC ION'
3 non-polymer 'ADENOSINE MONOPHOSPHATE'
4 non-polymer 'COENZYME A'
5 non-polymer 'POTASSIUM ION'
6 non-polymer 'UNKNOWN LIGAND'
7 non-polymer 'SULFATE ION'
8 non-polymer 1,2-ETHANEDIOL
9 water water
#
_entity_poly.entity_id   1
_entity_poly.type   'polypeptide(L)'
_entity_poly.pdbx_seq_one_letter_code
;G(MSE)STQYWEEEIEI(MSE)SREKLQELQLQRLKKTINIAANSPYYKEVFSKNGITGDSIQSLDDIRKIPFTTKSD
(MSE)RANYPFGLVAGD(MSE)KRDGVRIHSSSGTTGNPTVIVHSQHDLDSWANLVARCLY(MSE)VGIRKTDVFQNSSG
YG(MSE)FTGGLGFQYGAERLGCLTVPAAAGNSKRQIKFISDFKTTALHAIPSYAIRLAEVFQEEGIDPRETTLKTLVIG
AEPHTDEQRRKIER(MSE)LNVKAYNSFG(MSE)TE(MSE)NGPGVAFECQEQNG(MSE)HFWEDCYLVEIIDPETGEPV
PEGEIGELVLTTLDRE(MSE)(MSE)PLIRYRTRDLTRILPGKCPCGRTHLRIDRIKGRSDD(MSE)FIIKGVNIFP
(MSE)QVEKILVQFPELGSNYLITLETVNNQDE(MSE)IVEVELSDLSTDNYIELEKIRRDIIRQLKDEILVTPKVKLVK
KGSLPQSEGKAVRVKDLRDNK
;
_entity_poly.pdbx_strand_id   A,B,C,D
#
# COMPACT_ATOMS: atom_id res chain seq x y z
N GLY A 1 -32.04 -3.88 -54.38
CA GLY A 1 -33.42 -4.30 -54.61
C GLY A 1 -33.58 -5.80 -54.74
N SER A 3 -30.97 -8.02 -54.98
CA SER A 3 -29.94 -8.67 -54.17
C SER A 3 -30.12 -8.35 -52.67
N THR A 4 -31.11 -7.50 -52.31
CA THR A 4 -31.39 -7.08 -50.94
C THR A 4 -32.07 -8.22 -50.17
N GLN A 5 -31.57 -8.51 -48.94
CA GLN A 5 -32.08 -9.54 -48.05
C GLN A 5 -32.79 -8.89 -46.86
N TYR A 6 -33.95 -9.45 -46.48
CA TYR A 6 -34.77 -8.91 -45.40
C TYR A 6 -34.99 -9.93 -44.27
N TRP A 7 -35.08 -9.43 -43.03
CA TRP A 7 -35.35 -10.22 -41.82
C TRP A 7 -36.82 -10.69 -41.86
N GLU A 8 -37.74 -9.76 -42.18
CA GLU A 8 -39.19 -9.95 -42.32
C GLU A 8 -39.66 -9.25 -43.59
N GLU A 9 -39.39 -9.89 -44.76
CA GLU A 9 -39.69 -9.36 -46.10
C GLU A 9 -41.15 -8.88 -46.23
N GLU A 10 -42.13 -9.69 -45.78
CA GLU A 10 -43.56 -9.40 -45.89
C GLU A 10 -43.92 -8.06 -45.19
N ILE A 11 -43.20 -7.68 -44.14
CA ILE A 11 -43.44 -6.42 -43.41
C ILE A 11 -42.56 -5.30 -44.00
N GLU A 12 -41.28 -5.59 -44.27
CA GLU A 12 -40.31 -4.60 -44.72
C GLU A 12 -40.62 -4.04 -46.13
N ILE A 13 -41.23 -4.84 -47.04
CA ILE A 13 -41.56 -4.32 -48.38
C ILE A 13 -43.10 -4.24 -48.56
N SER A 15 -46.82 -3.06 -48.97
CA SER A 15 -47.38 -1.89 -49.66
C SER A 15 -47.93 -0.87 -48.66
N ARG A 16 -47.90 0.43 -49.03
CA ARG A 16 -48.40 1.51 -48.19
C ARG A 16 -49.87 1.27 -47.79
N GLU A 17 -50.68 0.74 -48.73
CA GLU A 17 -52.10 0.42 -48.51
CA GLU A 17 -52.10 0.41 -48.52
C GLU A 17 -52.24 -0.61 -47.38
N LYS A 18 -51.43 -1.68 -47.41
CA LYS A 18 -51.44 -2.74 -46.40
C LYS A 18 -50.79 -2.26 -45.09
N LEU A 19 -49.81 -1.32 -45.16
CA LEU A 19 -49.17 -0.74 -43.97
C LEU A 19 -50.17 0.12 -43.20
N GLN A 20 -50.99 0.92 -43.92
CA GLN A 20 -52.02 1.79 -43.36
C GLN A 20 -53.09 1.00 -42.61
N GLU A 21 -53.53 -0.16 -43.17
CA GLU A 21 -54.56 -0.97 -42.51
C GLU A 21 -53.94 -1.72 -41.30
N LEU A 22 -52.63 -2.05 -41.35
CA LEU A 22 -51.94 -2.69 -40.22
C LEU A 22 -51.79 -1.68 -39.08
N GLN A 23 -51.39 -0.42 -39.41
CA GLN A 23 -51.24 0.66 -38.44
C GLN A 23 -52.57 1.01 -37.77
N LEU A 24 -53.67 1.07 -38.56
CA LEU A 24 -55.00 1.40 -38.05
C LEU A 24 -55.50 0.31 -37.09
N GLN A 25 -55.30 -0.98 -37.46
CA GLN A 25 -55.68 -2.13 -36.63
C GLN A 25 -54.91 -2.08 -35.30
N ARG A 26 -53.59 -1.85 -35.35
CA ARG A 26 -52.75 -1.79 -34.15
C ARG A 26 -52.99 -0.50 -33.34
N LEU A 27 -53.39 0.62 -34.00
CA LEU A 27 -53.68 1.89 -33.33
C LEU A 27 -54.94 1.76 -32.47
N LYS A 28 -56.01 1.14 -33.02
CA LYS A 28 -57.28 0.91 -32.29
C LYS A 28 -57.02 0.03 -31.06
N LYS A 29 -56.23 -1.05 -31.23
CA LYS A 29 -55.85 -2.01 -30.20
C LYS A 29 -55.07 -1.30 -29.08
N THR A 30 -54.12 -0.42 -29.44
CA THR A 30 -53.27 0.33 -28.51
C THR A 30 -54.14 1.27 -27.65
N ILE A 31 -55.10 1.97 -28.26
CA ILE A 31 -55.98 2.91 -27.57
C ILE A 31 -56.90 2.13 -26.61
N ASN A 32 -57.42 0.96 -27.02
CA ASN A 32 -58.26 0.12 -26.16
C ASN A 32 -57.47 -0.41 -24.96
N ILE A 33 -56.17 -0.76 -25.16
CA ILE A 33 -55.28 -1.22 -24.10
C ILE A 33 -54.96 -0.04 -23.16
N ALA A 34 -54.46 1.08 -23.71
CA ALA A 34 -54.07 2.29 -22.97
C ALA A 34 -55.20 2.84 -22.08
N ALA A 35 -56.47 2.64 -22.49
CA ALA A 35 -57.67 3.08 -21.76
C ALA A 35 -57.75 2.44 -20.35
N ASN A 36 -57.03 1.32 -20.12
CA ASN A 36 -56.99 0.62 -18.83
C ASN A 36 -56.01 1.30 -17.86
N SER A 37 -55.12 2.17 -18.36
CA SER A 37 -54.17 2.87 -17.49
C SER A 37 -54.86 4.06 -16.81
N PRO A 38 -54.52 4.39 -15.55
CA PRO A 38 -55.17 5.55 -14.91
C PRO A 38 -54.96 6.86 -15.66
N TYR A 39 -53.79 7.07 -16.31
CA TYR A 39 -53.50 8.30 -17.04
C TYR A 39 -54.35 8.43 -18.32
N TYR A 40 -54.33 7.42 -19.23
CA TYR A 40 -55.10 7.56 -20.47
C TYR A 40 -56.60 7.38 -20.23
N LYS A 41 -57.03 6.72 -19.13
CA LYS A 41 -58.45 6.60 -18.80
C LYS A 41 -59.03 8.01 -18.56
N GLU A 42 -58.26 8.85 -17.83
CA GLU A 42 -58.57 10.24 -17.49
CA GLU A 42 -58.62 10.23 -17.49
C GLU A 42 -58.53 11.13 -18.74
N VAL A 43 -57.46 10.99 -19.56
CA VAL A 43 -57.25 11.77 -20.79
C VAL A 43 -58.40 11.49 -21.79
N PHE A 44 -58.75 10.20 -22.00
CA PHE A 44 -59.82 9.82 -22.93
C PHE A 44 -61.19 10.26 -22.43
N SER A 45 -61.39 10.29 -21.09
CA SER A 45 -62.65 10.72 -20.48
C SER A 45 -62.88 12.23 -20.65
N LYS A 46 -61.82 13.04 -20.48
CA LYS A 46 -61.91 14.50 -20.61
C LYS A 46 -61.98 14.97 -22.06
N ASN A 47 -61.51 14.15 -23.02
CA ASN A 47 -61.48 14.55 -24.44
C ASN A 47 -62.49 13.75 -25.28
N GLY A 48 -63.37 12.98 -24.62
CA GLY A 48 -64.40 12.17 -25.27
C GLY A 48 -63.88 11.14 -26.25
N ILE A 49 -62.74 10.51 -25.92
CA ILE A 49 -62.11 9.48 -26.76
C ILE A 49 -62.71 8.13 -26.34
N THR A 50 -63.45 7.50 -27.28
CA THR A 50 -64.11 6.21 -27.10
C THR A 50 -63.54 5.20 -28.13
N GLY A 51 -64.16 4.02 -28.21
CA GLY A 51 -63.76 2.97 -29.13
C GLY A 51 -64.15 3.26 -30.58
N ASP A 52 -64.97 4.30 -30.80
CA ASP A 52 -65.47 4.72 -32.11
C ASP A 52 -64.76 6.00 -32.62
N SER A 53 -63.93 6.63 -31.76
CA SER A 53 -63.21 7.87 -32.08
C SER A 53 -62.18 7.68 -33.21
N ILE A 54 -61.53 6.50 -33.27
CA ILE A 54 -60.52 6.20 -34.28
C ILE A 54 -61.13 5.29 -35.35
N GLN A 55 -61.32 5.85 -36.56
CA GLN A 55 -61.85 5.17 -37.74
C GLN A 55 -60.83 5.25 -38.88
N SER A 56 -59.92 6.23 -38.80
CA SER A 56 -58.81 6.47 -39.74
C SER A 56 -57.55 6.85 -38.97
N LEU A 57 -56.38 6.85 -39.64
CA LEU A 57 -55.10 7.20 -39.01
C LEU A 57 -55.05 8.69 -38.65
N ASP A 58 -55.80 9.54 -39.40
CA ASP A 58 -55.85 10.99 -39.15
C ASP A 58 -56.62 11.31 -37.87
N ASP A 59 -57.52 10.41 -37.42
CA ASP A 59 -58.32 10.55 -36.20
C ASP A 59 -57.46 10.53 -34.92
N ILE A 60 -56.16 10.18 -35.01
CA ILE A 60 -55.24 10.16 -33.87
C ILE A 60 -55.08 11.59 -33.31
N ARG A 61 -55.24 12.62 -34.18
CA ARG A 61 -55.09 14.04 -33.84
C ARG A 61 -56.23 14.53 -32.93
N LYS A 62 -57.25 13.68 -32.66
CA LYS A 62 -58.33 13.96 -31.70
C LYS A 62 -57.79 13.84 -30.28
N ILE A 63 -56.79 12.96 -30.09
CA ILE A 63 -56.14 12.68 -28.81
C ILE A 63 -55.03 13.72 -28.55
N PRO A 64 -54.99 14.35 -27.34
CA PRO A 64 -53.92 15.33 -27.07
C PRO A 64 -52.55 14.64 -26.95
N PHE A 65 -51.47 15.43 -26.99
CA PHE A 65 -50.11 14.90 -26.89
C PHE A 65 -49.78 14.43 -25.48
N THR A 66 -48.85 13.45 -25.37
CA THR A 66 -48.30 12.97 -24.10
C THR A 66 -46.94 13.62 -23.95
N THR A 67 -46.77 14.45 -22.93
CA THR A 67 -45.52 15.15 -22.67
C THR A 67 -44.72 14.46 -21.57
N LYS A 68 -43.43 14.79 -21.45
CA LYS A 68 -42.56 14.25 -20.42
C LYS A 68 -43.05 14.74 -19.05
N SER A 69 -43.47 16.02 -18.97
CA SER A 69 -44.03 16.63 -17.75
C SER A 69 -45.19 15.78 -17.21
N ASP A 70 -46.11 15.31 -18.10
CA ASP A 70 -47.25 14.45 -17.78
C ASP A 70 -46.78 13.12 -17.21
N ARG A 72 -43.78 12.46 -15.79
CA ARG A 72 -43.16 12.76 -14.49
C ARG A 72 -44.22 12.93 -13.39
N ALA A 73 -45.37 13.55 -13.75
CA ALA A 73 -46.50 13.79 -12.86
C ALA A 73 -47.21 12.49 -12.48
N ASN A 74 -47.10 11.45 -13.32
CA ASN A 74 -47.74 10.16 -13.08
C ASN A 74 -46.70 9.07 -12.74
N TYR A 75 -45.52 9.48 -12.24
CA TYR A 75 -44.44 8.58 -11.84
C TYR A 75 -44.84 7.81 -10.56
N PRO A 76 -44.61 6.49 -10.50
CA PRO A 76 -43.93 5.65 -11.50
C PRO A 76 -44.83 4.83 -12.44
N PHE A 77 -46.06 4.46 -12.05
CA PHE A 77 -46.84 3.54 -12.87
C PHE A 77 -48.23 4.07 -13.30
N GLY A 78 -48.37 5.39 -13.41
CA GLY A 78 -49.61 6.02 -13.85
C GLY A 78 -50.04 5.70 -15.27
N LEU A 79 -49.09 5.33 -16.15
CA LEU A 79 -49.40 5.00 -17.55
C LEU A 79 -49.35 3.48 -17.82
N VAL A 80 -49.23 2.65 -16.76
CA VAL A 80 -49.20 1.19 -16.90
C VAL A 80 -50.65 0.73 -17.18
N ALA A 81 -50.84 0.08 -18.34
CA ALA A 81 -52.14 -0.38 -18.83
C ALA A 81 -52.38 -1.87 -18.53
N GLY A 82 -51.32 -2.70 -18.60
CA GLY A 82 -51.43 -4.13 -18.36
C GLY A 82 -51.39 -4.55 -16.91
N ASP A 83 -51.38 -5.87 -16.67
CA ASP A 83 -51.29 -6.46 -15.33
C ASP A 83 -49.81 -6.64 -15.02
N LYS A 85 -48.18 -6.99 -12.05
CA LYS A 85 -47.84 -8.01 -11.05
C LYS A 85 -47.72 -9.41 -11.69
N ARG A 86 -48.61 -9.73 -12.65
CA ARG A 86 -48.65 -11.02 -13.33
CA ARG A 86 -48.66 -11.01 -13.34
C ARG A 86 -47.78 -11.05 -14.61
N ASP A 87 -47.87 -10.01 -15.47
CA ASP A 87 -47.17 -10.03 -16.76
C ASP A 87 -45.97 -9.05 -16.90
N GLY A 88 -45.78 -8.13 -15.96
CA GLY A 88 -44.65 -7.19 -16.00
C GLY A 88 -43.34 -7.91 -15.73
N VAL A 89 -42.37 -7.80 -16.65
CA VAL A 89 -41.09 -8.54 -16.48
C VAL A 89 -39.87 -7.59 -16.42
N ARG A 90 -40.01 -6.29 -16.81
CA ARG A 90 -38.85 -5.38 -16.74
C ARG A 90 -39.25 -3.92 -16.64
N ILE A 91 -38.43 -3.14 -15.91
CA ILE A 91 -38.52 -1.70 -15.75
C ILE A 91 -37.25 -1.03 -16.28
N HIS A 92 -37.40 -0.04 -17.17
CA HIS A 92 -36.31 0.79 -17.63
C HIS A 92 -36.59 2.19 -17.11
N SER A 93 -35.73 2.66 -16.20
CA SER A 93 -35.83 3.96 -15.56
C SER A 93 -34.73 4.92 -16.03
N SER A 94 -35.05 6.23 -16.12
CA SER A 94 -34.08 7.26 -16.50
C SER A 94 -33.30 7.68 -15.23
N SER A 95 -32.24 8.49 -15.38
CA SER A 95 -31.38 8.92 -14.27
C SER A 95 -32.07 9.86 -13.28
N GLY A 96 -31.48 10.00 -12.09
CA GLY A 96 -31.95 10.95 -11.08
C GLY A 96 -32.59 10.45 -9.81
N THR A 97 -32.44 11.28 -8.75
CA THR A 97 -33.00 11.14 -7.41
C THR A 97 -33.57 12.49 -6.93
N THR A 98 -33.13 13.59 -7.57
CA THR A 98 -33.52 14.97 -7.24
C THR A 98 -34.92 15.31 -7.85
N GLY A 99 -35.33 14.54 -8.86
CA GLY A 99 -36.64 14.68 -9.50
C GLY A 99 -37.24 13.35 -9.89
N ASN A 100 -38.52 13.34 -10.37
CA ASN A 100 -39.19 12.11 -10.80
C ASN A 100 -38.64 11.63 -12.15
N PRO A 101 -37.97 10.46 -12.18
CA PRO A 101 -37.45 9.96 -13.47
C PRO A 101 -38.56 9.37 -14.35
N THR A 102 -38.19 8.86 -15.53
CA THR A 102 -39.06 8.24 -16.53
C THR A 102 -38.99 6.74 -16.37
N VAL A 103 -40.14 6.07 -16.34
CA VAL A 103 -40.19 4.63 -16.17
C VAL A 103 -40.99 4.01 -17.32
N ILE A 104 -40.41 3.00 -17.98
CA ILE A 104 -41.07 2.22 -19.02
C ILE A 104 -41.15 0.79 -18.50
N VAL A 105 -42.37 0.24 -18.44
CA VAL A 105 -42.61 -1.11 -17.94
C VAL A 105 -42.92 -2.01 -19.15
N HIS A 106 -42.25 -3.15 -19.24
CA HIS A 106 -42.40 -4.11 -20.34
C HIS A 106 -42.91 -5.46 -19.86
N SER A 107 -43.71 -6.11 -20.72
CA SER A 107 -44.15 -7.50 -20.56
C SER A 107 -43.23 -8.37 -21.41
N GLN A 108 -43.39 -9.71 -21.39
CA GLN A 108 -42.54 -10.58 -22.20
C GLN A 108 -42.76 -10.29 -23.70
N HIS A 109 -44.03 -10.05 -24.10
CA HIS A 109 -44.41 -9.69 -25.48
C HIS A 109 -43.62 -8.45 -25.94
N ASP A 110 -43.55 -7.41 -25.07
CA ASP A 110 -42.88 -6.14 -25.33
C ASP A 110 -41.37 -6.34 -25.52
N LEU A 111 -40.74 -7.21 -24.71
CA LEU A 111 -39.31 -7.49 -24.83
C LEU A 111 -39.00 -8.25 -26.12
N ASP A 112 -39.88 -9.21 -26.50
CA ASP A 112 -39.73 -10.02 -27.71
C ASP A 112 -39.94 -9.15 -28.97
N SER A 113 -40.89 -8.20 -28.93
CA SER A 113 -41.15 -7.27 -30.03
C SER A 113 -39.95 -6.36 -30.25
N TRP A 114 -39.35 -5.88 -29.15
CA TRP A 114 -38.18 -5.02 -29.11
C TRP A 114 -36.95 -5.76 -29.63
N ALA A 115 -36.76 -7.03 -29.19
CA ALA A 115 -35.63 -7.88 -29.63
C ALA A 115 -35.72 -8.21 -31.12
N ASN A 116 -36.95 -8.37 -31.63
CA ASN A 116 -37.19 -8.64 -33.05
C ASN A 116 -36.84 -7.42 -33.90
N LEU A 117 -37.18 -6.21 -33.42
CA LEU A 117 -36.88 -4.95 -34.13
C LEU A 117 -35.38 -4.72 -34.21
N VAL A 118 -34.63 -5.02 -33.14
CA VAL A 118 -33.17 -4.85 -33.10
C VAL A 118 -32.54 -5.88 -34.07
N ALA A 119 -33.02 -7.14 -34.07
CA ALA A 119 -32.56 -8.19 -34.99
C ALA A 119 -32.81 -7.79 -36.45
N ARG A 120 -33.99 -7.17 -36.71
CA ARG A 120 -34.39 -6.67 -38.04
C ARG A 120 -33.41 -5.59 -38.52
N CYS A 121 -33.03 -4.65 -37.63
CA CYS A 121 -32.10 -3.55 -37.89
C CYS A 121 -30.71 -4.09 -38.24
N LEU A 122 -30.17 -4.99 -37.40
CA LEU A 122 -28.84 -5.57 -37.56
C LEU A 122 -28.75 -6.39 -38.86
N TYR A 123 -29.79 -7.18 -39.16
CA TYR A 123 -29.84 -8.01 -40.39
C TYR A 123 -29.85 -7.11 -41.64
N VAL A 125 -28.45 -4.18 -42.14
CA VAL A 125 -27.16 -3.58 -42.47
C VAL A 125 -26.10 -4.69 -42.79
N GLY A 126 -26.55 -5.93 -42.94
CA GLY A 126 -25.70 -7.06 -43.33
C GLY A 126 -25.12 -7.95 -42.25
N ILE A 127 -25.49 -7.73 -40.97
CA ILE A 127 -25.00 -8.54 -39.86
C ILE A 127 -25.79 -9.86 -39.89
N ARG A 128 -25.07 -10.99 -39.70
CA ARG A 128 -25.63 -12.34 -39.70
C ARG A 128 -25.27 -13.07 -38.39
N LYS A 129 -25.82 -14.29 -38.20
CA LYS A 129 -25.57 -15.11 -37.01
C LYS A 129 -24.06 -15.50 -36.91
N THR A 130 -23.34 -15.49 -38.05
CA THR A 130 -21.92 -15.82 -38.17
C THR A 130 -21.03 -14.68 -37.62
N ASP A 131 -21.60 -13.47 -37.45
CA ASP A 131 -20.86 -12.32 -36.94
C ASP A 131 -20.63 -12.41 -35.41
N VAL A 132 -19.55 -11.76 -34.95
CA VAL A 132 -19.19 -11.63 -33.54
C VAL A 132 -19.54 -10.18 -33.18
N PHE A 133 -20.64 -10.00 -32.43
CA PHE A 133 -21.18 -8.68 -32.08
C PHE A 133 -20.72 -8.22 -30.70
N GLN A 134 -20.05 -7.07 -30.62
CA GLN A 134 -19.59 -6.48 -29.37
C GLN A 134 -20.40 -5.22 -29.05
N ASN A 135 -20.94 -5.15 -27.83
CA ASN A 135 -21.76 -4.02 -27.39
C ASN A 135 -20.99 -3.20 -26.35
N SER A 136 -20.55 -1.98 -26.72
CA SER A 136 -19.79 -1.09 -25.83
C SER A 136 -20.73 -0.11 -25.09
N SER A 137 -22.04 -0.30 -25.21
CA SER A 137 -23.03 0.51 -24.51
C SER A 137 -23.11 0.09 -23.05
N GLY A 138 -23.44 1.03 -22.18
CA GLY A 138 -23.65 0.75 -20.76
C GLY A 138 -24.83 -0.19 -20.59
N TYR A 139 -24.74 -1.09 -19.62
CA TYR A 139 -25.82 -2.05 -19.39
C TYR A 139 -26.67 -1.53 -18.21
N GLY A 140 -27.30 -2.42 -17.44
CA GLY A 140 -28.16 -2.01 -16.34
C GLY A 140 -29.44 -1.37 -16.83
N PHE A 142 -29.68 1.35 -18.72
CA PHE A 142 -29.52 1.85 -20.08
C PHE A 142 -30.06 0.83 -21.09
N THR A 143 -31.01 1.27 -21.93
CA THR A 143 -31.70 0.41 -22.89
C THR A 143 -30.75 -0.09 -24.01
N GLY A 144 -29.64 0.60 -24.25
CA GLY A 144 -28.65 0.21 -25.25
C GLY A 144 -27.94 -1.10 -24.95
N GLY A 145 -27.79 -1.40 -23.66
CA GLY A 145 -27.13 -2.61 -23.17
C GLY A 145 -27.96 -3.85 -23.44
N LEU A 146 -29.04 -4.04 -22.67
CA LEU A 146 -29.95 -5.19 -22.80
C LEU A 146 -30.68 -5.20 -24.16
N GLY A 147 -30.95 -4.02 -24.73
CA GLY A 147 -31.58 -3.88 -26.05
C GLY A 147 -30.84 -4.56 -27.18
N PHE A 148 -29.54 -4.20 -27.36
CA PHE A 148 -28.72 -4.82 -28.41
C PHE A 148 -28.34 -6.24 -28.03
N GLN A 149 -28.19 -6.53 -26.72
CA GLN A 149 -27.85 -7.88 -26.24
C GLN A 149 -28.91 -8.90 -26.68
N TYR A 150 -30.20 -8.62 -26.42
CA TYR A 150 -31.32 -9.48 -26.76
C TYR A 150 -31.53 -9.57 -28.27
N GLY A 151 -31.39 -8.44 -28.97
CA GLY A 151 -31.53 -8.36 -30.41
C GLY A 151 -30.49 -9.17 -31.16
N ALA A 152 -29.21 -9.03 -30.77
CA ALA A 152 -28.09 -9.75 -31.39
C ALA A 152 -28.18 -11.25 -31.11
N GLU A 153 -28.63 -11.64 -29.90
CA GLU A 153 -28.83 -13.06 -29.56
C GLU A 153 -29.97 -13.65 -30.38
N ARG A 154 -31.05 -12.86 -30.60
CA ARG A 154 -32.20 -13.25 -31.42
C ARG A 154 -31.75 -13.53 -32.85
N LEU A 155 -30.82 -12.70 -33.38
CA LEU A 155 -30.24 -12.88 -34.71
C LEU A 155 -29.32 -14.13 -34.73
N GLY A 156 -28.65 -14.39 -33.61
CA GLY A 156 -27.79 -15.54 -33.45
C GLY A 156 -26.31 -15.25 -33.42
N CYS A 157 -25.94 -13.94 -33.35
CA CYS A 157 -24.55 -13.47 -33.27
C CYS A 157 -23.86 -14.02 -32.04
N LEU A 158 -22.53 -14.19 -32.12
CA LEU A 158 -21.71 -14.50 -30.96
C LEU A 158 -21.53 -13.16 -30.25
N THR A 159 -22.31 -12.90 -29.20
CA THR A 159 -22.29 -11.60 -28.54
C THR A 159 -21.14 -11.50 -27.53
N VAL A 160 -20.62 -10.26 -27.41
CA VAL A 160 -19.55 -9.87 -26.49
C VAL A 160 -20.12 -8.72 -25.64
N PRO A 161 -20.71 -9.01 -24.46
CA PRO A 161 -21.29 -7.92 -23.64
C PRO A 161 -20.19 -7.16 -22.88
N ALA A 162 -19.34 -6.42 -23.62
CA ALA A 162 -18.21 -5.68 -23.08
C ALA A 162 -18.64 -4.56 -22.13
N ALA A 163 -19.78 -3.91 -22.42
CA ALA A 163 -20.34 -2.76 -21.69
C ALA A 163 -19.45 -1.51 -21.92
N ALA A 164 -19.68 -0.41 -21.20
CA ALA A 164 -18.97 0.86 -21.39
C ALA A 164 -17.52 0.84 -20.86
N GLY A 165 -16.70 1.69 -21.48
CA GLY A 165 -15.31 1.96 -21.12
C GLY A 165 -14.31 0.84 -21.24
N ASN A 166 -13.12 1.09 -20.64
CA ASN A 166 -11.94 0.23 -20.59
C ASN A 166 -11.54 -0.15 -22.03
N SER A 167 -11.09 0.86 -22.81
CA SER A 167 -10.71 0.77 -24.22
C SER A 167 -9.66 -0.31 -24.49
N LYS A 168 -8.68 -0.51 -23.58
CA LYS A 168 -7.66 -1.56 -23.78
C LYS A 168 -8.32 -2.95 -23.77
N ARG A 169 -9.34 -3.16 -22.90
CA ARG A 169 -10.08 -4.43 -22.81
C ARG A 169 -10.98 -4.59 -24.05
N GLN A 170 -11.53 -3.47 -24.58
CA GLN A 170 -12.35 -3.44 -25.79
C GLN A 170 -11.55 -3.92 -27.00
N ILE A 171 -10.31 -3.40 -27.15
CA ILE A 171 -9.33 -3.74 -28.20
C ILE A 171 -8.91 -5.22 -28.03
N LYS A 172 -8.73 -5.68 -26.78
CA LYS A 172 -8.35 -7.07 -26.47
C LYS A 172 -9.47 -8.03 -26.93
N PHE A 173 -10.75 -7.70 -26.65
CA PHE A 173 -11.90 -8.52 -27.05
C PHE A 173 -12.01 -8.61 -28.58
N ILE A 174 -11.81 -7.47 -29.29
CA ILE A 174 -11.87 -7.41 -30.75
C ILE A 174 -10.76 -8.31 -31.35
N SER A 175 -9.54 -8.22 -30.82
CA SER A 175 -8.37 -8.98 -31.29
C SER A 175 -8.48 -10.48 -30.99
N ASP A 176 -8.91 -10.86 -29.77
CA ASP A 176 -8.98 -12.26 -29.34
C ASP A 176 -10.28 -12.98 -29.75
N PHE A 177 -11.44 -12.29 -29.78
CA PHE A 177 -12.70 -12.98 -30.10
C PHE A 177 -13.06 -12.80 -31.58
N LYS A 178 -12.25 -12.02 -32.32
CA LYS A 178 -12.36 -11.72 -33.75
C LYS A 178 -13.72 -11.04 -34.04
N THR A 179 -13.99 -9.93 -33.31
CA THR A 179 -15.20 -9.12 -33.43
C THR A 179 -15.32 -8.55 -34.84
N THR A 180 -16.52 -8.66 -35.44
CA THR A 180 -16.79 -8.20 -36.80
C THR A 180 -17.83 -7.06 -36.78
N ALA A 181 -18.71 -7.04 -35.77
CA ALA A 181 -19.74 -6.01 -35.60
C ALA A 181 -19.62 -5.34 -34.23
N LEU A 182 -19.61 -4.00 -34.19
CA LEU A 182 -19.45 -3.26 -32.94
C LEU A 182 -20.49 -2.16 -32.79
N HIS A 183 -21.11 -2.08 -31.60
CA HIS A 183 -22.04 -1.02 -31.25
C HIS A 183 -21.33 -0.06 -30.30
N ALA A 184 -21.21 1.20 -30.72
CA ALA A 184 -20.53 2.27 -29.98
C ALA A 184 -21.11 3.62 -30.32
N ILE A 185 -20.95 4.61 -29.43
CA ILE A 185 -21.35 5.99 -29.72
C ILE A 185 -20.27 6.54 -30.69
N PRO A 186 -20.61 7.46 -31.63
CA PRO A 186 -19.60 7.92 -32.61
C PRO A 186 -18.26 8.37 -32.01
N SER A 187 -18.27 9.16 -30.91
CA SER A 187 -17.05 9.66 -30.27
C SER A 187 -16.22 8.52 -29.65
N TYR A 188 -16.86 7.44 -29.17
CA TYR A 188 -16.12 6.32 -28.57
C TYR A 188 -15.47 5.46 -29.67
N ALA A 189 -16.10 5.37 -30.85
CA ALA A 189 -15.56 4.64 -32.01
C ALA A 189 -14.22 5.26 -32.47
N ILE A 190 -14.11 6.60 -32.39
CA ILE A 190 -12.90 7.36 -32.74
C ILE A 190 -11.83 7.09 -31.67
N ARG A 191 -12.24 7.09 -30.37
CA ARG A 191 -11.38 6.81 -29.22
C ARG A 191 -10.76 5.42 -29.34
N LEU A 192 -11.55 4.39 -29.74
CA LEU A 192 -11.08 3.02 -29.90
C LEU A 192 -10.02 2.93 -31.00
N ALA A 193 -10.23 3.64 -32.14
CA ALA A 193 -9.29 3.69 -33.26
C ALA A 193 -7.95 4.28 -32.81
N GLU A 194 -8.01 5.29 -31.93
CA GLU A 194 -6.85 5.97 -31.35
C GLU A 194 -6.10 5.02 -30.40
N VAL A 195 -6.85 4.26 -29.56
CA VAL A 195 -6.28 3.30 -28.58
C VAL A 195 -5.61 2.14 -29.37
N PHE A 196 -6.18 1.71 -30.51
CA PHE A 196 -5.58 0.68 -31.35
C PHE A 196 -4.15 1.07 -31.78
N GLN A 197 -3.95 2.31 -32.30
CA GLN A 197 -2.64 2.77 -32.77
C GLN A 197 -1.69 3.06 -31.58
N GLU A 198 -2.21 3.34 -30.36
CA GLU A 198 -1.40 3.51 -29.14
C GLU A 198 -0.80 2.17 -28.71
N GLU A 199 -1.53 1.06 -28.96
CA GLU A 199 -1.12 -0.30 -28.60
C GLU A 199 -0.36 -0.99 -29.76
N GLY A 200 0.01 -0.21 -30.78
CA GLY A 200 0.75 -0.66 -31.95
C GLY A 200 -0.03 -1.55 -32.91
N ILE A 201 -1.36 -1.37 -32.97
CA ILE A 201 -2.23 -2.12 -33.86
C ILE A 201 -2.79 -1.16 -34.91
N ASP A 202 -2.76 -1.56 -36.20
CA ASP A 202 -3.33 -0.76 -37.28
C ASP A 202 -4.86 -0.83 -37.15
N PRO A 203 -5.57 0.31 -36.89
CA PRO A 203 -7.03 0.24 -36.69
C PRO A 203 -7.80 -0.17 -37.94
N ARG A 204 -7.16 -0.15 -39.12
CA ARG A 204 -7.75 -0.53 -40.40
C ARG A 204 -7.51 -2.01 -40.74
N GLU A 205 -6.68 -2.72 -39.95
CA GLU A 205 -6.35 -4.12 -40.23
C GLU A 205 -6.87 -5.07 -39.14
N THR A 206 -8.08 -4.81 -38.61
CA THR A 206 -8.70 -5.68 -37.60
C THR A 206 -9.78 -6.52 -38.29
N THR A 207 -10.47 -7.38 -37.51
CA THR A 207 -11.55 -8.24 -38.01
C THR A 207 -12.87 -7.46 -38.13
N LEU A 208 -12.92 -6.20 -37.64
CA LEU A 208 -14.11 -5.34 -37.70
C LEU A 208 -14.57 -5.11 -39.15
N LYS A 209 -15.88 -5.18 -39.39
CA LYS A 209 -16.49 -4.98 -40.70
C LYS A 209 -17.66 -3.99 -40.64
N THR A 210 -18.51 -4.10 -39.60
CA THR A 210 -19.69 -3.26 -39.46
C THR A 210 -19.71 -2.54 -38.10
N LEU A 211 -20.09 -1.26 -38.12
CA LEU A 211 -20.24 -0.48 -36.89
C LEU A 211 -21.64 0.11 -36.83
N VAL A 212 -22.23 0.05 -35.64
CA VAL A 212 -23.56 0.58 -35.34
C VAL A 212 -23.35 1.76 -34.40
N ILE A 213 -23.64 2.99 -34.86
CA ILE A 213 -23.40 4.19 -34.07
C ILE A 213 -24.71 4.96 -33.86
N GLY A 214 -24.90 5.46 -32.63
CA GLY A 214 -26.06 6.24 -32.27
C GLY A 214 -25.98 6.91 -30.91
N ALA A 215 -27.16 7.15 -30.28
CA ALA A 215 -27.37 7.74 -28.93
C ALA A 215 -27.19 9.25 -28.90
N GLU A 216 -26.50 9.85 -29.90
CA GLU A 216 -26.24 11.28 -29.91
C GLU A 216 -26.09 11.82 -31.34
N PRO A 217 -26.38 13.13 -31.56
CA PRO A 217 -26.22 13.70 -32.92
C PRO A 217 -24.78 13.65 -33.42
N HIS A 218 -24.61 13.44 -34.74
CA HIS A 218 -23.33 13.42 -35.44
C HIS A 218 -23.56 13.62 -36.93
N THR A 219 -22.59 14.29 -37.60
CA THR A 219 -22.70 14.58 -39.04
C THR A 219 -22.32 13.35 -39.86
N ASP A 220 -22.64 13.38 -41.17
CA ASP A 220 -22.31 12.32 -42.12
C ASP A 220 -20.78 12.22 -42.26
N GLU A 221 -20.08 13.38 -42.21
CA GLU A 221 -18.63 13.51 -42.29
C GLU A 221 -17.94 12.82 -41.10
N GLN A 222 -18.49 12.97 -39.86
CA GLN A 222 -17.95 12.34 -38.65
C GLN A 222 -18.06 10.81 -38.76
N ARG A 223 -19.12 10.32 -39.42
CA ARG A 223 -19.33 8.90 -39.68
C ARG A 223 -18.32 8.41 -40.73
N ARG A 224 -18.08 9.20 -41.80
CA ARG A 224 -17.12 8.86 -42.87
C ARG A 224 -15.70 8.84 -42.31
N LYS A 225 -15.42 9.69 -41.29
CA LYS A 225 -14.12 9.72 -40.61
C LYS A 225 -13.91 8.40 -39.86
N ILE A 226 -14.97 7.90 -39.16
CA ILE A 226 -14.99 6.63 -38.42
C ILE A 226 -14.74 5.48 -39.40
N GLU A 227 -15.43 5.50 -40.56
CA GLU A 227 -15.32 4.47 -41.61
C GLU A 227 -13.89 4.38 -42.15
N ARG A 228 -13.21 5.54 -42.35
CA ARG A 228 -11.84 5.58 -42.86
C ARG A 228 -10.82 5.13 -41.80
N LEU A 230 -11.20 3.02 -39.18
CA LEU A 230 -11.31 1.61 -38.83
C LEU A 230 -11.55 0.69 -40.03
N ASN A 231 -11.64 1.25 -41.27
CA ASN A 231 -11.87 0.50 -42.52
C ASN A 231 -13.13 -0.38 -42.36
N VAL A 232 -14.26 0.29 -42.04
CA VAL A 232 -15.55 -0.36 -41.78
C VAL A 232 -16.69 0.41 -42.44
N LYS A 233 -17.89 -0.17 -42.37
CA LYS A 233 -19.14 0.45 -42.79
C LYS A 233 -19.90 0.79 -41.52
N ALA A 234 -20.16 2.09 -41.29
CA ALA A 234 -20.84 2.56 -40.07
C ALA A 234 -22.27 2.96 -40.41
N TYR A 235 -23.23 2.59 -39.53
CA TYR A 235 -24.64 2.86 -39.76
C TYR A 235 -25.27 3.60 -38.58
N ASN A 236 -26.10 4.62 -38.89
CA ASN A 236 -26.80 5.44 -37.91
C ASN A 236 -27.95 4.65 -37.29
N SER A 237 -27.95 4.58 -35.94
CA SER A 237 -28.91 3.86 -35.11
C SER A 237 -29.69 4.81 -34.22
N PHE A 238 -31.01 4.85 -34.40
CA PHE A 238 -31.86 5.74 -33.60
C PHE A 238 -32.77 4.97 -32.66
N GLY A 239 -32.89 5.51 -31.45
CA GLY A 239 -33.76 5.00 -30.41
C GLY A 239 -33.94 5.93 -29.24
N THR A 241 -35.61 5.35 -24.86
CA THR A 241 -36.16 4.48 -23.83
C THR A 241 -37.69 4.39 -23.97
N GLU A 242 -38.38 5.54 -24.15
CA GLU A 242 -39.84 5.62 -24.28
C GLU A 242 -40.37 4.72 -25.40
N ASN A 244 -38.80 1.92 -26.42
CA ASN A 244 -38.10 0.66 -26.07
C ASN A 244 -36.63 0.92 -25.80
N GLY A 245 -35.99 1.56 -26.77
CA GLY A 245 -34.56 1.88 -26.78
C GLY A 245 -34.07 1.72 -28.20
N PRO A 246 -33.03 0.91 -28.48
CA PRO A 246 -32.62 0.73 -29.89
C PRO A 246 -33.66 -0.07 -30.71
N GLY A 247 -33.52 0.00 -32.03
CA GLY A 247 -34.40 -0.70 -32.98
C GLY A 247 -35.60 0.10 -33.50
N VAL A 248 -35.65 1.39 -33.19
CA VAL A 248 -36.76 2.28 -33.56
C VAL A 248 -36.59 2.72 -35.04
N ALA A 249 -35.46 3.37 -35.37
CA ALA A 249 -35.11 3.84 -36.72
C ALA A 249 -33.65 3.53 -36.98
N PHE A 250 -33.34 3.12 -38.22
CA PHE A 250 -32.00 2.65 -38.59
C PHE A 250 -31.73 2.83 -40.07
N GLU A 251 -30.49 3.17 -40.45
CA GLU A 251 -30.10 3.28 -41.86
C GLU A 251 -30.06 1.93 -42.52
N CYS A 252 -30.30 1.89 -43.84
CA CYS A 252 -30.16 0.66 -44.61
C CYS A 252 -28.75 0.68 -45.22
N GLN A 253 -28.43 -0.22 -46.16
CA GLN A 253 -27.08 -0.25 -46.73
C GLN A 253 -26.88 0.93 -47.73
N GLU A 254 -27.96 1.71 -48.02
CA GLU A 254 -27.89 2.90 -48.88
C GLU A 254 -27.29 4.09 -48.12
N GLN A 255 -27.33 4.04 -46.75
CA GLN A 255 -26.82 5.07 -45.83
C GLN A 255 -27.37 6.46 -46.21
N ASN A 256 -28.70 6.53 -46.42
CA ASN A 256 -29.41 7.74 -46.79
C ASN A 256 -30.78 7.73 -46.13
N GLY A 257 -30.82 8.24 -44.90
CA GLY A 257 -32.02 8.28 -44.09
C GLY A 257 -32.21 7.02 -43.28
N HIS A 259 -34.69 4.27 -41.80
CA HIS A 259 -35.99 3.62 -41.95
C HIS A 259 -36.66 3.44 -40.59
N PHE A 260 -37.84 4.07 -40.41
CA PHE A 260 -38.65 3.98 -39.19
C PHE A 260 -39.60 2.80 -39.33
N TRP A 261 -39.61 1.86 -38.36
CA TRP A 261 -40.47 0.67 -38.47
C TRP A 261 -41.89 1.05 -38.09
N GLU A 262 -42.68 1.35 -39.14
CA GLU A 262 -44.06 1.83 -39.07
C GLU A 262 -45.05 0.74 -38.63
N ASP A 263 -44.64 -0.53 -38.61
CA ASP A 263 -45.51 -1.59 -38.11
C ASP A 263 -45.58 -1.53 -36.56
N CYS A 264 -44.57 -0.92 -35.92
CA CYS A 264 -44.50 -0.83 -34.46
C CYS A 264 -44.58 0.63 -33.98
N TYR A 265 -44.50 1.62 -34.89
CA TYR A 265 -44.57 3.05 -34.51
C TYR A 265 -45.37 3.87 -35.52
N LEU A 266 -46.18 4.82 -35.03
CA LEU A 266 -46.90 5.78 -35.86
C LEU A 266 -46.14 7.09 -35.75
N VAL A 267 -45.59 7.56 -36.88
CA VAL A 267 -44.73 8.75 -36.94
C VAL A 267 -45.54 9.99 -37.36
N GLU A 268 -45.37 11.07 -36.59
CA GLU A 268 -45.92 12.40 -36.84
C GLU A 268 -44.82 13.43 -36.72
N ILE A 269 -44.76 14.37 -37.66
CA ILE A 269 -43.82 15.50 -37.63
C ILE A 269 -44.70 16.71 -37.38
N ILE A 270 -44.54 17.34 -36.21
CA ILE A 270 -45.41 18.43 -35.81
C ILE A 270 -44.59 19.73 -35.64
N ASP A 271 -45.24 20.87 -35.92
CA ASP A 271 -44.65 22.19 -35.72
C ASP A 271 -44.51 22.38 -34.19
N PRO A 272 -43.27 22.63 -33.67
CA PRO A 272 -43.09 22.72 -32.21
C PRO A 272 -43.85 23.87 -31.54
N GLU A 273 -44.33 24.86 -32.32
CA GLU A 273 -45.08 26.00 -31.81
C GLU A 273 -46.59 25.74 -31.86
N THR A 274 -47.16 25.57 -33.07
CA THR A 274 -48.61 25.39 -33.30
C THR A 274 -49.14 24.02 -32.83
N GLY A 275 -48.31 22.98 -32.95
CA GLY A 275 -48.71 21.62 -32.58
C GLY A 275 -49.48 20.93 -33.70
N GLU A 276 -49.37 21.46 -34.94
CA GLU A 276 -50.02 20.97 -36.14
C GLU A 276 -49.02 20.25 -37.05
N PRO A 277 -49.45 19.29 -37.93
CA PRO A 277 -48.48 18.61 -38.81
C PRO A 277 -47.79 19.59 -39.75
N VAL A 278 -46.46 19.44 -39.93
CA VAL A 278 -45.67 20.32 -40.80
C VAL A 278 -45.94 19.95 -42.28
N PRO A 279 -45.73 20.88 -43.26
CA PRO A 279 -45.87 20.47 -44.68
C PRO A 279 -44.87 19.37 -45.01
N GLU A 280 -45.28 18.43 -45.89
CA GLU A 280 -44.53 17.23 -46.28
C GLU A 280 -43.04 17.54 -46.57
N GLY A 281 -42.17 16.98 -45.74
CA GLY A 281 -40.71 17.11 -45.87
C GLY A 281 -40.01 18.19 -45.08
N GLU A 282 -40.77 19.03 -44.32
CA GLU A 282 -40.18 20.11 -43.52
CA GLU A 282 -40.18 20.11 -43.52
C GLU A 282 -39.75 19.61 -42.13
N ILE A 283 -38.81 20.33 -41.49
CA ILE A 283 -38.28 19.99 -40.17
C ILE A 283 -39.33 20.37 -39.12
N GLY A 284 -39.61 19.41 -38.23
CA GLY A 284 -40.53 19.58 -37.13
C GLY A 284 -40.22 18.65 -35.99
N GLU A 285 -41.09 18.63 -34.98
CA GLU A 285 -40.91 17.77 -33.81
C GLU A 285 -41.46 16.38 -34.08
N LEU A 286 -40.69 15.38 -33.68
CA LEU A 286 -41.03 13.98 -33.84
C LEU A 286 -42.01 13.60 -32.73
N VAL A 287 -43.22 13.18 -33.12
CA VAL A 287 -44.29 12.78 -32.21
C VAL A 287 -44.58 11.32 -32.54
N LEU A 288 -44.44 10.42 -31.53
CA LEU A 288 -44.55 8.99 -31.79
C LEU A 288 -45.60 8.28 -30.93
N THR A 289 -46.19 7.23 -31.52
CA THR A 289 -47.18 6.36 -30.89
C THR A 289 -46.72 4.91 -31.07
N THR A 290 -46.63 4.15 -29.96
CA THR A 290 -46.26 2.73 -29.99
C THR A 290 -47.43 1.95 -30.61
N LEU A 291 -47.13 0.90 -31.40
CA LEU A 291 -48.20 0.12 -32.02
C LEU A 291 -48.12 -1.38 -31.64
N ASP A 292 -47.01 -1.83 -31.01
CA ASP A 292 -46.89 -3.24 -30.63
C ASP A 292 -46.56 -3.39 -29.11
N ARG A 293 -46.66 -2.30 -28.34
CA ARG A 293 -46.44 -2.31 -26.88
C ARG A 293 -47.78 -2.55 -26.16
N GLU A 294 -47.76 -3.43 -25.14
CA GLU A 294 -48.98 -3.81 -24.42
C GLU A 294 -48.99 -3.42 -22.94
N PRO A 297 -48.29 1.24 -23.32
CA PRO A 297 -48.22 1.94 -24.61
C PRO A 297 -48.13 3.45 -24.41
N LEU A 298 -47.55 4.16 -25.39
CA LEU A 298 -47.43 5.61 -25.39
C LEU A 298 -48.12 6.16 -26.62
N ILE A 299 -49.02 7.12 -26.43
CA ILE A 299 -49.81 7.71 -27.52
C ILE A 299 -49.40 9.16 -27.72
N ARG A 300 -48.99 9.47 -28.96
CA ARG A 300 -48.58 10.79 -29.43
C ARG A 300 -47.59 11.44 -28.45
N TYR A 301 -46.48 10.75 -28.17
CA TYR A 301 -45.46 11.23 -27.26
C TYR A 301 -44.57 12.28 -27.95
N ARG A 302 -44.50 13.49 -27.35
CA ARG A 302 -43.64 14.59 -27.83
C ARG A 302 -42.20 14.32 -27.40
N THR A 303 -41.40 13.78 -28.33
CA THR A 303 -40.01 13.36 -28.12
C THR A 303 -39.05 14.54 -27.89
N ARG A 304 -39.43 15.73 -28.40
CA ARG A 304 -38.69 17.00 -28.39
C ARG A 304 -37.52 16.94 -29.40
N ASP A 305 -37.42 15.83 -30.18
CA ASP A 305 -36.43 15.62 -31.24
C ASP A 305 -36.87 16.29 -32.54
N LEU A 306 -35.95 17.02 -33.18
CA LEU A 306 -36.24 17.72 -34.44
C LEU A 306 -35.67 16.95 -35.63
N THR A 307 -36.52 16.70 -36.65
CA THR A 307 -36.11 15.99 -37.86
C THR A 307 -37.15 16.25 -38.96
N ARG A 308 -36.99 15.54 -40.08
CA ARG A 308 -37.88 15.62 -41.22
C ARG A 308 -37.97 14.26 -41.92
N ILE A 309 -39.07 14.01 -42.63
CA ILE A 309 -39.28 12.79 -43.40
C ILE A 309 -38.66 13.02 -44.78
N LEU A 310 -37.72 12.15 -45.17
CA LEU A 310 -37.05 12.25 -46.47
C LEU A 310 -37.99 11.69 -47.55
N PRO A 311 -38.29 12.47 -48.61
CA PRO A 311 -39.24 11.97 -49.63
C PRO A 311 -38.58 11.02 -50.63
N GLY A 312 -39.43 10.31 -51.36
CA GLY A 312 -39.02 9.36 -52.39
C GLY A 312 -38.80 7.95 -51.87
N LYS A 313 -38.94 6.97 -52.78
CA LYS A 313 -38.75 5.55 -52.50
C LYS A 313 -37.27 5.25 -52.29
N CYS A 314 -36.93 4.29 -51.40
CA CYS A 314 -35.53 3.94 -51.20
C CYS A 314 -35.14 2.78 -52.14
N PRO A 315 -33.93 2.81 -52.75
CA PRO A 315 -33.52 1.72 -53.65
C PRO A 315 -33.37 0.34 -52.97
N CYS A 316 -33.41 0.25 -51.62
CA CYS A 316 -33.30 -1.04 -50.93
C CYS A 316 -34.64 -1.81 -51.04
N GLY A 317 -35.70 -1.14 -51.50
CA GLY A 317 -37.02 -1.72 -51.70
C GLY A 317 -37.96 -1.63 -50.52
N ARG A 318 -37.45 -1.17 -49.36
CA ARG A 318 -38.27 -1.04 -48.15
C ARG A 318 -39.18 0.18 -48.27
N THR A 319 -40.45 -0.02 -47.91
CA THR A 319 -41.55 0.96 -48.01
C THR A 319 -41.71 1.80 -46.73
N HIS A 320 -41.03 1.42 -45.65
CA HIS A 320 -41.07 2.15 -44.38
C HIS A 320 -40.34 3.49 -44.53
N LEU A 321 -40.99 4.59 -44.13
CA LEU A 321 -40.50 5.97 -44.27
C LEU A 321 -39.09 6.14 -43.66
N ARG A 322 -38.33 7.10 -44.21
CA ARG A 322 -36.98 7.45 -43.77
C ARG A 322 -36.95 8.82 -43.14
N ILE A 323 -36.30 8.94 -41.99
CA ILE A 323 -36.12 10.22 -41.31
C ILE A 323 -34.68 10.67 -41.51
N ASP A 324 -34.47 11.98 -41.53
CA ASP A 324 -33.15 12.57 -41.63
C ASP A 324 -32.48 12.51 -40.25
N ARG A 325 -31.19 12.85 -40.18
CA ARG A 325 -30.42 12.89 -38.93
C ARG A 325 -31.09 13.80 -37.89
N ILE A 326 -30.98 13.46 -36.59
CA ILE A 326 -31.49 14.31 -35.50
C ILE A 326 -30.36 15.27 -35.14
N LYS A 327 -30.49 16.54 -35.50
CA LYS A 327 -29.42 17.52 -35.26
C LYS A 327 -29.58 18.22 -33.90
N GLY A 328 -30.82 18.39 -33.44
CA GLY A 328 -31.09 19.05 -32.17
C GLY A 328 -32.45 18.77 -31.58
N ARG A 329 -32.79 19.50 -30.51
CA ARG A 329 -34.05 19.34 -29.79
C ARG A 329 -34.75 20.66 -29.52
N SER A 330 -36.08 20.59 -29.28
CA SER A 330 -36.94 21.73 -28.97
C SER A 330 -36.96 22.02 -27.47
N ASP A 331 -36.39 21.13 -26.62
CA ASP A 331 -36.30 21.34 -25.17
C ASP A 331 -34.86 21.80 -24.77
N ASP A 332 -34.50 21.76 -23.47
CA ASP A 332 -33.19 22.21 -22.97
C ASP A 332 -32.21 21.03 -22.69
N PHE A 334 -29.41 18.09 -23.14
CA PHE A 334 -28.14 17.95 -23.84
C PHE A 334 -27.62 16.52 -23.66
N ILE A 335 -26.92 16.01 -24.69
CA ILE A 335 -26.38 14.65 -24.68
C ILE A 335 -24.84 14.73 -24.66
N ILE A 336 -24.23 14.04 -23.69
CA ILE A 336 -22.77 13.96 -23.53
C ILE A 336 -22.45 12.48 -23.23
N LYS A 337 -21.56 11.89 -24.05
CA LYS A 337 -21.11 10.49 -23.97
C LYS A 337 -22.34 9.55 -24.15
N GLY A 338 -23.31 9.99 -24.96
CA GLY A 338 -24.54 9.25 -25.27
C GLY A 338 -25.58 9.23 -24.16
N VAL A 339 -25.35 9.99 -23.07
CA VAL A 339 -26.23 10.04 -21.91
C VAL A 339 -27.00 11.38 -21.89
N ASN A 340 -28.33 11.29 -21.74
CA ASN A 340 -29.26 12.43 -21.70
C ASN A 340 -29.22 13.11 -20.34
N ILE A 341 -29.02 14.43 -20.32
CA ILE A 341 -28.95 15.22 -19.09
C ILE A 341 -29.74 16.52 -19.24
N PHE A 342 -30.51 16.87 -18.19
CA PHE A 342 -31.24 18.13 -18.08
C PHE A 342 -30.46 19.08 -17.15
N PRO A 343 -30.32 20.38 -17.51
CA PRO A 343 -29.55 21.30 -16.64
C PRO A 343 -30.06 21.40 -15.19
N GLN A 345 -30.96 18.95 -13.27
CA GLN A 345 -30.38 17.84 -12.51
C GLN A 345 -29.08 18.30 -11.84
N VAL A 346 -28.31 19.15 -12.53
CA VAL A 346 -27.05 19.73 -12.07
C VAL A 346 -27.33 20.77 -10.98
N GLU A 347 -28.29 21.67 -11.22
CA GLU A 347 -28.67 22.75 -10.29
C GLU A 347 -29.16 22.18 -8.95
N LYS A 348 -30.05 21.15 -8.98
CA LYS A 348 -30.63 20.51 -7.78
C LYS A 348 -29.55 19.91 -6.85
N ILE A 349 -28.36 19.57 -7.39
CA ILE A 349 -27.22 19.05 -6.61
C ILE A 349 -26.43 20.23 -6.02
N LEU A 350 -26.07 21.23 -6.87
CA LEU A 350 -25.27 22.41 -6.49
C LEU A 350 -25.92 23.25 -5.39
N VAL A 351 -27.28 23.40 -5.40
CA VAL A 351 -28.03 24.22 -4.43
C VAL A 351 -27.93 23.65 -2.99
N GLN A 352 -27.65 22.32 -2.86
CA GLN A 352 -27.52 21.63 -1.57
C GLN A 352 -26.25 22.07 -0.82
N PHE A 353 -25.22 22.58 -1.53
CA PHE A 353 -23.96 23.02 -0.94
C PHE A 353 -24.01 24.52 -0.59
N PRO A 354 -23.99 24.89 0.72
CA PRO A 354 -24.06 26.31 1.08
C PRO A 354 -22.76 27.09 0.81
N GLU A 355 -21.66 26.37 0.49
CA GLU A 355 -20.35 26.96 0.19
C GLU A 355 -20.30 27.53 -1.24
N LEU A 356 -21.30 27.17 -2.07
CA LEU A 356 -21.40 27.59 -3.46
C LEU A 356 -22.35 28.76 -3.65
N GLY A 357 -22.10 29.54 -4.68
CA GLY A 357 -22.95 30.64 -5.10
C GLY A 357 -24.06 30.12 -6.01
N SER A 358 -24.96 31.00 -6.42
CA SER A 358 -26.09 30.64 -7.29
C SER A 358 -25.66 30.53 -8.76
N ASN A 359 -24.71 31.40 -9.19
CA ASN A 359 -24.21 31.46 -10.57
C ASN A 359 -23.38 30.23 -10.93
N TYR A 360 -23.80 29.50 -11.99
CA TYR A 360 -23.08 28.34 -12.49
C TYR A 360 -23.15 28.29 -14.02
N LEU A 361 -22.22 27.57 -14.66
CA LEU A 361 -22.17 27.42 -16.11
C LEU A 361 -21.68 26.02 -16.49
N ILE A 362 -22.41 25.36 -17.41
CA ILE A 362 -22.09 24.05 -17.96
C ILE A 362 -21.52 24.27 -19.36
N THR A 363 -20.28 23.81 -19.58
CA THR A 363 -19.59 23.95 -20.86
C THR A 363 -19.32 22.56 -21.44
N LEU A 364 -19.69 22.36 -22.71
CA LEU A 364 -19.50 21.11 -23.43
C LEU A 364 -18.47 21.33 -24.54
N GLU A 365 -17.31 20.65 -24.43
CA GLU A 365 -16.20 20.78 -25.38
C GLU A 365 -15.71 19.43 -25.89
N THR A 366 -14.98 19.43 -27.02
CA THR A 366 -14.38 18.25 -27.63
C THR A 366 -12.85 18.38 -27.47
N VAL A 367 -12.25 17.47 -26.68
CA VAL A 367 -10.81 17.42 -26.40
C VAL A 367 -10.29 16.04 -26.84
N ASN A 368 -9.40 16.03 -27.88
CA ASN A 368 -8.79 14.85 -28.49
C ASN A 368 -9.90 13.87 -28.98
N ASN A 369 -10.88 14.44 -29.74
CA ASN A 369 -12.05 13.78 -30.34
C ASN A 369 -13.05 13.26 -29.26
N GLN A 370 -12.74 13.43 -27.96
CA GLN A 370 -13.59 13.02 -26.83
C GLN A 370 -14.33 14.20 -26.25
N ASP A 371 -15.63 14.01 -25.94
CA ASP A 371 -16.48 15.05 -25.36
C ASP A 371 -16.27 15.15 -23.85
N GLU A 372 -16.19 16.39 -23.35
CA GLU A 372 -15.99 16.71 -21.94
C GLU A 372 -17.05 17.70 -21.45
N ILE A 374 -17.81 20.40 -18.47
CA ILE A 374 -17.18 21.25 -17.45
C ILE A 374 -18.29 22.01 -16.72
N VAL A 375 -18.34 21.87 -15.39
CA VAL A 375 -19.33 22.55 -14.55
C VAL A 375 -18.58 23.59 -13.69
N GLU A 376 -18.69 24.87 -14.10
CA GLU A 376 -18.12 26.02 -13.38
C GLU A 376 -19.17 26.55 -12.42
N VAL A 377 -18.81 26.70 -11.14
CA VAL A 377 -19.74 27.21 -10.13
C VAL A 377 -18.96 28.19 -9.24
N GLU A 378 -19.53 29.39 -9.04
CA GLU A 378 -18.92 30.45 -8.24
C GLU A 378 -18.94 30.11 -6.76
N LEU A 379 -17.94 30.60 -6.03
CA LEU A 379 -17.83 30.42 -4.60
C LEU A 379 -18.65 31.45 -3.86
N SER A 380 -19.20 31.05 -2.72
CA SER A 380 -19.95 31.92 -1.84
C SER A 380 -18.98 32.49 -0.80
N ASP A 381 -19.00 33.81 -0.59
CA ASP A 381 -18.12 34.46 0.40
C ASP A 381 -18.63 34.19 1.83
N LEU A 382 -19.72 33.39 1.96
CA LEU A 382 -20.33 33.00 3.22
C LEU A 382 -19.56 31.85 3.88
N SER A 383 -18.85 31.01 3.08
CA SER A 383 -18.06 29.89 3.58
C SER A 383 -16.77 30.35 4.26
N THR A 384 -16.37 29.64 5.33
CA THR A 384 -15.15 29.91 6.11
C THR A 384 -14.08 28.82 5.83
N ASP A 385 -14.35 27.94 4.85
CA ASP A 385 -13.51 26.81 4.46
C ASP A 385 -12.22 27.24 3.75
N ASN A 386 -11.10 26.55 4.10
CA ASN A 386 -9.75 26.71 3.54
C ASN A 386 -9.62 25.85 2.24
N TYR A 387 -8.41 25.78 1.63
CA TYR A 387 -8.16 25.03 0.38
C TYR A 387 -8.51 23.54 0.53
N ILE A 388 -7.98 22.86 1.56
CA ILE A 388 -8.16 21.43 1.84
C ILE A 388 -9.66 21.09 1.96
N GLU A 389 -10.44 21.91 2.73
CA GLU A 389 -11.86 21.67 2.93
CA GLU A 389 -11.87 21.73 2.95
C GLU A 389 -12.66 21.97 1.66
N LEU A 390 -12.32 23.03 0.90
CA LEU A 390 -13.01 23.37 -0.36
C LEU A 390 -12.75 22.31 -1.44
N GLU A 391 -11.55 21.71 -1.46
CA GLU A 391 -11.18 20.68 -2.42
C GLU A 391 -11.96 19.39 -2.11
N LYS A 392 -12.19 19.09 -0.81
CA LYS A 392 -12.99 17.95 -0.33
C LYS A 392 -14.45 18.11 -0.77
N ILE A 393 -14.97 19.36 -0.71
CA ILE A 393 -16.33 19.73 -1.12
C ILE A 393 -16.43 19.58 -2.64
N ARG A 394 -15.39 20.03 -3.40
CA ARG A 394 -15.37 19.93 -4.86
C ARG A 394 -15.41 18.46 -5.30
N ARG A 395 -14.70 17.57 -4.58
CA ARG A 395 -14.71 16.13 -4.86
C ARG A 395 -16.09 15.51 -4.52
N ASP A 396 -16.76 16.05 -3.48
CA ASP A 396 -18.10 15.63 -3.05
C ASP A 396 -19.14 16.06 -4.11
N ILE A 397 -18.92 17.22 -4.78
CA ILE A 397 -19.76 17.76 -5.85
C ILE A 397 -19.66 16.82 -7.06
N ILE A 398 -18.42 16.44 -7.47
CA ILE A 398 -18.15 15.54 -8.60
C ILE A 398 -18.89 14.20 -8.37
N ARG A 399 -18.74 13.61 -7.16
CA ARG A 399 -19.33 12.34 -6.74
C ARG A 399 -20.87 12.38 -6.80
N GLN A 400 -21.51 13.42 -6.22
CA GLN A 400 -22.97 13.57 -6.20
C GLN A 400 -23.52 13.87 -7.61
N LEU A 401 -22.75 14.58 -8.47
CA LEU A 401 -23.15 14.83 -9.85
C LEU A 401 -23.10 13.53 -10.66
N LYS A 402 -22.00 12.75 -10.52
CA LYS A 402 -21.77 11.47 -11.19
C LYS A 402 -22.92 10.49 -10.93
N ASP A 403 -23.38 10.38 -9.66
CA ASP A 403 -24.47 9.49 -9.26
C ASP A 403 -25.82 9.92 -9.83
N GLU A 404 -26.04 11.23 -10.01
CA GLU A 404 -27.30 11.81 -10.49
C GLU A 404 -27.41 11.77 -12.02
N ILE A 405 -26.44 12.34 -12.76
CA ILE A 405 -26.50 12.49 -14.23
C ILE A 405 -25.85 11.28 -14.96
N LEU A 406 -25.23 10.35 -14.21
CA LEU A 406 -24.61 9.09 -14.67
C LEU A 406 -23.40 9.31 -15.61
N VAL A 407 -22.75 10.49 -15.52
CA VAL A 407 -21.50 10.84 -16.22
C VAL A 407 -20.63 11.61 -15.24
N THR A 408 -19.30 11.41 -15.30
CA THR A 408 -18.35 12.10 -14.43
C THR A 408 -17.98 13.46 -15.06
N PRO A 409 -18.44 14.59 -14.49
CA PRO A 409 -18.07 15.89 -15.09
C PRO A 409 -16.83 16.50 -14.42
N LYS A 410 -16.24 17.50 -15.09
CA LYS A 410 -15.12 18.27 -14.54
C LYS A 410 -15.74 19.45 -13.79
N VAL A 411 -15.41 19.60 -12.49
CA VAL A 411 -15.99 20.68 -11.69
C VAL A 411 -14.88 21.67 -11.31
N LYS A 412 -15.12 22.95 -11.60
CA LYS A 412 -14.19 24.04 -11.29
C LYS A 412 -14.87 25.08 -10.42
N LEU A 413 -14.27 25.34 -9.24
CA LEU A 413 -14.76 26.36 -8.32
C LEU A 413 -14.13 27.68 -8.73
N VAL A 414 -14.94 28.59 -9.28
CA VAL A 414 -14.47 29.88 -9.80
C VAL A 414 -14.80 31.01 -8.79
N LYS A 415 -14.14 32.18 -8.99
CA LYS A 415 -14.30 33.40 -8.18
C LYS A 415 -15.72 33.96 -8.32
N LYS A 416 -16.24 34.56 -7.24
CA LYS A 416 -17.57 35.18 -7.20
C LYS A 416 -17.58 36.40 -8.15
N GLY A 417 -18.49 36.35 -9.12
CA GLY A 417 -18.67 37.38 -10.14
C GLY A 417 -17.89 37.19 -11.42
N SER A 418 -17.06 36.14 -11.51
CA SER A 418 -16.22 35.84 -12.68
C SER A 418 -17.06 35.36 -13.89
N LEU A 419 -18.10 34.52 -13.66
CA LEU A 419 -18.94 34.00 -14.74
C LEU A 419 -19.87 35.11 -15.28
N PRO A 420 -20.10 35.19 -16.63
CA PRO A 420 -20.98 36.24 -17.17
C PRO A 420 -22.44 36.07 -16.75
N GLN A 421 -23.19 37.20 -16.72
CA GLN A 421 -24.60 37.26 -16.34
C GLN A 421 -25.50 37.34 -17.57
N SER A 422 -26.65 36.62 -17.54
CA SER A 422 -27.61 36.62 -18.65
C SER A 422 -29.06 36.75 -18.14
N GLU A 423 -29.53 35.78 -17.31
CA GLU A 423 -30.88 35.66 -16.72
C GLU A 423 -31.94 35.59 -17.83
N ALA A 426 -33.38 31.40 -17.10
CA ALA A 426 -32.84 30.05 -17.18
C ALA A 426 -31.35 30.06 -17.47
N VAL A 427 -30.60 29.17 -16.79
CA VAL A 427 -29.14 29.05 -16.93
C VAL A 427 -28.85 28.30 -18.24
N ARG A 428 -27.96 28.88 -19.07
CA ARG A 428 -27.57 28.35 -20.37
C ARG A 428 -26.46 27.31 -20.29
N VAL A 429 -26.49 26.36 -21.23
CA VAL A 429 -25.50 25.31 -21.42
C VAL A 429 -24.68 25.73 -22.64
N LYS A 430 -23.40 26.07 -22.42
CA LYS A 430 -22.56 26.55 -23.52
C LYS A 430 -21.96 25.33 -24.24
N ASP A 431 -22.54 24.97 -25.40
CA ASP A 431 -22.08 23.83 -26.19
C ASP A 431 -21.12 24.33 -27.28
N LEU A 432 -19.81 24.07 -27.09
CA LEU A 432 -18.74 24.51 -27.99
C LEU A 432 -18.28 23.38 -28.93
N ARG A 433 -19.05 22.27 -28.99
CA ARG A 433 -18.75 21.11 -29.85
C ARG A 433 -19.13 21.39 -31.30
N ASP A 434 -18.47 20.69 -32.26
CA ASP A 434 -18.70 20.83 -33.70
C ASP A 434 -19.97 20.08 -34.10
N ASN A 435 -21.14 20.71 -33.84
CA ASN A 435 -22.46 20.16 -34.14
C ASN A 435 -23.44 21.27 -34.50
N THR B 4 -44.12 -28.00 0.40
CA THR B 4 -42.99 -27.49 -0.39
C THR B 4 -43.40 -27.45 -1.88
N GLN B 5 -43.09 -26.30 -2.55
CA GLN B 5 -43.37 -26.08 -3.96
CA GLN B 5 -43.37 -26.07 -3.97
C GLN B 5 -42.09 -26.14 -4.78
N TYR B 6 -42.12 -26.80 -5.94
CA TYR B 6 -40.97 -26.98 -6.81
C TYR B 6 -41.19 -26.41 -8.20
N TRP B 7 -40.11 -25.89 -8.81
CA TRP B 7 -40.08 -25.35 -10.17
C TRP B 7 -40.19 -26.51 -11.17
N GLU B 8 -39.41 -27.58 -10.94
CA GLU B 8 -39.34 -28.82 -11.71
C GLU B 8 -39.34 -29.99 -10.74
N GLU B 9 -40.53 -30.32 -10.19
CA GLU B 9 -40.73 -31.37 -9.17
C GLU B 9 -40.12 -32.71 -9.60
N GLU B 10 -40.36 -33.16 -10.86
CA GLU B 10 -39.88 -34.44 -11.39
C GLU B 10 -38.33 -34.56 -11.29
N ILE B 11 -37.61 -33.43 -11.41
CA ILE B 11 -36.15 -33.43 -11.33
C ILE B 11 -35.69 -33.18 -9.87
N GLU B 12 -36.33 -32.22 -9.19
CA GLU B 12 -35.94 -31.80 -7.83
C GLU B 12 -36.14 -32.91 -6.79
N ILE B 13 -37.15 -33.79 -6.93
CA ILE B 13 -37.38 -34.87 -5.95
C ILE B 13 -37.09 -36.25 -6.60
N SER B 15 -35.59 -39.72 -7.66
CA SER B 15 -34.88 -40.73 -6.87
C SER B 15 -33.40 -40.79 -7.25
N ARG B 16 -32.54 -41.16 -6.28
CA ARG B 16 -31.08 -41.26 -6.48
C ARG B 16 -30.78 -42.22 -7.65
N GLU B 17 -31.53 -43.32 -7.76
CA GLU B 17 -31.38 -44.33 -8.82
C GLU B 17 -31.61 -43.69 -10.19
N LYS B 18 -32.68 -42.88 -10.33
CA LYS B 18 -33.02 -42.19 -11.58
C LYS B 18 -32.07 -41.01 -11.83
N LEU B 19 -31.53 -40.37 -10.77
CA LEU B 19 -30.55 -39.27 -10.89
C LEU B 19 -29.23 -39.80 -11.44
N GLN B 20 -28.79 -40.99 -10.95
CA GLN B 20 -27.56 -41.66 -11.37
C GLN B 20 -27.60 -42.03 -12.85
N GLU B 21 -28.75 -42.53 -13.36
CA GLU B 21 -28.86 -42.92 -14.77
C GLU B 21 -28.95 -41.66 -15.65
N LEU B 22 -29.53 -40.54 -15.12
CA LEU B 22 -29.60 -39.27 -15.84
C LEU B 22 -28.19 -38.67 -15.95
N GLN B 23 -27.41 -38.70 -14.84
CA GLN B 23 -26.04 -38.19 -14.81
C GLN B 23 -25.13 -38.99 -15.74
N LEU B 24 -25.27 -40.33 -15.77
CA LEU B 24 -24.47 -41.20 -16.62
C LEU B 24 -24.76 -40.94 -18.10
N GLN B 25 -26.05 -40.80 -18.46
CA GLN B 25 -26.50 -40.51 -19.83
C GLN B 25 -25.90 -39.15 -20.29
N ARG B 26 -26.01 -38.12 -19.43
CA ARG B 26 -25.50 -36.78 -19.75
C ARG B 26 -23.96 -36.73 -19.69
N LEU B 27 -23.30 -37.56 -18.85
CA LEU B 27 -21.85 -37.62 -18.74
C LEU B 27 -21.24 -38.18 -20.04
N LYS B 28 -21.82 -39.28 -20.58
CA LYS B 28 -21.37 -39.89 -21.83
C LYS B 28 -21.50 -38.89 -22.99
N LYS B 29 -22.64 -38.17 -23.05
CA LYS B 29 -22.96 -37.16 -24.06
C LYS B 29 -21.95 -35.99 -23.98
N THR B 30 -21.63 -35.51 -22.75
CA THR B 30 -20.68 -34.42 -22.47
C THR B 30 -19.28 -34.78 -23.00
N ILE B 31 -18.82 -36.02 -22.74
CA ILE B 31 -17.50 -36.52 -23.15
C ILE B 31 -17.46 -36.64 -24.69
N ASN B 32 -18.53 -37.12 -25.34
CA ASN B 32 -18.60 -37.25 -26.79
C ASN B 32 -18.57 -35.87 -27.45
N ILE B 33 -19.23 -34.86 -26.84
CA ILE B 33 -19.23 -33.48 -27.33
C ILE B 33 -17.83 -32.86 -27.13
N ALA B 34 -17.29 -32.91 -25.89
CA ALA B 34 -15.98 -32.35 -25.51
C ALA B 34 -14.84 -32.89 -26.39
N ALA B 35 -14.96 -34.13 -26.89
CA ALA B 35 -13.97 -34.78 -27.77
C ALA B 35 -13.75 -34.00 -29.07
N ASN B 36 -14.69 -33.11 -29.45
CA ASN B 36 -14.59 -32.28 -30.66
C ASN B 36 -13.72 -31.02 -30.41
N SER B 37 -13.48 -30.64 -29.13
CA SER B 37 -12.62 -29.50 -28.79
C SER B 37 -11.15 -29.86 -28.95
N PRO B 38 -10.27 -28.94 -29.44
CA PRO B 38 -8.85 -29.29 -29.59
C PRO B 38 -8.19 -29.74 -28.28
N TYR B 39 -8.58 -29.15 -27.12
CA TYR B 39 -8.01 -29.49 -25.82
C TYR B 39 -8.39 -30.91 -25.38
N TYR B 40 -9.70 -31.24 -25.31
CA TYR B 40 -10.11 -32.56 -24.82
C TYR B 40 -9.88 -33.65 -25.88
N LYS B 41 -9.71 -33.30 -27.18
CA LYS B 41 -9.37 -34.29 -28.21
C LYS B 41 -7.98 -34.86 -27.91
N GLU B 42 -7.03 -33.97 -27.55
CA GLU B 42 -5.65 -34.29 -27.22
C GLU B 42 -5.58 -35.03 -25.86
N VAL B 43 -6.33 -34.55 -24.84
CA VAL B 43 -6.38 -35.14 -23.49
C VAL B 43 -6.91 -36.58 -23.58
N PHE B 44 -8.01 -36.80 -24.31
CA PHE B 44 -8.63 -38.14 -24.44
C PHE B 44 -7.72 -39.07 -25.25
N SER B 45 -6.99 -38.54 -26.24
CA SER B 45 -6.08 -39.33 -27.08
C SER B 45 -4.87 -39.84 -26.26
N LYS B 46 -4.30 -38.98 -25.39
CA LYS B 46 -3.12 -39.33 -24.58
C LYS B 46 -3.49 -40.21 -23.36
N ASN B 47 -4.75 -40.20 -22.93
CA ASN B 47 -5.18 -40.98 -21.77
C ASN B 47 -6.09 -42.17 -22.15
N GLY B 48 -6.20 -42.45 -23.45
CA GLY B 48 -6.99 -43.54 -23.98
C GLY B 48 -8.47 -43.48 -23.64
N ILE B 49 -9.05 -42.27 -23.61
CA ILE B 49 -10.46 -42.06 -23.29
C ILE B 49 -11.24 -42.13 -24.62
N THR B 50 -12.09 -43.15 -24.73
CA THR B 50 -12.94 -43.42 -25.90
C THR B 50 -14.42 -43.37 -25.48
N GLY B 51 -15.32 -43.75 -26.38
CA GLY B 51 -16.76 -43.77 -26.13
C GLY B 51 -17.19 -44.93 -25.22
N ASP B 52 -16.28 -45.88 -24.96
CA ASP B 52 -16.50 -47.07 -24.14
C ASP B 52 -15.85 -46.94 -22.75
N SER B 53 -15.06 -45.88 -22.52
CA SER B 53 -14.33 -45.64 -21.26
C SER B 53 -15.29 -45.39 -20.10
N ILE B 54 -16.44 -44.73 -20.35
CA ILE B 54 -17.41 -44.40 -19.31
C ILE B 54 -18.61 -45.35 -19.42
N GLN B 55 -18.72 -46.25 -18.43
CA GLN B 55 -19.81 -47.24 -18.31
C GLN B 55 -20.55 -47.03 -16.98
N SER B 56 -19.86 -46.36 -16.03
CA SER B 56 -20.36 -46.01 -14.71
CA SER B 56 -20.34 -46.02 -14.70
C SER B 56 -19.93 -44.58 -14.35
N LEU B 57 -20.52 -43.99 -13.30
CA LEU B 57 -20.17 -42.63 -12.86
C LEU B 57 -18.75 -42.59 -12.25
N ASP B 58 -18.29 -43.74 -11.70
CA ASP B 58 -16.95 -43.87 -11.11
C ASP B 58 -15.85 -43.84 -12.18
N ASP B 59 -16.19 -44.21 -13.43
CA ASP B 59 -15.26 -44.23 -14.57
C ASP B 59 -14.77 -42.81 -14.97
N ILE B 60 -15.38 -41.73 -14.41
CA ILE B 60 -14.98 -40.35 -14.69
C ILE B 60 -13.53 -40.12 -14.19
N ARG B 61 -13.11 -40.87 -13.16
CA ARG B 61 -11.79 -40.78 -12.52
C ARG B 61 -10.67 -41.28 -13.46
N LYS B 62 -11.03 -41.86 -14.62
CA LYS B 62 -10.07 -42.27 -15.66
C LYS B 62 -9.53 -41.03 -16.38
N ILE B 63 -10.35 -39.98 -16.45
CA ILE B 63 -10.05 -38.70 -17.10
C ILE B 63 -9.26 -37.80 -16.13
N PRO B 64 -8.13 -37.17 -16.56
CA PRO B 64 -7.41 -36.27 -15.65
C PRO B 64 -8.20 -34.98 -15.38
N PHE B 65 -7.81 -34.22 -14.35
CA PHE B 65 -8.47 -32.96 -13.99
C PHE B 65 -8.18 -31.84 -14.98
N THR B 66 -9.09 -30.85 -15.04
CA THR B 66 -8.91 -29.63 -15.82
C THR B 66 -8.63 -28.51 -14.81
N THR B 67 -7.47 -27.85 -14.92
CA THR B 67 -7.12 -26.76 -14.00
C THR B 67 -7.32 -25.40 -14.66
N LYS B 68 -7.19 -24.34 -13.86
CA LYS B 68 -7.24 -22.94 -14.31
C LYS B 68 -6.02 -22.66 -15.23
N SER B 69 -4.88 -23.34 -14.98
CA SER B 69 -3.64 -23.22 -15.79
C SER B 69 -3.84 -23.82 -17.19
N ASP B 70 -4.56 -24.96 -17.30
CA ASP B 70 -4.88 -25.62 -18.58
C ASP B 70 -5.75 -24.70 -19.45
N ARG B 72 -5.94 -21.32 -19.04
CA ARG B 72 -5.13 -20.15 -19.40
C ARG B 72 -4.23 -20.46 -20.60
N ALA B 73 -3.69 -21.70 -20.64
CA ALA B 73 -2.80 -22.19 -21.69
C ALA B 73 -3.54 -22.36 -23.02
N ASN B 74 -4.87 -22.59 -22.98
CA ASN B 74 -5.68 -22.79 -24.19
C ASN B 74 -6.64 -21.61 -24.42
N TYR B 75 -6.31 -20.43 -23.85
CA TYR B 75 -7.10 -19.20 -24.02
C TYR B 75 -6.96 -18.68 -25.47
N PRO B 76 -8.06 -18.28 -26.13
CA PRO B 76 -9.43 -18.19 -25.62
C PRO B 76 -10.37 -19.35 -25.98
N PHE B 77 -10.17 -20.06 -27.10
CA PHE B 77 -11.18 -21.03 -27.52
C PHE B 77 -10.66 -22.47 -27.70
N GLY B 78 -9.59 -22.84 -26.99
CA GLY B 78 -9.03 -24.19 -27.03
C GLY B 78 -9.95 -25.30 -26.54
N LEU B 79 -10.92 -24.96 -25.66
CA LEU B 79 -11.87 -25.93 -25.10
C LEU B 79 -13.27 -25.80 -25.73
N VAL B 80 -13.42 -25.02 -26.83
CA VAL B 80 -14.71 -24.86 -27.52
C VAL B 80 -14.93 -26.14 -28.35
N ALA B 81 -16.03 -26.86 -28.05
CA ALA B 81 -16.39 -28.13 -28.67
C ALA B 81 -17.41 -27.97 -29.80
N GLY B 82 -18.36 -27.04 -29.65
CA GLY B 82 -19.39 -26.81 -30.65
C GLY B 82 -18.97 -25.92 -31.81
N ASP B 83 -19.92 -25.61 -32.70
CA ASP B 83 -19.72 -24.72 -33.84
C ASP B 83 -20.04 -23.31 -33.37
N LYS B 85 -19.13 -20.26 -34.66
CA LYS B 85 -19.55 -19.32 -35.69
C LYS B 85 -21.07 -19.41 -35.96
N ARG B 86 -21.62 -20.64 -35.99
CA ARG B 86 -23.04 -20.89 -36.29
CA ARG B 86 -23.03 -20.91 -36.28
C ARG B 86 -23.92 -20.89 -35.02
N ASP B 87 -23.49 -21.56 -33.93
CA ASP B 87 -24.34 -21.70 -32.75
C ASP B 87 -23.88 -20.91 -31.49
N GLY B 88 -22.68 -20.33 -31.49
CA GLY B 88 -22.18 -19.53 -30.37
C GLY B 88 -22.94 -18.23 -30.28
N VAL B 89 -23.56 -17.93 -29.12
CA VAL B 89 -24.36 -16.70 -28.99
C VAL B 89 -23.83 -15.77 -27.87
N ARG B 90 -22.94 -16.25 -26.97
CA ARG B 90 -22.41 -15.35 -25.93
C ARG B 90 -21.06 -15.81 -25.37
N ILE B 91 -20.23 -14.82 -24.99
CA ILE B 91 -18.94 -14.95 -24.33
C ILE B 91 -18.99 -14.24 -22.98
N HIS B 92 -18.71 -14.96 -21.88
CA HIS B 92 -18.58 -14.38 -20.54
C HIS B 92 -17.12 -14.49 -20.09
N SER B 93 -16.72 -13.67 -19.09
CA SER B 93 -15.37 -13.76 -18.52
C SER B 93 -15.41 -13.74 -16.98
N SER B 94 -14.40 -14.36 -16.34
CA SER B 94 -14.29 -14.40 -14.88
C SER B 94 -13.41 -13.26 -14.38
N SER B 95 -13.67 -12.80 -13.13
CA SER B 95 -12.97 -11.70 -12.45
C SER B 95 -11.48 -12.01 -12.27
N THR B 98 -6.31 -10.83 -11.95
CA THR B 98 -5.08 -10.45 -12.63
C THR B 98 -4.60 -11.59 -13.55
N GLY B 99 -4.05 -11.22 -14.70
CA GLY B 99 -3.54 -12.14 -15.72
C GLY B 99 -4.44 -12.14 -16.94
N ASN B 100 -4.64 -13.33 -17.54
CA ASN B 100 -5.53 -13.49 -18.69
C ASN B 100 -6.86 -14.08 -18.21
N PRO B 101 -7.96 -13.29 -18.16
CA PRO B 101 -9.24 -13.83 -17.66
C PRO B 101 -9.75 -14.97 -18.52
N THR B 102 -10.34 -15.99 -17.89
CA THR B 102 -10.85 -17.15 -18.63
C THR B 102 -12.19 -16.77 -19.26
N VAL B 103 -12.47 -17.36 -20.41
CA VAL B 103 -13.64 -17.11 -21.20
C VAL B 103 -14.44 -18.40 -21.34
N ILE B 104 -15.78 -18.26 -21.25
CA ILE B 104 -16.76 -19.33 -21.39
C ILE B 104 -17.66 -18.95 -22.57
N VAL B 105 -17.81 -19.87 -23.53
CA VAL B 105 -18.63 -19.63 -24.72
C VAL B 105 -19.92 -20.46 -24.58
N HIS B 106 -21.07 -19.79 -24.78
CA HIS B 106 -22.40 -20.40 -24.68
C HIS B 106 -23.16 -20.41 -25.99
N SER B 107 -23.96 -21.46 -26.20
CA SER B 107 -24.93 -21.57 -27.29
C SER B 107 -26.30 -21.17 -26.74
N GLN B 108 -27.37 -21.12 -27.57
CA GLN B 108 -28.69 -20.74 -27.06
C GLN B 108 -29.17 -21.78 -26.03
N HIS B 109 -28.91 -23.08 -26.29
CA HIS B 109 -29.24 -24.18 -25.37
C HIS B 109 -28.63 -23.95 -23.99
N ASP B 110 -27.34 -23.54 -23.96
CA ASP B 110 -26.56 -23.29 -22.75
C ASP B 110 -27.14 -22.11 -21.96
N LEU B 111 -27.58 -21.03 -22.65
CA LEU B 111 -28.19 -19.87 -21.98
C LEU B 111 -29.54 -20.22 -21.38
N ASP B 112 -30.35 -21.04 -22.10
CA ASP B 112 -31.68 -21.47 -21.66
C ASP B 112 -31.56 -22.41 -20.47
N SER B 113 -30.56 -23.31 -20.47
CA SER B 113 -30.30 -24.25 -19.38
C SER B 113 -29.92 -23.48 -18.11
N TRP B 114 -29.07 -22.45 -18.28
CA TRP B 114 -28.57 -21.57 -17.22
C TRP B 114 -29.72 -20.74 -16.66
N ALA B 115 -30.55 -20.13 -17.54
CA ALA B 115 -31.72 -19.35 -17.15
C ALA B 115 -32.69 -20.19 -16.33
N ASN B 116 -32.92 -21.44 -16.76
CA ASN B 116 -33.83 -22.37 -16.09
C ASN B 116 -33.33 -22.71 -14.67
N LEU B 117 -32.02 -22.91 -14.50
CA LEU B 117 -31.40 -23.20 -13.21
C LEU B 117 -31.56 -22.03 -12.24
N VAL B 118 -31.41 -20.78 -12.73
CA VAL B 118 -31.54 -19.56 -11.91
C VAL B 118 -33.02 -19.43 -11.49
N ALA B 119 -33.97 -19.66 -12.42
CA ALA B 119 -35.41 -19.62 -12.13
C ALA B 119 -35.78 -20.69 -11.08
N ARG B 120 -35.18 -21.88 -11.18
CA ARG B 120 -35.36 -23.01 -10.24
C ARG B 120 -34.90 -22.61 -8.84
N CYS B 121 -33.73 -21.94 -8.73
CA CYS B 121 -33.13 -21.45 -7.48
C CYS B 121 -34.03 -20.43 -6.81
N LEU B 122 -34.45 -19.39 -7.57
CA LEU B 122 -35.29 -18.29 -7.09
C LEU B 122 -36.65 -18.80 -6.61
N TYR B 123 -37.28 -19.73 -7.37
CA TYR B 123 -38.57 -20.32 -7.03
C TYR B 123 -38.47 -21.13 -5.72
N VAL B 125 -36.55 -20.65 -3.08
CA VAL B 125 -36.47 -19.83 -1.87
C VAL B 125 -37.75 -18.98 -1.70
N GLY B 126 -38.79 -19.25 -2.49
CA GLY B 126 -40.10 -18.61 -2.38
C GLY B 126 -40.41 -17.42 -3.28
N ILE B 127 -39.49 -17.07 -4.21
CA ILE B 127 -39.70 -15.95 -5.12
C ILE B 127 -40.66 -16.42 -6.24
N ARG B 128 -41.64 -15.58 -6.59
CA ARG B 128 -42.65 -15.86 -7.60
C ARG B 128 -42.67 -14.76 -8.66
N LYS B 129 -43.48 -14.94 -9.72
CA LYS B 129 -43.62 -13.98 -10.81
C LYS B 129 -44.20 -12.63 -10.30
N THR B 130 -44.92 -12.66 -9.15
CA THR B 130 -45.53 -11.49 -8.51
C THR B 130 -44.47 -10.62 -7.79
N ASP B 131 -43.25 -11.14 -7.57
CA ASP B 131 -42.19 -10.41 -6.91
C ASP B 131 -41.54 -9.39 -7.85
N VAL B 132 -40.97 -8.32 -7.25
CA VAL B 132 -40.21 -7.28 -7.93
C VAL B 132 -38.75 -7.57 -7.60
N PHE B 133 -37.99 -8.09 -8.59
CA PHE B 133 -36.61 -8.53 -8.40
C PHE B 133 -35.61 -7.46 -8.85
N GLN B 134 -34.73 -7.03 -7.94
CA GLN B 134 -33.70 -6.04 -8.23
C GLN B 134 -32.32 -6.71 -8.20
N ASN B 135 -31.53 -6.51 -9.25
CA ASN B 135 -30.20 -7.10 -9.39
C ASN B 135 -29.13 -6.00 -9.26
N SER B 136 -28.37 -6.02 -8.14
CA SER B 136 -27.33 -5.02 -7.88
C SER B 136 -25.95 -5.51 -8.34
N SER B 137 -25.92 -6.65 -9.04
CA SER B 137 -24.68 -7.20 -9.59
C SER B 137 -24.28 -6.44 -10.84
N GLY B 138 -22.98 -6.36 -11.09
CA GLY B 138 -22.44 -5.73 -12.29
C GLY B 138 -22.91 -6.49 -13.52
N TYR B 139 -23.20 -5.76 -14.60
CA TYR B 139 -23.68 -6.40 -15.82
C TYR B 139 -22.47 -6.54 -16.77
N GLY B 140 -22.69 -6.53 -18.08
CA GLY B 140 -21.61 -6.69 -19.03
C GLY B 140 -21.08 -8.11 -19.06
N PHE B 142 -19.73 -9.73 -16.53
CA PHE B 142 -20.02 -10.40 -15.24
C PHE B 142 -21.27 -11.25 -15.37
N THR B 143 -21.16 -12.55 -15.05
CA THR B 143 -22.24 -13.54 -15.18
C THR B 143 -23.43 -13.25 -14.23
N GLY B 144 -23.18 -12.56 -13.12
CA GLY B 144 -24.21 -12.22 -12.15
C GLY B 144 -25.28 -11.30 -12.69
N GLY B 145 -24.91 -10.44 -13.64
CA GLY B 145 -25.80 -9.47 -14.27
C GLY B 145 -26.83 -10.14 -15.16
N LEU B 146 -26.37 -10.60 -16.34
CA LEU B 146 -27.24 -11.27 -17.32
C LEU B 146 -27.78 -12.62 -16.78
N GLY B 147 -27.03 -13.27 -15.89
CA GLY B 147 -27.42 -14.54 -15.27
C GLY B 147 -28.72 -14.47 -14.48
N PHE B 148 -28.80 -13.52 -13.52
CA PHE B 148 -30.01 -13.34 -12.74
C PHE B 148 -31.08 -12.61 -13.55
N GLN B 149 -30.69 -11.74 -14.52
CA GLN B 149 -31.64 -11.02 -15.36
C GLN B 149 -32.51 -11.99 -16.17
N TYR B 150 -31.89 -12.95 -16.87
CA TYR B 150 -32.58 -13.95 -17.70
C TYR B 150 -33.37 -14.93 -16.83
N GLY B 151 -32.81 -15.33 -15.69
CA GLY B 151 -33.46 -16.25 -14.75
C GLY B 151 -34.73 -15.67 -14.15
N ALA B 152 -34.66 -14.42 -13.66
CA ALA B 152 -35.80 -13.74 -13.05
C ALA B 152 -36.89 -13.45 -14.09
N GLU B 153 -36.51 -13.12 -15.35
CA GLU B 153 -37.48 -12.90 -16.42
C GLU B 153 -38.16 -14.21 -16.79
N ARG B 154 -37.40 -15.33 -16.79
CA ARG B 154 -37.91 -16.68 -17.06
C ARG B 154 -38.97 -17.05 -16.01
N LEU B 155 -38.73 -16.69 -14.73
CA LEU B 155 -39.67 -16.91 -13.63
C LEU B 155 -40.89 -15.98 -13.80
N GLY B 156 -40.67 -14.78 -14.34
CA GLY B 156 -41.74 -13.82 -14.60
C GLY B 156 -41.76 -12.62 -13.68
N CYS B 157 -40.73 -12.46 -12.84
CA CYS B 157 -40.56 -11.33 -11.91
C CYS B 157 -40.54 -10.01 -12.65
N LEU B 158 -40.99 -8.94 -12.00
CA LEU B 158 -40.83 -7.59 -12.50
C LEU B 158 -39.39 -7.22 -12.17
N THR B 159 -38.49 -7.33 -13.16
CA THR B 159 -37.06 -7.13 -12.89
C THR B 159 -36.68 -5.64 -12.91
N VAL B 160 -35.68 -5.31 -12.08
CA VAL B 160 -35.10 -3.99 -11.92
C VAL B 160 -33.60 -4.14 -12.17
N PRO B 161 -33.13 -3.97 -13.44
CA PRO B 161 -31.68 -4.16 -13.70
C PRO B 161 -30.87 -2.94 -13.24
N ALA B 162 -30.79 -2.73 -11.92
CA ALA B 162 -30.12 -1.58 -11.31
C ALA B 162 -28.60 -1.58 -11.59
N ALA B 163 -27.98 -2.78 -11.64
CA ALA B 163 -26.53 -3.02 -11.82
C ALA B 163 -25.79 -2.55 -10.55
N ALA B 164 -24.44 -2.51 -10.59
CA ALA B 164 -23.61 -2.19 -9.43
C ALA B 164 -23.64 -0.69 -9.05
N GLY B 165 -23.40 -0.45 -7.77
CA GLY B 165 -23.26 0.88 -7.17
C GLY B 165 -24.46 1.80 -7.17
N ASN B 166 -24.19 3.07 -6.84
CA ASN B 166 -25.12 4.20 -6.72
C ASN B 166 -26.25 3.80 -5.74
N SER B 167 -25.86 3.63 -4.46
CA SER B 167 -26.71 3.19 -3.35
C SER B 167 -27.98 4.05 -3.17
N LYS B 168 -27.89 5.38 -3.39
CA LYS B 168 -29.06 6.27 -3.28
C LYS B 168 -30.11 5.91 -4.33
N ARG B 169 -29.68 5.56 -5.56
CA ARG B 169 -30.56 5.17 -6.66
C ARG B 169 -31.14 3.77 -6.36
N GLN B 170 -30.35 2.87 -5.73
CA GLN B 170 -30.76 1.52 -5.32
C GLN B 170 -31.92 1.59 -4.33
N ILE B 171 -31.80 2.49 -3.32
CA ILE B 171 -32.77 2.75 -2.26
C ILE B 171 -34.04 3.37 -2.89
N LYS B 172 -33.86 4.27 -3.88
CA LYS B 172 -34.95 4.92 -4.59
C LYS B 172 -35.78 3.89 -5.36
N PHE B 173 -35.12 2.95 -6.07
CA PHE B 173 -35.79 1.89 -6.82
C PHE B 173 -36.60 0.97 -5.90
N ILE B 174 -36.02 0.58 -4.74
CA ILE B 174 -36.68 -0.28 -3.74
C ILE B 174 -37.95 0.43 -3.21
N SER B 175 -37.84 1.72 -2.86
CA SER B 175 -38.93 2.51 -2.30
C SER B 175 -40.06 2.78 -3.32
N ASP B 176 -39.70 3.15 -4.57
CA ASP B 176 -40.65 3.54 -5.61
C ASP B 176 -41.22 2.35 -6.41
N PHE B 177 -40.42 1.29 -6.66
CA PHE B 177 -40.93 0.16 -7.47
C PHE B 177 -41.43 -0.98 -6.59
N LYS B 178 -41.31 -0.82 -5.26
CA LYS B 178 -41.74 -1.75 -4.20
C LYS B 178 -41.04 -3.12 -4.39
N THR B 179 -39.68 -3.09 -4.45
CA THR B 179 -38.82 -4.26 -4.59
C THR B 179 -39.02 -5.20 -3.41
N THR B 180 -39.21 -6.51 -3.69
CA THR B 180 -39.44 -7.53 -2.68
C THR B 180 -38.27 -8.53 -2.64
N ALA B 181 -37.57 -8.72 -3.78
CA ALA B 181 -36.42 -9.62 -3.89
C ALA B 181 -35.19 -8.86 -4.40
N LEU B 182 -34.05 -9.01 -3.71
CA LEU B 182 -32.82 -8.30 -4.07
C LEU B 182 -31.61 -9.23 -4.13
N HIS B 183 -30.84 -9.11 -5.21
CA HIS B 183 -29.58 -9.84 -5.37
C HIS B 183 -28.44 -8.87 -5.12
N ALA B 184 -27.62 -9.16 -4.11
CA ALA B 184 -26.47 -8.35 -3.71
C ALA B 184 -25.41 -9.21 -3.04
N ILE B 185 -24.14 -8.74 -3.08
CA ILE B 185 -23.06 -9.44 -2.37
C ILE B 185 -23.26 -9.12 -0.88
N PRO B 186 -22.90 -10.02 0.08
CA PRO B 186 -23.19 -9.75 1.50
C PRO B 186 -22.73 -8.36 1.99
N SER B 187 -21.51 -7.90 1.62
CA SER B 187 -20.99 -6.60 2.06
C SER B 187 -21.79 -5.41 1.49
N TYR B 188 -22.34 -5.55 0.26
CA TYR B 188 -23.12 -4.45 -0.33
C TYR B 188 -24.52 -4.38 0.30
N ALA B 189 -25.08 -5.53 0.75
CA ALA B 189 -26.37 -5.59 1.43
C ALA B 189 -26.33 -4.81 2.75
N ILE B 190 -25.18 -4.85 3.45
CA ILE B 190 -24.93 -4.13 4.70
C ILE B 190 -24.83 -2.62 4.38
N ARG B 191 -24.11 -2.27 3.30
CA ARG B 191 -23.93 -0.90 2.81
C ARG B 191 -25.29 -0.25 2.47
N LEU B 192 -26.21 -1.00 1.82
CA LEU B 192 -27.54 -0.51 1.46
C LEU B 192 -28.37 -0.22 2.71
N ALA B 193 -28.29 -1.11 3.74
CA ALA B 193 -29.01 -0.93 5.01
C ALA B 193 -28.53 0.36 5.72
N GLU B 194 -27.22 0.66 5.61
CA GLU B 194 -26.58 1.85 6.16
C GLU B 194 -27.04 3.11 5.42
N VAL B 195 -27.14 3.04 4.07
CA VAL B 195 -27.57 4.14 3.21
C VAL B 195 -29.06 4.43 3.47
N PHE B 196 -29.89 3.39 3.75
CA PHE B 196 -31.31 3.57 4.09
C PHE B 196 -31.46 4.49 5.31
N GLN B 197 -30.69 4.21 6.37
CA GLN B 197 -30.66 4.94 7.64
C GLN B 197 -30.19 6.40 7.42
N GLU B 198 -29.18 6.60 6.53
CA GLU B 198 -28.62 7.91 6.18
C GLU B 198 -29.65 8.80 5.49
N GLU B 199 -30.58 8.19 4.73
CA GLU B 199 -31.63 8.89 3.99
C GLU B 199 -32.94 8.99 4.82
N GLY B 200 -32.85 8.65 6.11
CA GLY B 200 -33.97 8.71 7.05
C GLY B 200 -35.03 7.66 6.85
N ILE B 201 -34.65 6.49 6.31
CA ILE B 201 -35.56 5.37 6.07
C ILE B 201 -35.16 4.21 7.00
N ASP B 202 -36.14 3.60 7.69
CA ASP B 202 -35.90 2.44 8.55
C ASP B 202 -35.60 1.24 7.63
N PRO B 203 -34.38 0.64 7.67
CA PRO B 203 -34.07 -0.45 6.73
C PRO B 203 -34.90 -1.72 6.96
N ARG B 204 -35.60 -1.81 8.11
CA ARG B 204 -36.46 -2.94 8.47
C ARG B 204 -37.93 -2.72 8.06
N GLU B 205 -38.28 -1.51 7.58
CA GLU B 205 -39.66 -1.19 7.20
C GLU B 205 -39.81 -0.91 5.69
N THR B 206 -39.10 -1.70 4.85
CA THR B 206 -39.21 -1.56 3.40
C THR B 206 -40.08 -2.72 2.86
N THR B 207 -40.28 -2.78 1.54
CA THR B 207 -41.06 -3.82 0.87
C THR B 207 -40.21 -5.10 0.67
N LEU B 208 -38.89 -5.04 0.96
CA LEU B 208 -37.98 -6.18 0.81
C LEU B 208 -38.43 -7.36 1.68
N LYS B 209 -38.37 -8.57 1.11
CA LYS B 209 -38.75 -9.82 1.79
C LYS B 209 -37.65 -10.88 1.65
N THR B 210 -37.07 -11.01 0.45
CA THR B 210 -36.06 -12.04 0.18
C THR B 210 -34.76 -11.41 -0.35
N LEU B 211 -33.63 -11.89 0.15
CA LEU B 211 -32.31 -11.47 -0.32
C LEU B 211 -31.53 -12.68 -0.81
N VAL B 212 -30.86 -12.52 -1.93
CA VAL B 212 -30.02 -13.54 -2.55
C VAL B 212 -28.59 -13.01 -2.45
N ILE B 213 -27.74 -13.67 -1.62
CA ILE B 213 -26.37 -13.22 -1.41
C ILE B 213 -25.37 -14.32 -1.80
N GLY B 214 -24.33 -13.91 -2.52
CA GLY B 214 -23.26 -14.80 -2.97
C GLY B 214 -21.97 -14.09 -3.27
N ALA B 215 -21.09 -14.74 -4.07
CA ALA B 215 -19.78 -14.26 -4.54
C ALA B 215 -18.73 -14.21 -3.40
N GLU B 216 -19.08 -13.64 -2.23
CA GLU B 216 -18.16 -13.49 -1.09
C GLU B 216 -18.28 -14.63 -0.07
N PRO B 217 -17.15 -15.20 0.41
CA PRO B 217 -17.25 -16.16 1.52
C PRO B 217 -17.72 -15.41 2.75
N HIS B 218 -18.76 -15.92 3.41
CA HIS B 218 -19.36 -15.24 4.55
C HIS B 218 -19.91 -16.28 5.51
N THR B 219 -19.90 -15.94 6.82
CA THR B 219 -20.38 -16.83 7.87
C THR B 219 -21.91 -16.77 7.96
N ASP B 220 -22.51 -17.75 8.68
CA ASP B 220 -23.94 -17.81 8.92
C ASP B 220 -24.39 -16.60 9.74
N GLU B 221 -23.55 -16.18 10.73
CA GLU B 221 -23.90 -15.04 11.58
CA GLU B 221 -23.84 -15.03 11.61
C GLU B 221 -23.85 -13.74 10.79
N GLN B 222 -22.98 -13.64 9.76
CA GLN B 222 -22.86 -12.47 8.89
C GLN B 222 -24.20 -12.31 8.13
N ARG B 223 -24.78 -13.44 7.69
CA ARG B 223 -26.06 -13.53 6.99
C ARG B 223 -27.20 -13.18 7.95
N ARG B 224 -27.15 -13.67 9.22
CA ARG B 224 -28.17 -13.38 10.24
C ARG B 224 -28.16 -11.89 10.60
N LYS B 225 -26.97 -11.24 10.53
CA LYS B 225 -26.82 -9.80 10.74
C LYS B 225 -27.57 -9.04 9.64
N ILE B 226 -27.41 -9.49 8.36
CA ILE B 226 -28.07 -8.92 7.18
C ILE B 226 -29.60 -9.07 7.32
N GLU B 227 -30.06 -10.27 7.75
CA GLU B 227 -31.47 -10.58 7.98
C GLU B 227 -32.10 -9.65 9.03
N ARG B 228 -31.37 -9.36 10.13
CA ARG B 228 -31.84 -8.48 11.20
C ARG B 228 -31.86 -7.00 10.76
N LEU B 230 -32.20 -5.66 7.70
CA LEU B 230 -33.18 -5.36 6.65
C LEU B 230 -34.54 -6.07 6.87
N ASN B 231 -34.69 -6.89 7.95
CA ASN B 231 -35.90 -7.64 8.29
C ASN B 231 -36.32 -8.48 7.06
N VAL B 232 -35.40 -9.34 6.60
CA VAL B 232 -35.57 -10.20 5.42
C VAL B 232 -35.08 -11.62 5.68
N LYS B 233 -35.30 -12.51 4.72
CA LYS B 233 -34.77 -13.87 4.67
C LYS B 233 -33.69 -13.87 3.61
N ALA B 234 -32.43 -14.14 4.00
CA ALA B 234 -31.29 -14.12 3.08
C ALA B 234 -30.86 -15.55 2.76
N TYR B 235 -30.53 -15.81 1.49
CA TYR B 235 -30.16 -17.16 1.05
C TYR B 235 -28.83 -17.15 0.33
N ASN B 236 -27.97 -18.14 0.65
CA ASN B 236 -26.64 -18.30 0.09
C ASN B 236 -26.76 -18.81 -1.36
N SER B 237 -26.13 -18.07 -2.28
CA SER B 237 -26.12 -18.31 -3.73
C SER B 237 -24.70 -18.62 -4.21
N PHE B 238 -24.47 -19.84 -4.69
CA PHE B 238 -23.14 -20.21 -5.18
C PHE B 238 -23.12 -20.30 -6.70
N GLY B 239 -21.98 -19.93 -7.27
CA GLY B 239 -21.74 -20.00 -8.69
C GLY B 239 -20.35 -19.55 -9.08
N THR B 241 -18.24 -18.51 -13.17
CA THR B 241 -18.30 -18.30 -14.63
C THR B 241 -18.15 -19.63 -15.36
N GLU B 242 -17.17 -20.45 -14.93
CA GLU B 242 -16.87 -21.76 -15.51
C GLU B 242 -18.10 -22.68 -15.51
N ASN B 244 -21.31 -21.54 -15.54
CA ASN B 244 -22.31 -20.60 -16.11
C ASN B 244 -22.26 -19.26 -15.40
N GLY B 245 -22.34 -19.32 -14.08
CA GLY B 245 -22.37 -18.18 -13.18
C GLY B 245 -23.33 -18.53 -12.06
N PRO B 246 -24.37 -17.71 -11.80
CA PRO B 246 -25.35 -18.11 -10.75
C PRO B 246 -26.21 -19.32 -11.18
N GLY B 247 -26.88 -19.94 -10.20
CA GLY B 247 -27.77 -21.09 -10.40
C GLY B 247 -27.14 -22.45 -10.26
N VAL B 248 -25.88 -22.51 -9.80
CA VAL B 248 -25.12 -23.76 -9.67
C VAL B 248 -25.55 -24.51 -8.40
N ALA B 249 -25.39 -23.86 -7.23
CA ALA B 249 -25.75 -24.33 -5.90
C ALA B 249 -26.47 -23.23 -5.15
N PHE B 250 -27.48 -23.58 -4.36
CA PHE B 250 -28.32 -22.61 -3.66
C PHE B 250 -29.00 -23.22 -2.44
N GLU B 251 -29.13 -22.44 -1.36
CA GLU B 251 -29.84 -22.89 -0.16
C GLU B 251 -31.32 -23.04 -0.42
N CYS B 252 -31.99 -23.95 0.31
CA CYS B 252 -33.43 -24.08 0.25
C CYS B 252 -34.00 -23.24 1.40
N GLN B 253 -35.30 -23.35 1.73
CA GLN B 253 -35.88 -22.54 2.80
C GLN B 253 -35.44 -23.09 4.19
N GLU B 254 -34.73 -24.23 4.23
CA GLU B 254 -34.18 -24.81 5.47
C GLU B 254 -32.93 -24.05 5.91
N GLN B 255 -32.26 -23.33 4.96
CA GLN B 255 -31.02 -22.54 5.16
C GLN B 255 -29.94 -23.40 5.86
N ASN B 256 -29.74 -24.63 5.35
CA ASN B 256 -28.78 -25.59 5.87
C ASN B 256 -28.20 -26.38 4.71
N GLY B 257 -27.13 -25.83 4.13
CA GLY B 257 -26.46 -26.41 2.98
C GLY B 257 -27.06 -25.93 1.68
N HIS B 259 -28.10 -26.81 -2.03
CA HIS B 259 -28.47 -27.87 -2.97
C HIS B 259 -27.76 -27.67 -4.30
N PHE B 260 -26.98 -28.66 -4.72
CA PHE B 260 -26.26 -28.66 -5.99
C PHE B 260 -27.12 -29.35 -7.02
N TRP B 261 -27.39 -28.70 -8.18
CA TRP B 261 -28.26 -29.30 -9.17
C TRP B 261 -27.47 -30.34 -9.97
N GLU B 262 -27.60 -31.60 -9.52
CA GLU B 262 -26.89 -32.77 -10.02
C GLU B 262 -27.36 -33.20 -11.42
N ASP B 263 -28.48 -32.66 -11.92
CA ASP B 263 -28.91 -32.96 -13.28
C ASP B 263 -28.04 -32.20 -14.29
N CYS B 264 -27.40 -31.10 -13.86
CA CYS B 264 -26.57 -30.25 -14.72
C CYS B 264 -25.09 -30.27 -14.28
N TYR B 265 -24.76 -30.84 -13.10
CA TYR B 265 -23.38 -30.89 -12.61
C TYR B 265 -23.06 -32.20 -11.91
N LEU B 266 -21.84 -32.73 -12.13
CA LEU B 266 -21.34 -33.92 -11.43
C LEU B 266 -20.34 -33.40 -10.40
N VAL B 267 -20.65 -33.62 -9.11
CA VAL B 267 -19.86 -33.10 -7.99
C VAL B 267 -18.90 -34.15 -7.45
N GLU B 268 -17.64 -33.74 -7.26
CA GLU B 268 -16.55 -34.51 -6.67
C GLU B 268 -15.85 -33.67 -5.60
N ILE B 269 -15.46 -34.30 -4.48
CA ILE B 269 -14.70 -33.66 -3.41
C ILE B 269 -13.40 -34.46 -3.31
N ILE B 270 -12.32 -33.87 -3.84
CA ILE B 270 -11.00 -34.49 -4.00
C ILE B 270 -9.98 -33.91 -3.01
N ASP B 271 -9.07 -34.80 -2.51
CA ASP B 271 -7.97 -34.43 -1.61
C ASP B 271 -6.96 -33.61 -2.43
N PRO B 272 -6.66 -32.35 -2.04
CA PRO B 272 -5.75 -31.52 -2.85
C PRO B 272 -4.33 -32.09 -3.01
N GLU B 273 -3.91 -32.99 -2.10
CA GLU B 273 -2.58 -33.60 -2.14
C GLU B 273 -2.56 -34.86 -3.02
N THR B 274 -3.32 -35.91 -2.63
CA THR B 274 -3.36 -37.21 -3.31
C THR B 274 -4.08 -37.16 -4.67
N GLY B 275 -5.11 -36.31 -4.81
CA GLY B 275 -5.91 -36.22 -6.02
C GLY B 275 -6.97 -37.30 -6.11
N GLU B 276 -7.28 -37.91 -4.96
CA GLU B 276 -8.27 -38.97 -4.79
C GLU B 276 -9.53 -38.45 -4.08
N PRO B 277 -10.73 -39.09 -4.24
CA PRO B 277 -11.92 -38.62 -3.51
C PRO B 277 -11.73 -38.73 -1.99
N VAL B 278 -12.16 -37.69 -1.26
CA VAL B 278 -12.03 -37.64 0.20
C VAL B 278 -13.03 -38.63 0.85
N PRO B 279 -12.81 -39.10 2.12
CA PRO B 279 -13.84 -39.94 2.76
C PRO B 279 -15.16 -39.17 2.87
N GLU B 280 -16.29 -39.87 2.71
CA GLU B 280 -17.66 -39.31 2.69
C GLU B 280 -17.88 -38.27 3.82
N GLY B 281 -18.08 -37.01 3.42
CA GLY B 281 -18.36 -35.89 4.31
C GLY B 281 -17.19 -35.03 4.76
N GLU B 282 -15.96 -35.35 4.34
CA GLU B 282 -14.73 -34.61 4.69
C GLU B 282 -14.52 -33.39 3.77
N ILE B 283 -13.80 -32.38 4.28
CA ILE B 283 -13.49 -31.15 3.54
C ILE B 283 -12.39 -31.47 2.51
N GLY B 284 -12.59 -30.99 1.29
CA GLY B 284 -11.67 -31.16 0.18
C GLY B 284 -11.98 -30.17 -0.92
N GLU B 285 -11.27 -30.29 -2.05
CA GLU B 285 -11.45 -29.39 -3.18
C GLU B 285 -12.65 -29.81 -4.03
N LEU B 286 -13.53 -28.84 -4.31
CA LEU B 286 -14.70 -29.03 -5.17
C LEU B 286 -14.23 -29.18 -6.63
N VAL B 287 -14.55 -30.34 -7.25
CA VAL B 287 -14.18 -30.69 -8.62
C VAL B 287 -15.49 -30.92 -9.36
N LEU B 288 -15.73 -30.15 -10.44
CA LEU B 288 -17.03 -30.19 -11.13
C LEU B 288 -16.94 -30.50 -12.62
N THR B 289 -18.00 -31.17 -13.12
CA THR B 289 -18.20 -31.53 -14.52
C THR B 289 -19.57 -31.03 -14.96
N THR B 290 -19.63 -30.26 -16.06
CA THR B 290 -20.90 -29.78 -16.62
C THR B 290 -21.63 -30.97 -17.25
N LEU B 291 -22.97 -31.02 -17.15
CA LEU B 291 -23.73 -32.13 -17.73
C LEU B 291 -24.77 -31.65 -18.74
N ASP B 292 -25.05 -30.33 -18.83
CA ASP B 292 -26.05 -29.84 -19.78
C ASP B 292 -25.45 -28.73 -20.69
N ARG B 293 -24.11 -28.55 -20.65
CA ARG B 293 -23.40 -27.57 -21.50
C ARG B 293 -22.95 -28.25 -22.79
N GLU B 294 -23.14 -27.56 -23.95
CA GLU B 294 -22.82 -28.13 -25.25
C GLU B 294 -21.72 -27.37 -26.01
N PRO B 297 -18.23 -27.60 -22.85
CA PRO B 297 -18.33 -28.34 -21.59
C PRO B 297 -17.00 -28.37 -20.85
N LEU B 298 -17.05 -28.52 -19.52
CA LEU B 298 -15.87 -28.63 -18.67
C LEU B 298 -15.92 -29.95 -17.91
N ILE B 299 -14.83 -30.73 -17.98
CA ILE B 299 -14.75 -32.05 -17.35
C ILE B 299 -13.74 -32.02 -16.21
N ARG B 300 -14.21 -32.40 -15.01
CA ARG B 300 -13.47 -32.49 -13.75
C ARG B 300 -12.62 -31.24 -13.53
N TYR B 301 -13.28 -30.08 -13.53
CA TYR B 301 -12.61 -28.80 -13.34
C TYR B 301 -12.28 -28.58 -11.86
N ARG B 302 -11.00 -28.35 -11.55
CA ARG B 302 -10.51 -28.05 -10.19
C ARG B 302 -10.80 -26.57 -9.90
N THR B 303 -11.89 -26.33 -9.17
CA THR B 303 -12.42 -25.00 -8.86
C THR B 303 -11.55 -24.18 -7.90
N ARG B 304 -10.72 -24.85 -7.06
CA ARG B 304 -9.85 -24.25 -6.02
C ARG B 304 -10.70 -23.89 -4.77
N ASP B 305 -12.01 -24.21 -4.78
CA ASP B 305 -12.93 -23.97 -3.67
C ASP B 305 -12.94 -25.14 -2.71
N LEU B 306 -12.80 -24.86 -1.41
CA LEU B 306 -12.80 -25.90 -0.38
C LEU B 306 -14.16 -25.94 0.32
N THR B 307 -14.79 -27.13 0.30
CA THR B 307 -16.08 -27.40 0.95
C THR B 307 -16.21 -28.93 1.20
N ARG B 308 -17.37 -29.36 1.69
CA ARG B 308 -17.72 -30.75 1.98
C ARG B 308 -19.19 -31.01 1.65
N ILE B 309 -19.54 -32.28 1.39
CA ILE B 309 -20.92 -32.70 1.13
C ILE B 309 -21.57 -32.99 2.48
N LEU B 310 -22.69 -32.30 2.76
CA LEU B 310 -23.42 -32.49 4.02
C LEU B 310 -24.27 -33.77 3.91
N PRO B 311 -24.11 -34.71 4.87
CA PRO B 311 -24.85 -35.99 4.77
C PRO B 311 -26.31 -35.86 5.19
N GLY B 312 -27.10 -36.86 4.79
CA GLY B 312 -28.52 -36.97 5.10
C GLY B 312 -29.43 -36.26 4.12
N LYS B 313 -30.67 -36.74 4.02
CA LYS B 313 -31.66 -36.12 3.12
C LYS B 313 -32.18 -34.83 3.79
N CYS B 314 -32.56 -33.86 2.98
CA CYS B 314 -33.04 -32.57 3.44
C CYS B 314 -34.57 -32.61 3.68
N PRO B 315 -35.07 -31.95 4.75
CA PRO B 315 -36.53 -31.95 5.00
C PRO B 315 -37.37 -31.25 3.92
N CYS B 316 -36.77 -30.52 2.95
CA CYS B 316 -37.53 -29.87 1.87
C CYS B 316 -37.99 -30.93 0.82
N GLY B 317 -37.47 -32.16 0.93
CA GLY B 317 -37.82 -33.26 0.05
C GLY B 317 -36.95 -33.42 -1.19
N ARG B 318 -36.06 -32.43 -1.45
CA ARG B 318 -35.17 -32.47 -2.61
C ARG B 318 -34.05 -33.48 -2.36
N THR B 319 -33.77 -34.31 -3.38
CA THR B 319 -32.81 -35.41 -3.34
C THR B 319 -31.40 -34.98 -3.79
N HIS B 320 -31.27 -33.77 -4.35
CA HIS B 320 -29.99 -33.22 -4.82
C HIS B 320 -29.11 -32.88 -3.60
N LEU B 321 -27.85 -33.36 -3.62
CA LEU B 321 -26.86 -33.22 -2.54
C LEU B 321 -26.68 -31.74 -2.11
N ARG B 322 -26.30 -31.54 -0.85
CA ARG B 322 -26.03 -30.23 -0.27
C ARG B 322 -24.55 -30.07 0.07
N ILE B 323 -23.99 -28.91 -0.29
CA ILE B 323 -22.61 -28.58 0.04
C ILE B 323 -22.63 -27.56 1.18
N ASP B 324 -21.61 -27.62 2.03
CA ASP B 324 -21.45 -26.67 3.12
C ASP B 324 -20.94 -25.34 2.55
N ARG B 325 -20.91 -24.28 3.37
CA ARG B 325 -20.37 -22.97 3.01
C ARG B 325 -18.95 -23.09 2.49
N ILE B 326 -18.61 -22.24 1.51
CA ILE B 326 -17.26 -22.25 0.97
C ILE B 326 -16.36 -21.65 2.06
N LYS B 327 -15.41 -22.49 2.54
CA LYS B 327 -14.38 -22.20 3.53
C LYS B 327 -13.49 -21.06 3.02
N GLY B 328 -13.38 -20.98 1.69
CA GLY B 328 -12.61 -20.01 0.94
C GLY B 328 -11.91 -20.68 -0.23
N ARG B 329 -11.36 -19.87 -1.15
CA ARG B 329 -10.60 -20.39 -2.28
C ARG B 329 -9.18 -20.72 -1.81
N SER B 330 -8.42 -21.54 -2.60
CA SER B 330 -7.04 -21.93 -2.28
CA SER B 330 -7.04 -21.93 -2.26
C SER B 330 -6.10 -20.72 -2.28
N ASP B 331 -6.37 -19.75 -3.17
CA ASP B 331 -5.59 -18.51 -3.33
C ASP B 331 -5.86 -17.53 -2.17
N ASP B 332 -6.95 -17.74 -1.40
CA ASP B 332 -7.32 -16.91 -0.25
C ASP B 332 -6.47 -17.27 0.98
N PHE B 334 -3.43 -17.79 3.43
CA PHE B 334 -2.21 -17.04 3.67
C PHE B 334 -1.39 -17.71 4.77
N ILE B 335 -0.05 -17.61 4.65
CA ILE B 335 0.88 -18.23 5.59
C ILE B 335 1.62 -17.12 6.35
N ILE B 336 1.59 -17.19 7.68
CA ILE B 336 2.26 -16.26 8.59
C ILE B 336 2.93 -17.10 9.69
N LYS B 337 4.27 -16.94 9.86
CA LYS B 337 5.13 -17.66 10.81
C LYS B 337 5.07 -19.20 10.53
N GLY B 338 4.91 -19.55 9.25
CA GLY B 338 4.83 -20.93 8.78
C GLY B 338 3.52 -21.64 9.02
N VAL B 339 2.51 -20.90 9.56
CA VAL B 339 1.18 -21.45 9.89
C VAL B 339 0.15 -21.01 8.85
N ASN B 340 -0.62 -21.99 8.32
CA ASN B 340 -1.68 -21.78 7.31
C ASN B 340 -2.95 -21.24 7.96
N ILE B 341 -3.50 -20.13 7.43
CA ILE B 341 -4.70 -19.48 7.96
C ILE B 341 -5.64 -19.08 6.80
N PHE B 342 -6.94 -19.34 6.99
CA PHE B 342 -8.00 -18.93 6.07
C PHE B 342 -8.73 -17.71 6.65
N PRO B 343 -9.03 -16.67 5.83
CA PRO B 343 -9.71 -15.47 6.37
C PRO B 343 -11.04 -15.75 7.08
N GLN B 345 -11.65 -18.11 9.21
CA GLN B 345 -11.35 -18.49 10.60
C GLN B 345 -11.38 -17.26 11.51
N VAL B 346 -10.91 -16.11 10.96
CA VAL B 346 -10.88 -14.81 11.64
C VAL B 346 -12.30 -14.25 11.74
N GLU B 347 -13.08 -14.28 10.63
CA GLU B 347 -14.46 -13.77 10.57
C GLU B 347 -15.37 -14.52 11.56
N LYS B 348 -15.30 -15.87 11.61
CA LYS B 348 -16.12 -16.71 12.49
C LYS B 348 -15.94 -16.36 13.99
N ILE B 349 -14.79 -15.76 14.36
CA ILE B 349 -14.50 -15.33 15.73
C ILE B 349 -15.10 -13.92 15.96
N LEU B 350 -14.82 -12.98 15.04
CA LEU B 350 -15.26 -11.57 15.10
C LEU B 350 -16.79 -11.42 15.12
N VAL B 351 -17.53 -12.26 14.38
CA VAL B 351 -19.01 -12.20 14.27
C VAL B 351 -19.69 -12.52 15.61
N GLN B 352 -19.02 -13.26 16.52
CA GLN B 352 -19.61 -13.64 17.81
CA GLN B 352 -19.53 -13.66 17.84
C GLN B 352 -19.64 -12.45 18.78
N PHE B 353 -18.85 -11.38 18.54
CA PHE B 353 -18.83 -10.18 19.38
C PHE B 353 -19.84 -9.14 18.85
N PRO B 354 -20.93 -8.84 19.60
CA PRO B 354 -21.93 -7.86 19.12
C PRO B 354 -21.44 -6.41 19.19
N GLU B 355 -20.30 -6.15 19.87
CA GLU B 355 -19.70 -4.82 20.01
C GLU B 355 -18.95 -4.41 18.73
N LEU B 356 -18.71 -5.38 17.83
CA LEU B 356 -17.98 -5.17 16.58
C LEU B 356 -18.92 -5.01 15.38
N GLY B 357 -18.45 -4.29 14.38
CA GLY B 357 -19.17 -4.07 13.13
C GLY B 357 -19.05 -5.26 12.20
N SER B 358 -19.32 -5.04 10.92
CA SER B 358 -19.28 -6.11 9.92
C SER B 358 -18.04 -6.02 9.02
N ASN B 359 -17.44 -4.82 8.89
CA ASN B 359 -16.27 -4.61 8.05
C ASN B 359 -14.98 -4.79 8.86
N TYR B 360 -14.05 -5.61 8.33
CA TYR B 360 -12.76 -5.92 8.93
C TYR B 360 -11.67 -6.04 7.85
N LEU B 361 -10.38 -5.91 8.24
CA LEU B 361 -9.25 -6.02 7.32
C LEU B 361 -8.05 -6.68 8.00
N ILE B 362 -7.45 -7.66 7.32
CA ILE B 362 -6.25 -8.38 7.77
C ILE B 362 -5.07 -7.84 6.97
N THR B 363 -4.06 -7.30 7.67
CA THR B 363 -2.86 -6.74 7.04
C THR B 363 -1.64 -7.55 7.47
N LEU B 364 -0.83 -7.98 6.49
CA LEU B 364 0.38 -8.76 6.71
C LEU B 364 1.61 -7.91 6.34
N GLU B 365 2.46 -7.61 7.34
CA GLU B 365 3.66 -6.77 7.17
C GLU B 365 4.91 -7.45 7.75
N THR B 366 6.10 -6.97 7.32
CA THR B 366 7.41 -7.45 7.79
C THR B 366 8.06 -6.33 8.64
N ASP B 371 7.55 -11.37 10.49
CA ASP B 371 6.21 -11.15 9.93
C ASP B 371 5.19 -10.90 11.04
N GLU B 372 4.31 -9.91 10.81
CA GLU B 372 3.25 -9.50 11.74
C GLU B 372 1.89 -9.51 11.05
N ILE B 374 -1.93 -8.01 11.40
CA ILE B 374 -2.75 -6.97 12.00
C ILE B 374 -4.21 -7.17 11.57
N VAL B 375 -5.12 -7.28 12.55
CA VAL B 375 -6.55 -7.48 12.31
C VAL B 375 -7.29 -6.21 12.75
N GLU B 376 -7.68 -5.38 11.77
CA GLU B 376 -8.47 -4.16 11.98
C GLU B 376 -9.94 -4.49 11.86
N VAL B 377 -10.75 -4.11 12.86
CA VAL B 377 -12.19 -4.38 12.84
C VAL B 377 -12.92 -3.12 13.37
N GLU B 378 -13.94 -2.68 12.61
CA GLU B 378 -14.74 -1.49 12.94
C GLU B 378 -15.64 -1.73 14.15
N LEU B 379 -15.87 -0.67 14.94
CA LEU B 379 -16.73 -0.71 16.12
C LEU B 379 -18.19 -0.51 15.72
N SER B 380 -19.12 -1.10 16.50
CA SER B 380 -20.56 -0.97 16.26
C SER B 380 -21.05 0.42 16.66
N ASP B 381 -22.12 0.90 16.00
CA ASP B 381 -22.74 2.19 16.30
C ASP B 381 -23.56 2.10 17.58
N LEU B 382 -24.14 0.91 17.84
CA LEU B 382 -24.96 0.60 19.02
C LEU B 382 -24.12 0.41 20.29
N SER B 383 -22.77 0.35 20.15
CA SER B 383 -21.83 0.17 21.25
C SER B 383 -21.83 1.41 22.16
N THR B 384 -22.10 1.18 23.46
CA THR B 384 -22.16 2.21 24.50
C THR B 384 -21.08 1.91 25.57
N ASP B 385 -20.16 0.97 25.26
CA ASP B 385 -19.06 0.54 26.14
C ASP B 385 -17.98 1.62 26.27
N ASN B 386 -17.32 1.67 27.45
CA ASN B 386 -16.25 2.62 27.71
C ASN B 386 -14.90 1.99 27.30
N TYR B 387 -13.78 2.72 27.50
CA TYR B 387 -12.42 2.29 27.13
C TYR B 387 -12.03 0.98 27.82
N ILE B 388 -12.16 0.89 29.16
CA ILE B 388 -11.80 -0.27 29.99
C ILE B 388 -12.53 -1.53 29.50
N GLU B 389 -13.86 -1.43 29.23
CA GLU B 389 -14.68 -2.56 28.79
C GLU B 389 -14.31 -2.97 27.36
N LEU B 390 -14.09 -1.99 26.44
CA LEU B 390 -13.72 -2.28 25.05
C LEU B 390 -12.32 -2.89 24.94
N GLU B 391 -11.39 -2.49 25.84
CA GLU B 391 -10.02 -3.02 25.88
C GLU B 391 -10.06 -4.48 26.35
N LYS B 392 -10.97 -4.81 27.30
CA LYS B 392 -11.16 -6.17 27.82
C LYS B 392 -11.69 -7.09 26.71
N ILE B 393 -12.59 -6.53 25.85
CA ILE B 393 -13.18 -7.23 24.69
C ILE B 393 -12.08 -7.43 23.65
N ARG B 394 -11.22 -6.40 23.41
CA ARG B 394 -10.12 -6.48 22.45
C ARG B 394 -9.14 -7.59 22.85
N ARG B 395 -8.85 -7.73 24.16
CA ARG B 395 -7.97 -8.77 24.70
C ARG B 395 -8.61 -10.15 24.55
N ASP B 396 -9.96 -10.22 24.67
CA ASP B 396 -10.75 -11.45 24.51
C ASP B 396 -10.73 -11.87 23.02
N ILE B 397 -10.71 -10.89 22.08
CA ILE B 397 -10.64 -11.11 20.64
C ILE B 397 -9.26 -11.73 20.30
N ILE B 398 -8.16 -11.15 20.83
CA ILE B 398 -6.78 -11.63 20.63
C ILE B 398 -6.67 -13.10 21.10
N ARG B 399 -7.18 -13.40 22.32
CA ARG B 399 -7.14 -14.74 22.94
CA ARG B 399 -7.14 -14.75 22.93
C ARG B 399 -7.90 -15.77 22.08
N GLN B 400 -9.15 -15.45 21.67
CA GLN B 400 -9.98 -16.36 20.86
C GLN B 400 -9.39 -16.54 19.46
N LEU B 401 -8.73 -15.51 18.89
CA LEU B 401 -8.08 -15.62 17.59
C LEU B 401 -6.86 -16.53 17.69
N LYS B 402 -6.01 -16.31 18.72
CA LYS B 402 -4.79 -17.08 19.01
C LYS B 402 -5.08 -18.59 19.11
N ASP B 403 -6.17 -18.97 19.83
CA ASP B 403 -6.57 -20.36 20.01
C ASP B 403 -7.07 -21.01 18.71
N GLU B 404 -7.68 -20.23 17.82
CA GLU B 404 -8.25 -20.70 16.56
C GLU B 404 -7.21 -20.82 15.43
N ILE B 405 -6.48 -19.74 15.12
CA ILE B 405 -5.56 -19.68 13.98
C ILE B 405 -4.12 -20.12 14.38
N LEU B 406 -3.88 -20.35 15.70
CA LEU B 406 -2.63 -20.84 16.32
C LEU B 406 -1.44 -19.84 16.14
N VAL B 407 -1.74 -18.53 15.95
CA VAL B 407 -0.75 -17.44 15.88
C VAL B 407 -1.37 -16.25 16.64
N THR B 408 -0.55 -15.48 17.36
CA THR B 408 -1.03 -14.32 18.11
C THR B 408 -1.04 -13.08 17.19
N PRO B 409 -2.24 -12.58 16.79
CA PRO B 409 -2.27 -11.40 15.92
C PRO B 409 -2.42 -10.09 16.69
N LYS B 410 -2.14 -8.97 16.01
CA LYS B 410 -2.35 -7.63 16.57
C LYS B 410 -3.76 -7.20 16.20
N VAL B 411 -4.59 -6.84 17.19
CA VAL B 411 -5.98 -6.47 16.93
C VAL B 411 -6.17 -4.97 17.25
N LYS B 412 -6.72 -4.23 16.29
CA LYS B 412 -7.01 -2.80 16.42
C LYS B 412 -8.48 -2.51 16.16
N LEU B 413 -9.14 -1.88 17.14
CA LEU B 413 -10.54 -1.50 17.04
C LEU B 413 -10.58 -0.11 16.40
N VAL B 414 -11.05 -0.03 15.15
CA VAL B 414 -11.08 1.21 14.37
C VAL B 414 -12.51 1.80 14.34
N LYS B 415 -12.63 3.09 13.94
CA LYS B 415 -13.87 3.84 13.82
C LYS B 415 -14.77 3.24 12.73
N LYS B 416 -16.10 3.30 12.93
CA LYS B 416 -17.10 2.81 11.98
C LYS B 416 -17.05 3.65 10.70
N GLY B 417 -16.78 2.97 9.57
CA GLY B 417 -16.68 3.58 8.26
C GLY B 417 -15.28 3.97 7.83
N SER B 418 -14.27 3.83 8.72
CA SER B 418 -12.87 4.17 8.46
C SER B 418 -12.22 3.22 7.44
N LEU B 419 -12.51 1.92 7.51
CA LEU B 419 -11.95 0.92 6.59
C LEU B 419 -12.57 1.06 5.19
N PRO B 420 -11.79 0.89 4.10
CA PRO B 420 -12.35 1.09 2.75
C PRO B 420 -13.32 -0.01 2.32
N GLN B 421 -14.34 0.40 1.54
CA GLN B 421 -15.36 -0.49 0.97
C GLN B 421 -15.02 -0.73 -0.50
N SER B 422 -14.88 -2.01 -0.88
CA SER B 422 -14.51 -2.41 -2.25
C SER B 422 -15.69 -2.23 -3.22
N GLU B 423 -15.36 -1.96 -4.50
CA GLU B 423 -16.34 -1.76 -5.59
C GLU B 423 -17.10 -3.07 -5.86
N GLY B 424 -16.37 -4.19 -5.82
CA GLY B 424 -16.90 -5.54 -6.00
C GLY B 424 -16.75 -6.32 -4.72
N LYS B 425 -16.22 -7.55 -4.80
CA LYS B 425 -15.97 -8.42 -3.65
C LYS B 425 -15.03 -7.74 -2.66
N ALA B 426 -15.34 -7.82 -1.35
CA ALA B 426 -14.53 -7.21 -0.30
C ALA B 426 -13.19 -7.92 -0.18
N VAL B 427 -12.11 -7.13 -0.14
CA VAL B 427 -10.75 -7.63 0.01
C VAL B 427 -10.47 -7.65 1.52
N ARG B 428 -10.40 -8.85 2.11
CA ARG B 428 -10.22 -9.01 3.55
C ARG B 428 -8.73 -9.17 3.93
N VAL B 429 -7.84 -9.50 2.98
CA VAL B 429 -6.42 -9.68 3.25
C VAL B 429 -5.58 -8.74 2.35
N LYS B 430 -4.70 -7.95 2.99
CA LYS B 430 -3.75 -7.02 2.37
C LYS B 430 -2.34 -7.47 2.77
N ASP B 431 -1.63 -8.15 1.85
CA ASP B 431 -0.29 -8.66 2.10
C ASP B 431 0.74 -7.64 1.57
N LEU B 432 1.40 -6.93 2.50
CA LEU B 432 2.39 -5.88 2.18
C LEU B 432 3.84 -6.39 2.32
N ARG B 433 4.02 -7.72 2.46
CA ARG B 433 5.34 -8.36 2.58
C ARG B 433 6.03 -8.44 1.23
N GLY C 1 48.78 -19.80 35.69
CA GLY C 1 49.89 -19.03 36.21
C GLY C 1 51.05 -18.90 35.24
N SER C 3 51.34 -20.65 32.32
CA SER C 3 50.80 -20.72 30.96
C SER C 3 49.87 -19.53 30.65
N THR C 4 49.61 -18.66 31.66
CA THR C 4 48.74 -17.49 31.54
C THR C 4 49.44 -16.38 30.72
N GLN C 5 48.72 -15.80 29.75
CA GLN C 5 49.21 -14.73 28.88
C GLN C 5 48.54 -13.40 29.26
N TYR C 6 49.33 -12.31 29.29
CA TYR C 6 48.85 -11.00 29.69
C TYR C 6 49.05 -9.95 28.58
N TRP C 7 48.12 -8.98 28.51
CA TRP C 7 48.16 -7.85 27.56
C TRP C 7 49.26 -6.88 28.00
N GLU C 8 49.32 -6.57 29.31
CA GLU C 8 50.30 -5.71 29.98
C GLU C 8 50.75 -6.40 31.26
N GLU C 9 51.64 -7.42 31.12
CA GLU C 9 52.15 -8.26 32.21
C GLU C 9 52.68 -7.41 33.38
N GLU C 10 53.51 -6.38 33.11
CA GLU C 10 54.14 -5.53 34.13
C GLU C 10 53.08 -4.86 35.05
N ILE C 11 51.88 -4.56 34.52
CA ILE C 11 50.80 -3.94 35.29
C ILE C 11 49.91 -5.02 35.91
N GLU C 12 49.55 -6.06 35.13
CA GLU C 12 48.60 -7.10 35.55
C GLU C 12 49.14 -7.97 36.69
N ILE C 13 50.47 -8.20 36.78
CA ILE C 13 51.02 -9.03 37.88
C ILE C 13 51.88 -8.14 38.83
N SER C 15 53.32 -6.08 41.84
CA SER C 15 53.21 -6.31 43.28
C SER C 15 52.30 -5.27 43.94
N ARG C 16 51.62 -5.64 45.04
CA ARG C 16 50.72 -4.75 45.79
C ARG C 16 51.45 -3.47 46.21
N GLU C 17 52.73 -3.60 46.64
CA GLU C 17 53.58 -2.49 47.05
C GLU C 17 53.76 -1.49 45.91
N LYS C 18 54.05 -1.98 44.68
CA LYS C 18 54.23 -1.16 43.49
C LYS C 18 52.88 -0.63 42.97
N LEU C 19 51.76 -1.37 43.18
CA LEU C 19 50.42 -0.94 42.80
C LEU C 19 49.97 0.24 43.65
N GLN C 20 50.27 0.20 44.96
CA GLN C 20 49.95 1.25 45.94
C GLN C 20 50.66 2.56 45.60
N GLU C 21 51.95 2.50 45.20
CA GLU C 21 52.70 3.71 44.86
C GLU C 21 52.24 4.25 43.49
N LEU C 22 51.78 3.37 42.57
CA LEU C 22 51.23 3.79 41.28
C LEU C 22 49.88 4.49 41.48
N GLN C 23 49.03 3.92 42.36
CA GLN C 23 47.72 4.49 42.68
C GLN C 23 47.86 5.84 43.37
N LEU C 24 48.82 5.97 44.31
CA LEU C 24 49.07 7.23 45.05
C LEU C 24 49.55 8.31 44.09
N GLN C 25 50.50 7.99 43.18
CA GLN C 25 51.04 8.91 42.18
C GLN C 25 49.89 9.41 41.27
N ARG C 26 49.05 8.49 40.77
CA ARG C 26 47.93 8.83 39.88
C ARG C 26 46.79 9.52 40.65
N LEU C 27 46.61 9.23 41.96
CA LEU C 27 45.57 9.86 42.79
C LEU C 27 45.90 11.34 43.00
N LYS C 28 47.17 11.67 43.32
CA LYS C 28 47.63 13.06 43.51
C LYS C 28 47.45 13.86 42.22
N LYS C 29 47.81 13.25 41.07
CA LYS C 29 47.69 13.83 39.72
C LYS C 29 46.21 14.12 39.39
N THR C 30 45.31 13.16 39.67
CA THR C 30 43.87 13.26 39.41
C THR C 30 43.26 14.42 40.22
N ILE C 31 43.65 14.59 41.50
CA ILE C 31 43.16 15.64 42.40
C ILE C 31 43.67 17.01 41.90
N ASN C 32 44.94 17.10 41.45
CA ASN C 32 45.51 18.34 40.92
C ASN C 32 44.80 18.75 39.62
N ILE C 33 44.43 17.77 38.76
CA ILE C 33 43.70 18.01 37.52
C ILE C 33 42.26 18.44 37.85
N ALA C 34 41.53 17.65 38.67
CA ALA C 34 40.13 17.89 39.07
C ALA C 34 39.93 19.26 39.71
N ALA C 35 40.97 19.80 40.40
CA ALA C 35 40.94 21.10 41.05
C ALA C 35 40.68 22.25 40.05
N ASN C 36 40.91 22.01 38.73
CA ASN C 36 40.68 23.00 37.68
C ASN C 36 39.20 23.06 37.28
N SER C 37 38.39 22.03 37.64
CA SER C 37 36.95 22.00 37.34
C SER C 37 36.19 22.89 38.34
N PRO C 38 35.16 23.64 37.89
CA PRO C 38 34.41 24.51 38.84
C PRO C 38 33.81 23.75 40.04
N TYR C 39 33.37 22.48 39.83
CA TYR C 39 32.78 21.67 40.90
C TYR C 39 33.82 21.28 41.96
N TYR C 40 34.92 20.61 41.57
CA TYR C 40 35.91 20.15 42.54
C TYR C 40 36.72 21.33 43.11
N LYS C 41 36.82 22.48 42.40
CA LYS C 41 37.51 23.67 42.92
C LYS C 41 36.79 24.16 44.18
N GLU C 42 35.45 24.19 44.13
CA GLU C 42 34.57 24.60 45.22
C GLU C 42 34.57 23.56 46.34
N VAL C 43 34.48 22.25 46.00
CA VAL C 43 34.48 21.13 46.96
C VAL C 43 35.80 21.14 47.75
N PHE C 44 36.96 21.26 47.07
CA PHE C 44 38.27 21.26 47.70
C PHE C 44 38.47 22.52 48.57
N SER C 45 37.90 23.67 48.15
CA SER C 45 37.99 24.94 48.88
C SER C 45 37.22 24.87 50.21
N LYS C 46 36.01 24.27 50.19
CA LYS C 46 35.15 24.16 51.38
C LYS C 46 35.61 23.07 52.35
N ASN C 47 36.39 22.08 51.87
CA ASN C 47 36.83 20.97 52.71
C ASN C 47 38.36 21.02 52.99
N GLY C 48 39.00 22.12 52.61
CA GLY C 48 40.43 22.36 52.81
C GLY C 48 41.33 21.34 52.16
N ILE C 49 40.96 20.87 50.95
CA ILE C 49 41.74 19.89 50.19
C ILE C 49 42.72 20.66 49.31
N THR C 50 44.03 20.48 49.60
CA THR C 50 45.14 21.11 48.89
C THR C 50 46.02 20.01 48.25
N GLY C 51 47.18 20.40 47.72
CA GLY C 51 48.13 19.48 47.10
C GLY C 51 48.90 18.65 48.11
N ASP C 52 48.79 18.98 49.41
CA ASP C 52 49.46 18.32 50.52
C ASP C 52 48.50 17.41 51.34
N SER C 53 47.19 17.47 51.03
CA SER C 53 46.15 16.71 51.73
C SER C 53 46.30 15.20 51.53
N ILE C 54 46.77 14.77 50.33
CA ILE C 54 46.93 13.36 49.99
C ILE C 54 48.43 13.00 50.07
N GLN C 55 48.79 12.20 51.08
CA GLN C 55 50.14 11.70 51.33
C GLN C 55 50.13 10.17 51.33
N SER C 56 48.94 9.57 51.55
CA SER C 56 48.68 8.14 51.54
C SER C 56 47.33 7.87 50.84
N LEU C 57 47.04 6.60 50.50
CA LEU C 57 45.79 6.22 49.83
C LEU C 57 44.60 6.37 50.78
N ASP C 58 44.82 6.25 52.12
CA ASP C 58 43.78 6.41 53.14
C ASP C 58 43.31 7.87 53.25
N ASP C 59 44.17 8.84 52.86
CA ASP C 59 43.87 10.28 52.89
C ASP C 59 42.75 10.67 51.90
N ILE C 60 42.32 9.76 50.99
CA ILE C 60 41.24 10.02 50.03
C ILE C 60 39.92 10.25 50.79
N ARG C 61 39.78 9.67 52.00
CA ARG C 61 38.58 9.75 52.86
C ARG C 61 38.39 11.18 53.43
N LYS C 62 39.39 12.07 53.23
CA LYS C 62 39.28 13.50 53.60
C LYS C 62 38.33 14.22 52.66
N ILE C 63 38.27 13.75 51.39
CA ILE C 63 37.44 14.29 50.32
C ILE C 63 36.01 13.71 50.42
N PRO C 64 34.94 14.55 50.36
CA PRO C 64 33.58 14.00 50.41
C PRO C 64 33.23 13.23 49.12
N PHE C 65 32.16 12.43 49.18
CA PHE C 65 31.71 11.64 48.02
C PHE C 65 31.07 12.52 46.94
N THR C 66 31.16 12.07 45.68
CA THR C 66 30.53 12.73 44.53
C THR C 66 29.31 11.87 44.18
N THR C 67 28.11 12.44 44.34
CA THR C 67 26.87 11.72 44.08
C THR C 67 26.35 12.07 42.69
N LYS C 68 25.36 11.30 42.19
CA LYS C 68 24.72 11.53 40.91
C LYS C 68 23.93 12.86 40.97
N SER C 69 23.34 13.17 42.15
CA SER C 69 22.60 14.40 42.42
C SER C 69 23.50 15.64 42.19
N ASP C 70 24.76 15.59 42.68
CA ASP C 70 25.76 16.65 42.53
C ASP C 70 26.10 16.86 41.05
N ARG C 72 24.16 16.03 38.41
CA ARG C 72 22.94 16.57 37.79
C ARG C 72 22.82 18.07 38.03
N ALA C 73 23.22 18.52 39.25
CA ALA C 73 23.20 19.92 39.67
C ALA C 73 24.23 20.77 38.92
N ASN C 74 25.31 20.13 38.41
CA ASN C 74 26.38 20.80 37.68
C ASN C 74 26.36 20.43 36.19
N TYR C 75 25.20 20.00 35.68
CA TYR C 75 24.99 19.65 34.27
C TYR C 75 25.05 20.93 33.39
N PRO C 76 25.77 20.90 32.24
CA PRO C 76 26.47 19.75 31.65
C PRO C 76 27.98 19.66 31.90
N PHE C 77 28.69 20.78 32.11
CA PHE C 77 30.16 20.70 32.16
C PHE C 77 30.77 21.27 33.46
N GLY C 78 30.04 21.21 34.57
CA GLY C 78 30.52 21.65 35.88
C GLY C 78 31.70 20.89 36.43
N LEU C 79 31.89 19.62 36.00
CA LEU C 79 32.99 18.77 36.49
C LEU C 79 34.10 18.62 35.42
N VAL C 80 34.04 19.37 34.31
CA VAL C 80 35.07 19.33 33.25
C VAL C 80 36.29 20.10 33.77
N ALA C 81 37.42 19.38 33.86
CA ALA C 81 38.70 19.89 34.37
C ALA C 81 39.65 20.36 33.27
N GLY C 82 39.67 19.65 32.14
CA GLY C 82 40.55 19.97 31.02
C GLY C 82 40.05 21.05 30.08
N ASP C 83 40.80 21.28 28.99
CA ASP C 83 40.44 22.27 27.96
C ASP C 83 39.58 21.55 26.93
N LYS C 85 37.36 22.77 24.64
CA LYS C 85 37.31 23.39 23.31
C LYS C 85 38.41 22.83 22.40
N ARG C 86 39.64 22.66 22.90
CA ARG C 86 40.72 22.16 22.06
C ARG C 86 40.98 20.66 22.27
N ASP C 87 40.90 20.12 23.50
CA ASP C 87 41.24 18.69 23.69
C ASP C 87 40.02 17.75 23.87
N GLY C 88 38.82 18.28 24.09
CA GLY C 88 37.62 17.45 24.24
C GLY C 88 37.24 16.83 22.90
N VAL C 89 37.13 15.49 22.82
CA VAL C 89 36.84 14.82 21.54
C VAL C 89 35.52 14.01 21.60
N ARG C 90 34.94 13.73 22.79
CA ARG C 90 33.68 12.99 22.82
C ARG C 90 32.89 13.24 24.10
N ILE C 91 31.55 13.23 23.95
CA ILE C 91 30.56 13.34 25.01
C ILE C 91 29.72 12.07 25.06
N HIS C 92 29.66 11.42 26.21
CA HIS C 92 28.74 10.30 26.45
C HIS C 92 27.70 10.79 27.44
N SER C 93 26.45 10.81 26.99
CA SER C 93 25.33 11.30 27.80
C SER C 93 24.37 10.17 28.15
N SER C 94 23.73 10.27 29.34
CA SER C 94 22.71 9.29 29.71
C SER C 94 21.39 9.72 29.06
N SER C 95 20.35 8.87 29.13
CA SER C 95 19.04 9.11 28.52
C SER C 95 18.30 10.31 29.16
N GLY C 96 17.28 10.80 28.46
CA GLY C 96 16.40 11.84 28.99
C GLY C 96 16.44 13.24 28.44
N THR C 97 15.27 13.92 28.55
CA THR C 97 15.00 15.31 28.16
C THR C 97 14.19 16.00 29.27
N THR C 98 13.52 15.20 30.13
CA THR C 98 12.66 15.66 31.22
C THR C 98 13.49 16.13 32.44
N GLY C 99 14.71 15.62 32.55
CA GLY C 99 15.64 15.94 33.63
C GLY C 99 17.07 16.09 33.13
N ASN C 100 17.98 16.56 34.00
CA ASN C 100 19.38 16.74 33.67
C ASN C 100 20.10 15.38 33.60
N PRO C 101 20.54 14.94 32.40
CA PRO C 101 21.22 13.65 32.29
C PRO C 101 22.66 13.70 32.82
N THR C 102 23.35 12.55 32.76
CA THR C 102 24.75 12.39 33.16
C THR C 102 25.61 12.60 31.92
N VAL C 103 26.62 13.47 32.00
CA VAL C 103 27.50 13.74 30.87
C VAL C 103 28.96 13.46 31.28
N ILE C 104 29.65 12.65 30.47
CA ILE C 104 31.06 12.33 30.63
C ILE C 104 31.78 12.86 29.38
N VAL C 105 32.77 13.73 29.58
CA VAL C 105 33.53 14.33 28.49
C VAL C 105 34.92 13.68 28.48
N HIS C 106 35.36 13.22 27.30
CA HIS C 106 36.64 12.55 27.10
C HIS C 106 37.57 13.31 26.16
N SER C 107 38.87 13.23 26.44
CA SER C 107 39.95 13.72 25.57
C SER C 107 40.47 12.52 24.79
N GLN C 108 41.41 12.71 23.85
CA GLN C 108 41.96 11.59 23.08
C GLN C 108 42.67 10.61 24.02
N HIS C 109 43.41 11.13 25.03
CA HIS C 109 44.09 10.32 26.06
C HIS C 109 43.10 9.38 26.76
N ASP C 110 41.93 9.93 27.16
CA ASP C 110 40.87 9.23 27.86
C ASP C 110 40.27 8.11 26.99
N LEU C 111 40.09 8.35 25.68
CA LEU C 111 39.55 7.33 24.77
C LEU C 111 40.56 6.20 24.56
N ASP C 112 41.86 6.54 24.46
CA ASP C 112 42.95 5.58 24.27
C ASP C 112 43.15 4.73 25.52
N SER C 113 43.02 5.35 26.73
CA SER C 113 43.12 4.64 28.01
C SER C 113 41.99 3.62 28.15
N TRP C 114 40.77 4.03 27.74
CA TRP C 114 39.55 3.24 27.78
C TRP C 114 39.66 2.07 26.77
N ALA C 115 40.11 2.35 25.53
CA ALA C 115 40.31 1.33 24.49
C ALA C 115 41.36 0.29 24.93
N ASN C 116 42.43 0.73 25.63
CA ASN C 116 43.49 -0.15 26.14
C ASN C 116 42.93 -1.09 27.22
N LEU C 117 42.07 -0.58 28.12
CA LEU C 117 41.44 -1.37 29.19
C LEU C 117 40.53 -2.45 28.61
N VAL C 118 39.76 -2.13 27.54
CA VAL C 118 38.85 -3.07 26.88
C VAL C 118 39.70 -4.15 26.19
N ALA C 119 40.79 -3.76 25.51
CA ALA C 119 41.72 -4.70 24.85
C ALA C 119 42.36 -5.64 25.87
N ARG C 120 42.73 -5.10 27.06
CA ARG C 120 43.30 -5.85 28.18
C ARG C 120 42.32 -6.92 28.68
N CYS C 121 41.02 -6.55 28.82
CA CYS C 121 39.92 -7.43 29.26
C CYS C 121 39.73 -8.57 28.28
N LEU C 122 39.59 -8.25 26.98
CA LEU C 122 39.34 -9.22 25.90
C LEU C 122 40.52 -10.19 25.77
N TYR C 123 41.77 -9.70 25.85
CA TYR C 123 42.97 -10.53 25.76
C TYR C 123 43.04 -11.51 26.95
N VAL C 125 40.62 -12.98 28.62
CA VAL C 125 39.70 -14.12 28.52
C VAL C 125 40.03 -14.99 27.27
N GLY C 126 41.17 -14.74 26.63
CA GLY C 126 41.67 -15.53 25.51
C GLY C 126 41.37 -15.05 24.09
N ILE C 127 40.76 -13.87 23.94
CA ILE C 127 40.46 -13.31 22.61
C ILE C 127 41.76 -12.71 22.05
N ARG C 128 42.04 -12.98 20.76
CA ARG C 128 43.23 -12.52 20.05
C ARG C 128 42.84 -11.74 18.78
N LYS C 129 43.84 -11.18 18.07
CA LYS C 129 43.63 -10.41 16.84
C LYS C 129 43.04 -11.31 15.72
N THR C 130 43.25 -12.64 15.83
CA THR C 130 42.76 -13.65 14.88
C THR C 130 41.25 -13.91 15.05
N ASP C 131 40.66 -13.47 16.17
CA ASP C 131 39.23 -13.64 16.43
C ASP C 131 38.37 -12.66 15.63
N VAL C 132 37.13 -13.07 15.36
CA VAL C 132 36.10 -12.27 14.69
C VAL C 132 35.15 -11.84 15.81
N PHE C 133 35.21 -10.56 16.20
CA PHE C 133 34.45 -10.02 17.33
C PHE C 133 33.17 -9.31 16.85
N GLN C 134 32.00 -9.76 17.35
CA GLN C 134 30.71 -9.17 17.02
C GLN C 134 30.14 -8.46 18.26
N ASN C 135 29.75 -7.20 18.09
CA ASN C 135 29.19 -6.39 19.18
C ASN C 135 27.69 -6.18 18.95
N SER C 136 26.84 -6.80 19.80
CA SER C 136 25.38 -6.69 19.69
C SER C 136 24.83 -5.57 20.61
N SER C 137 25.73 -4.78 21.20
CA SER C 137 25.35 -3.65 22.04
C SER C 137 24.92 -2.49 21.17
N GLY C 138 24.01 -1.67 21.69
CA GLY C 138 23.57 -0.46 21.01
C GLY C 138 24.73 0.50 20.86
N TYR C 139 24.78 1.22 19.74
CA TYR C 139 25.85 2.17 19.52
C TYR C 139 25.35 3.58 19.89
N GLY C 140 25.87 4.62 19.25
CA GLY C 140 25.49 6.00 19.56
C GLY C 140 26.02 6.43 20.92
N PHE C 142 25.31 5.00 23.83
CA PHE C 142 25.59 3.84 24.68
C PHE C 142 27.09 3.52 24.62
N THR C 143 27.75 3.51 25.79
CA THR C 143 29.20 3.30 25.89
C THR C 143 29.63 1.86 25.51
N GLY C 144 28.69 0.90 25.50
CA GLY C 144 28.95 -0.47 25.09
C GLY C 144 29.28 -0.64 23.61
N GLY C 145 28.72 0.25 22.78
CA GLY C 145 28.92 0.24 21.33
C GLY C 145 30.33 0.65 20.95
N LEU C 146 30.63 1.96 21.08
CA LEU C 146 31.95 2.53 20.75
C LEU C 146 33.04 1.99 21.68
N GLY C 147 32.68 1.64 22.92
CA GLY C 147 33.61 1.09 23.91
C GLY C 147 34.29 -0.19 23.48
N PHE C 148 33.47 -1.21 23.13
CA PHE C 148 33.99 -2.50 22.66
C PHE C 148 34.52 -2.39 21.23
N GLN C 149 33.96 -1.47 20.41
CA GLN C 149 34.40 -1.28 19.03
C GLN C 149 35.89 -0.84 19.00
N TYR C 150 36.25 0.18 19.79
CA TYR C 150 37.60 0.74 19.86
C TYR C 150 38.56 -0.25 20.52
N GLY C 151 38.09 -0.93 21.57
CA GLY C 151 38.89 -1.91 22.30
C GLY C 151 39.25 -3.14 21.48
N ALA C 152 38.27 -3.69 20.72
CA ALA C 152 38.48 -4.86 19.85
C ALA C 152 39.37 -4.50 18.66
N GLU C 153 39.25 -3.26 18.11
CA GLU C 153 40.11 -2.80 17.02
C GLU C 153 41.54 -2.63 17.52
N ARG C 154 41.70 -2.12 18.78
CA ARG C 154 43.02 -1.94 19.40
CA ARG C 154 43.01 -1.94 19.43
C ARG C 154 43.71 -3.31 19.54
N LEU C 155 42.95 -4.36 19.89
CA LEU C 155 43.45 -5.73 20.01
C LEU C 155 43.78 -6.27 18.60
N GLY C 156 43.01 -5.85 17.59
CA GLY C 156 43.23 -6.25 16.20
C GLY C 156 42.23 -7.23 15.63
N CYS C 157 41.14 -7.50 16.39
CA CYS C 157 40.05 -8.39 15.99
C CYS C 157 39.40 -7.91 14.71
N LEU C 158 38.86 -8.85 13.92
CA LEU C 158 38.00 -8.52 12.78
C LEU C 158 36.64 -8.19 13.39
N THR C 159 36.34 -6.89 13.58
CA THR C 159 35.11 -6.49 14.26
C THR C 159 33.90 -6.50 13.33
N VAL C 160 32.74 -6.81 13.91
CA VAL C 160 31.42 -6.88 13.27
C VAL C 160 30.51 -5.92 14.08
N PRO C 161 30.42 -4.62 13.71
CA PRO C 161 29.57 -3.69 14.48
C PRO C 161 28.08 -3.90 14.16
N ALA C 162 27.53 -5.05 14.55
CA ALA C 162 26.14 -5.46 14.29
C ALA C 162 25.13 -4.53 14.96
N ALA C 163 25.46 -4.00 16.16
CA ALA C 163 24.62 -3.16 17.03
C ALA C 163 23.43 -3.99 17.57
N ALA C 164 22.44 -3.34 18.23
CA ALA C 164 21.32 -4.03 18.88
C ALA C 164 20.29 -4.61 17.90
N GLY C 165 19.59 -5.65 18.38
CA GLY C 165 18.48 -6.31 17.69
C GLY C 165 18.75 -7.01 16.38
N ASN C 166 17.64 -7.39 15.69
CA ASN C 166 17.56 -8.09 14.41
C ASN C 166 18.36 -9.41 14.52
N SER C 167 17.85 -10.33 15.35
CA SER C 167 18.45 -11.63 15.68
C SER C 167 18.77 -12.49 14.45
N LYS C 168 17.90 -12.46 13.41
CA LYS C 168 18.13 -13.24 12.18
C LYS C 168 19.41 -12.74 11.48
N ARG C 169 19.64 -11.41 11.48
CA ARG C 169 20.82 -10.79 10.87
C ARG C 169 22.06 -11.11 11.73
N GLN C 170 21.89 -11.16 13.07
CA GLN C 170 22.96 -11.50 14.04
C GLN C 170 23.49 -12.92 13.77
N ILE C 171 22.56 -13.88 13.57
CA ILE C 171 22.82 -15.29 13.27
C ILE C 171 23.49 -15.40 11.88
N LYS C 172 23.03 -14.58 10.91
CA LYS C 172 23.59 -14.55 9.56
C LYS C 172 25.06 -14.10 9.60
N PHE C 173 25.37 -13.03 10.38
CA PHE C 173 26.74 -12.51 10.53
C PHE C 173 27.67 -13.57 11.16
N ILE C 174 27.19 -14.28 12.21
CA ILE C 174 27.95 -15.32 12.90
C ILE C 174 28.27 -16.47 11.92
N SER C 175 27.28 -16.91 11.13
CA SER C 175 27.41 -18.00 10.17
C SER C 175 28.32 -17.65 8.98
N ASP C 176 28.15 -16.44 8.41
CA ASP C 176 28.87 -16.00 7.20
C ASP C 176 30.26 -15.39 7.49
N PHE C 177 30.43 -14.66 8.61
CA PHE C 177 31.73 -14.02 8.88
C PHE C 177 32.58 -14.87 9.83
N LYS C 178 32.04 -16.01 10.29
CA LYS C 178 32.64 -17.01 11.19
C LYS C 178 33.06 -16.33 12.50
N THR C 179 32.09 -15.66 13.17
CA THR C 179 32.25 -14.98 14.46
C THR C 179 32.69 -15.98 15.52
N THR C 180 33.71 -15.63 16.30
CA THR C 180 34.27 -16.47 17.36
C THR C 180 34.06 -15.83 18.74
N ALA C 181 33.97 -14.48 18.79
CA ALA C 181 33.75 -13.73 20.04
C ALA C 181 32.52 -12.82 19.89
N LEU C 182 31.62 -12.87 20.88
CA LEU C 182 30.38 -12.09 20.83
C LEU C 182 30.11 -11.34 22.13
N HIS C 183 29.78 -10.05 22.02
CA HIS C 183 29.39 -9.23 23.16
C HIS C 183 27.86 -9.06 23.12
N ALA C 184 27.18 -9.51 24.18
CA ALA C 184 25.73 -9.45 24.31
C ALA C 184 25.30 -9.39 25.78
N ILE C 185 24.10 -8.88 26.06
CA ILE C 185 23.56 -8.91 27.43
C ILE C 185 23.11 -10.38 27.66
N PRO C 186 23.17 -10.92 28.91
CA PRO C 186 22.85 -12.33 29.12
C PRO C 186 21.51 -12.79 28.51
N SER C 187 20.42 -12.01 28.66
CA SER C 187 19.10 -12.37 28.14
C SER C 187 19.07 -12.40 26.59
N TYR C 188 19.89 -11.56 25.93
CA TYR C 188 19.92 -11.55 24.46
C TYR C 188 20.72 -12.75 23.93
N ALA C 189 21.74 -13.21 24.68
CA ALA C 189 22.54 -14.39 24.31
C ALA C 189 21.65 -15.66 24.26
N ILE C 190 20.66 -15.75 25.19
CA ILE C 190 19.69 -16.85 25.27
C ILE C 190 18.75 -16.75 24.05
N ARG C 191 18.28 -15.52 23.73
CA ARG C 191 17.42 -15.21 22.61
C ARG C 191 18.08 -15.63 21.27
N LEU C 192 19.39 -15.35 21.11
CA LEU C 192 20.14 -15.71 19.91
C LEU C 192 20.23 -17.24 19.75
N ALA C 193 20.46 -17.98 20.84
CA ALA C 193 20.52 -19.44 20.85
C ALA C 193 19.18 -20.03 20.39
N GLU C 194 18.07 -19.39 20.81
CA GLU C 194 16.70 -19.79 20.45
CA GLU C 194 16.69 -19.75 20.46
C GLU C 194 16.44 -19.52 18.97
N VAL C 195 16.91 -18.36 18.45
CA VAL C 195 16.74 -17.96 17.04
C VAL C 195 17.58 -18.91 16.15
N PHE C 196 18.76 -19.38 16.62
CA PHE C 196 19.57 -20.36 15.88
C PHE C 196 18.76 -21.64 15.57
N GLN C 197 18.12 -22.21 16.62
CA GLN C 197 17.28 -23.42 16.53
C GLN C 197 16.09 -23.19 15.58
N GLU C 198 15.46 -21.99 15.66
CA GLU C 198 14.31 -21.61 14.82
C GLU C 198 14.67 -21.59 13.33
N GLU C 199 15.93 -21.25 13.00
CA GLU C 199 16.44 -21.18 11.64
C GLU C 199 17.10 -22.51 11.21
N GLY C 200 16.91 -23.56 12.01
CA GLY C 200 17.43 -24.90 11.74
C GLY C 200 18.93 -25.06 11.91
N ILE C 201 19.54 -24.24 12.78
CA ILE C 201 20.98 -24.29 13.07
C ILE C 201 21.17 -24.76 14.52
N ASP C 202 22.09 -25.73 14.74
CA ASP C 202 22.42 -26.21 16.08
C ASP C 202 23.21 -25.09 16.79
N PRO C 203 22.68 -24.48 17.89
CA PRO C 203 23.41 -23.35 18.52
C PRO C 203 24.75 -23.75 19.14
N ARG C 204 25.00 -25.06 19.31
CA ARG C 204 26.24 -25.61 19.86
C ARG C 204 27.28 -25.94 18.77
N GLU C 205 26.90 -25.85 17.48
CA GLU C 205 27.81 -26.21 16.39
C GLU C 205 28.14 -24.99 15.50
N THR C 206 28.33 -23.81 16.12
CA THR C 206 28.71 -22.61 15.37
C THR C 206 30.22 -22.35 15.58
N THR C 207 30.74 -21.26 14.99
CA THR C 207 32.15 -20.87 15.11
C THR C 207 32.41 -20.12 16.43
N LEU C 208 31.34 -19.78 17.19
CA LEU C 208 31.44 -19.09 18.49
C LEU C 208 32.27 -19.87 19.49
N LYS C 209 33.15 -19.17 20.22
CA LYS C 209 34.03 -19.76 21.22
C LYS C 209 33.95 -18.99 22.54
N THR C 210 33.93 -17.64 22.47
CA THR C 210 33.92 -16.80 23.67
C THR C 210 32.74 -15.82 23.64
N LEU C 211 32.09 -15.66 24.80
CA LEU C 211 31.00 -14.70 24.98
C LEU C 211 31.34 -13.73 26.10
N VAL C 212 31.05 -12.46 25.87
CA VAL C 212 31.26 -11.39 26.84
C VAL C 212 29.88 -10.88 27.22
N ILE C 213 29.47 -11.11 28.48
CA ILE C 213 28.12 -10.73 28.92
C ILE C 213 28.21 -9.74 30.11
N GLY C 214 27.38 -8.71 30.05
CA GLY C 214 27.28 -7.69 31.09
C GLY C 214 26.06 -6.78 31.00
N ALA C 215 26.20 -5.54 31.52
CA ALA C 215 25.23 -4.41 31.53
C ALA C 215 24.05 -4.64 32.52
N GLU C 216 23.80 -5.89 32.95
CA GLU C 216 22.68 -6.20 33.85
C GLU C 216 23.04 -7.35 34.81
N PRO C 217 22.41 -7.42 36.02
CA PRO C 217 22.70 -8.51 36.95
C PRO C 217 22.25 -9.88 36.41
N HIS C 218 23.00 -10.94 36.75
CA HIS C 218 22.70 -12.33 36.36
C HIS C 218 23.47 -13.29 37.27
N THR C 219 22.89 -14.46 37.54
CA THR C 219 23.50 -15.48 38.39
C THR C 219 24.54 -16.28 37.61
N ASP C 220 25.37 -17.05 38.33
CA ASP C 220 26.38 -17.92 37.74
C ASP C 220 25.70 -19.03 36.93
N GLU C 221 24.53 -19.52 37.41
CA GLU C 221 23.70 -20.55 36.79
C GLU C 221 23.17 -20.06 35.42
N GLN C 222 22.72 -18.77 35.33
CA GLN C 222 22.24 -18.17 34.07
CA GLN C 222 22.24 -18.16 34.08
C GLN C 222 23.35 -18.18 33.03
N ARG C 223 24.58 -17.90 33.48
CA ARG C 223 25.77 -17.88 32.63
C ARG C 223 26.10 -19.30 32.17
N ARG C 224 26.01 -20.30 33.08
CA ARG C 224 26.28 -21.72 32.76
C ARG C 224 25.24 -22.24 31.77
N LYS C 225 23.99 -21.73 31.84
CA LYS C 225 22.92 -22.07 30.90
C LYS C 225 23.31 -21.57 29.50
N ILE C 226 23.83 -20.33 29.40
CA ILE C 226 24.28 -19.68 28.15
C ILE C 226 25.45 -20.50 27.56
N GLU C 227 26.41 -20.92 28.42
CA GLU C 227 27.58 -21.72 28.04
C GLU C 227 27.15 -23.08 27.44
N ARG C 228 26.14 -23.74 28.02
CA ARG C 228 25.63 -25.03 27.55
C ARG C 228 24.83 -24.89 26.25
N LEU C 230 25.08 -22.58 23.81
CA LEU C 230 25.90 -22.16 22.66
C LEU C 230 27.26 -22.87 22.59
N ASN C 231 27.59 -23.76 23.57
CA ASN C 231 28.86 -24.50 23.66
C ASN C 231 30.03 -23.48 23.59
N VAL C 232 30.02 -22.53 24.53
CA VAL C 232 31.00 -21.44 24.61
C VAL C 232 31.46 -21.23 26.05
N LYS C 233 32.43 -20.34 26.22
CA LYS C 233 32.90 -19.87 27.51
C LYS C 233 32.41 -18.43 27.65
N ALA C 234 31.56 -18.15 28.64
CA ALA C 234 30.99 -16.82 28.84
C ALA C 234 31.67 -16.14 30.03
N TYR C 235 31.95 -14.83 29.89
CA TYR C 235 32.66 -14.09 30.94
C TYR C 235 31.90 -12.83 31.33
N ASN C 236 31.83 -12.58 32.65
CA ASN C 236 31.13 -11.44 33.22
C ASN C 236 31.95 -10.16 32.99
N SER C 237 31.29 -9.15 32.37
CA SER C 237 31.84 -7.85 32.00
C SER C 237 31.17 -6.73 32.76
N PHE C 238 31.93 -5.98 33.56
CA PHE C 238 31.39 -4.86 34.33
C PHE C 238 31.93 -3.53 33.83
N GLY C 239 31.07 -2.52 33.91
CA GLY C 239 31.38 -1.16 33.54
C GLY C 239 30.20 -0.22 33.68
N THR C 241 29.12 4.20 32.44
CA THR C 241 29.39 5.41 31.65
C THR C 241 30.34 6.37 32.43
N GLU C 242 30.10 6.53 33.75
CA GLU C 242 30.90 7.38 34.63
C GLU C 242 32.37 6.93 34.69
N ASN C 244 33.91 5.28 32.20
CA ASN C 244 34.19 5.15 30.75
C ASN C 244 33.07 4.37 30.07
N GLY C 245 32.81 3.17 30.56
CA GLY C 245 31.83 2.21 30.04
C GLY C 245 32.40 0.83 30.27
N PRO C 246 32.52 -0.02 29.23
CA PRO C 246 33.18 -1.34 29.46
C PRO C 246 34.68 -1.22 29.74
N GLY C 247 35.27 -2.30 30.27
CA GLY C 247 36.70 -2.38 30.59
C GLY C 247 37.08 -2.02 32.01
N VAL C 248 36.09 -1.83 32.90
CA VAL C 248 36.27 -1.41 34.30
C VAL C 248 36.64 -2.65 35.16
N ALA C 249 35.78 -3.68 35.15
CA ALA C 249 36.00 -4.94 35.87
C ALA C 249 35.58 -6.09 34.97
N PHE C 250 36.33 -7.21 35.04
CA PHE C 250 36.13 -8.35 34.15
C PHE C 250 36.65 -9.65 34.76
N GLU C 251 35.95 -10.77 34.51
CA GLU C 251 36.40 -12.09 34.96
C GLU C 251 37.63 -12.54 34.21
N CYS C 252 38.48 -13.37 34.85
CA CYS C 252 39.61 -13.98 34.17
C CYS C 252 39.17 -15.36 33.68
N GLN C 253 40.09 -16.22 33.22
CA GLN C 253 39.68 -17.54 32.73
C GLN C 253 39.32 -18.48 33.92
N GLU C 254 39.53 -18.05 35.18
CA GLU C 254 39.14 -18.80 36.38
C GLU C 254 37.64 -18.69 36.65
N GLN C 255 36.98 -17.64 36.08
CA GLN C 255 35.55 -17.33 36.20
C GLN C 255 35.11 -17.32 37.67
N ASN C 256 35.89 -16.62 38.52
CA ASN C 256 35.64 -16.49 39.95
C ASN C 256 36.05 -15.09 40.40
N GLY C 257 35.08 -14.17 40.31
CA GLY C 257 35.28 -12.77 40.63
C GLY C 257 35.79 -11.97 39.45
N HIS C 259 38.18 -9.12 38.09
CA HIS C 259 39.39 -8.35 38.34
C HIS C 259 39.14 -6.88 38.00
N PHE C 260 39.29 -5.98 39.00
CA PHE C 260 39.15 -4.53 38.85
C PHE C 260 40.51 -3.94 38.51
N TRP C 261 40.62 -3.15 37.43
CA TRP C 261 41.93 -2.60 37.04
C TRP C 261 42.25 -1.41 37.92
N GLU C 262 43.01 -1.69 38.98
CA GLU C 262 43.41 -0.76 40.03
C GLU C 262 44.42 0.28 39.56
N ASP C 263 45.04 0.11 38.38
CA ASP C 263 45.95 1.12 37.84
C ASP C 263 45.15 2.31 37.29
N CYS C 264 43.85 2.10 36.95
CA CYS C 264 42.99 3.14 36.40
C CYS C 264 41.82 3.47 37.34
N TYR C 265 41.61 2.69 38.41
CA TYR C 265 40.50 2.93 39.36
C TYR C 265 40.91 2.66 40.81
N LEU C 266 40.45 3.50 41.74
CA LEU C 266 40.65 3.30 43.18
C LEU C 266 39.31 2.81 43.72
N VAL C 267 39.29 1.57 44.24
CA VAL C 267 38.07 0.90 44.70
C VAL C 267 37.90 1.04 46.21
N GLU C 268 36.69 1.43 46.62
CA GLU C 268 36.24 1.54 48.01
C GLU C 268 34.89 0.85 48.17
N ILE C 269 34.71 0.07 49.24
CA ILE C 269 33.44 -0.61 49.56
C ILE C 269 32.98 0.02 50.88
N ILE C 270 32.01 0.94 50.79
CA ILE C 270 31.54 1.73 51.91
C ILE C 270 30.15 1.24 52.38
N ASP C 271 29.84 1.48 53.66
CA ASP C 271 28.55 1.18 54.27
C ASP C 271 27.57 2.24 53.76
N PRO C 272 26.45 1.86 53.09
CA PRO C 272 25.55 2.88 52.50
C PRO C 272 24.89 3.81 53.54
N GLU C 273 24.87 3.41 54.82
CA GLU C 273 24.28 4.20 55.90
C GLU C 273 25.32 5.15 56.52
N THR C 274 26.37 4.61 57.16
CA THR C 274 27.41 5.36 57.89
C THR C 274 28.35 6.16 56.95
N GLY C 275 28.62 5.62 55.76
CA GLY C 275 29.54 6.23 54.80
C GLY C 275 30.99 5.93 55.11
N GLU C 276 31.22 4.88 55.92
CA GLU C 276 32.53 4.40 56.37
C GLU C 276 32.92 3.11 55.64
N PRO C 277 34.23 2.76 55.48
CA PRO C 277 34.57 1.50 54.80
C PRO C 277 34.06 0.28 55.56
N VAL C 278 33.51 -0.70 54.84
CA VAL C 278 32.96 -1.93 55.45
C VAL C 278 34.12 -2.84 55.91
N PRO C 279 33.91 -3.77 56.89
CA PRO C 279 35.01 -4.71 57.24
C PRO C 279 35.41 -5.53 56.01
N GLU C 280 36.72 -5.84 55.87
CA GLU C 280 37.31 -6.56 54.74
C GLU C 280 36.47 -7.80 54.32
N GLY C 281 35.90 -7.74 53.11
CA GLY C 281 35.12 -8.82 52.52
C GLY C 281 33.61 -8.75 52.65
N GLU C 282 33.07 -7.73 53.36
CA GLU C 282 31.62 -7.54 53.57
C GLU C 282 30.97 -6.81 52.39
N ILE C 283 29.66 -7.02 52.19
CA ILE C 283 28.87 -6.38 51.12
C ILE C 283 28.61 -4.93 51.52
N GLY C 284 28.85 -4.03 50.57
CA GLY C 284 28.62 -2.60 50.74
C GLY C 284 28.49 -1.91 49.40
N GLU C 285 28.43 -0.58 49.41
CA GLU C 285 28.29 0.24 48.20
C GLU C 285 29.66 0.49 47.57
N LEU C 286 29.77 0.24 46.26
CA LEU C 286 30.98 0.44 45.45
C LEU C 286 31.19 1.95 45.21
N VAL C 287 32.33 2.49 45.66
CA VAL C 287 32.70 3.91 45.55
C VAL C 287 34.00 3.94 44.73
N LEU C 288 33.99 4.66 43.61
CA LEU C 288 35.14 4.62 42.68
C LEU C 288 35.72 6.00 42.36
N THR C 289 37.05 6.01 42.12
CA THR C 289 37.84 7.18 41.74
C THR C 289 38.63 6.83 40.48
N THR C 290 38.50 7.65 39.41
CA THR C 290 39.26 7.46 38.17
C THR C 290 40.73 7.81 38.45
N LEU C 291 41.68 7.08 37.83
CA LEU C 291 43.10 7.36 38.05
C LEU C 291 43.83 7.67 36.74
N ASP C 292 43.22 7.45 35.56
CA ASP C 292 43.88 7.72 34.28
C ASP C 292 43.01 8.66 33.38
N ARG C 293 41.94 9.25 33.95
CA ARG C 293 41.07 10.19 33.24
C ARG C 293 41.57 11.63 33.45
N GLU C 294 41.60 12.44 32.37
CA GLU C 294 42.14 13.79 32.44
C GLU C 294 41.11 14.89 32.13
N PRO C 297 37.86 13.90 35.40
CA PRO C 297 38.03 12.84 36.41
C PRO C 297 36.89 12.85 37.43
N LEU C 298 36.64 11.68 38.05
CA LEU C 298 35.60 11.53 39.08
C LEU C 298 36.25 11.01 40.34
N ILE C 299 36.01 11.70 41.48
CA ILE C 299 36.61 11.36 42.77
C ILE C 299 35.51 10.86 43.71
N ARG C 300 35.74 9.65 44.25
CA ARG C 300 34.89 8.92 45.20
C ARG C 300 33.41 8.98 44.76
N TYR C 301 33.13 8.51 43.55
CA TYR C 301 31.79 8.51 43.00
C TYR C 301 30.98 7.35 43.60
N ARG C 302 29.83 7.68 44.21
CA ARG C 302 28.89 6.73 44.80
C ARG C 302 28.07 6.11 43.66
N THR C 303 28.47 4.91 43.22
CA THR C 303 27.88 4.18 42.10
C THR C 303 26.46 3.68 42.41
N ARG C 304 26.19 3.45 43.72
CA ARG C 304 24.98 2.91 44.35
C ARG C 304 24.90 1.39 44.10
N ASP C 305 25.91 0.81 43.40
CA ASP C 305 26.00 -0.64 43.19
C ASP C 305 26.47 -1.33 44.46
N LEU C 306 25.87 -2.48 44.77
CA LEU C 306 26.24 -3.26 45.95
C LEU C 306 27.03 -4.51 45.54
N THR C 307 28.23 -4.67 46.13
CA THR C 307 29.12 -5.82 45.93
C THR C 307 30.10 -5.92 47.12
N ARG C 308 31.05 -6.88 47.04
CA ARG C 308 32.08 -7.14 48.02
C ARG C 308 33.40 -7.53 47.33
N ILE C 309 34.53 -7.32 48.02
CA ILE C 309 35.85 -7.69 47.52
C ILE C 309 36.10 -9.14 47.94
N LEU C 310 36.36 -10.02 46.95
CA LEU C 310 36.64 -11.43 47.21
C LEU C 310 38.08 -11.59 47.71
N PRO C 311 38.29 -12.22 48.89
CA PRO C 311 39.66 -12.33 49.42
C PRO C 311 40.47 -13.44 48.76
N GLY C 312 41.79 -13.37 48.96
CA GLY C 312 42.75 -14.34 48.46
C GLY C 312 43.27 -14.03 47.07
N LYS C 313 44.48 -14.53 46.76
CA LYS C 313 45.15 -14.37 45.46
C LYS C 313 44.45 -15.22 44.41
N CYS C 314 44.40 -14.77 43.16
CA CYS C 314 43.79 -15.53 42.08
C CYS C 314 44.83 -16.43 41.40
N PRO C 315 44.48 -17.70 41.05
CA PRO C 315 45.46 -18.59 40.39
C PRO C 315 45.93 -18.11 39.00
N CYS C 316 45.30 -17.07 38.38
CA CYS C 316 45.73 -16.57 37.07
C CYS C 316 47.02 -15.72 37.23
N GLY C 317 47.39 -15.41 38.48
CA GLY C 317 48.59 -14.65 38.80
C GLY C 317 48.41 -13.16 38.88
N ARG C 318 47.23 -12.64 38.48
CA ARG C 318 46.95 -11.20 38.53
C ARG C 318 46.72 -10.77 39.98
N THR C 319 47.33 -9.64 40.33
CA THR C 319 47.33 -9.06 41.68
C THR C 319 46.19 -8.05 41.88
N HIS C 320 45.49 -7.66 40.81
CA HIS C 320 44.37 -6.72 40.86
C HIS C 320 43.18 -7.40 41.53
N LEU C 321 42.58 -6.71 42.55
CA LEU C 321 41.48 -7.20 43.38
C LEU C 321 40.28 -7.69 42.54
N ARG C 322 39.52 -8.65 43.09
CA ARG C 322 38.34 -9.22 42.46
C ARG C 322 37.08 -8.83 43.23
N ILE C 323 36.04 -8.40 42.50
CA ILE C 323 34.76 -8.08 43.09
C ILE C 323 33.78 -9.20 42.75
N ASP C 324 32.82 -9.43 43.65
CA ASP C 324 31.78 -10.42 43.44
C ASP C 324 30.73 -9.83 42.48
N ARG C 325 29.79 -10.65 42.01
CA ARG C 325 28.69 -10.24 41.13
C ARG C 325 27.88 -9.09 41.73
N ILE C 326 27.33 -8.23 40.88
CA ILE C 326 26.46 -7.12 41.31
C ILE C 326 25.03 -7.64 41.25
N LYS C 327 24.38 -7.81 42.41
CA LYS C 327 23.01 -8.33 42.44
C LYS C 327 21.98 -7.21 42.54
N GLY C 328 22.28 -6.19 43.34
CA GLY C 328 21.37 -5.06 43.55
C GLY C 328 22.03 -3.70 43.71
N ARG C 329 21.18 -2.68 43.94
CA ARG C 329 21.59 -1.30 44.12
C ARG C 329 20.96 -0.67 45.37
N SER C 330 21.56 0.43 45.87
CA SER C 330 21.08 1.14 47.06
C SER C 330 20.12 2.28 46.68
N ASP C 331 19.91 2.55 45.36
CA ASP C 331 19.00 3.60 44.90
C ASP C 331 17.75 2.95 44.26
N ASP C 332 16.88 3.76 43.61
CA ASP C 332 15.63 3.27 43.00
C ASP C 332 15.79 2.95 41.50
N PHE C 334 16.45 0.84 38.09
CA PHE C 334 16.19 -0.51 37.61
C PHE C 334 16.75 -0.67 36.19
N ILE C 335 17.21 -1.87 35.88
CA ILE C 335 17.81 -2.19 34.57
C ILE C 335 16.89 -3.18 33.84
N ILE C 336 16.52 -2.84 32.60
CA ILE C 336 15.69 -3.67 31.72
C ILE C 336 16.33 -3.62 30.33
N LYS C 337 16.66 -4.81 29.77
CA LYS C 337 17.31 -5.02 28.45
C LYS C 337 18.70 -4.33 28.43
N GLY C 338 19.35 -4.29 29.60
CA GLY C 338 20.67 -3.69 29.80
C GLY C 338 20.69 -2.17 29.87
N VAL C 339 19.50 -1.53 29.87
CA VAL C 339 19.36 -0.07 29.88
C VAL C 339 18.90 0.40 31.27
N ASN C 340 19.62 1.40 31.83
CA ASN C 340 19.36 2.00 33.14
C ASN C 340 18.19 2.99 33.07
N ILE C 341 17.20 2.83 33.98
CA ILE C 341 16.02 3.69 34.01
C ILE C 341 15.69 4.07 35.46
N PHE C 342 15.35 5.35 35.68
CA PHE C 342 14.89 5.87 36.96
C PHE C 342 13.37 6.05 36.91
N PRO C 343 12.60 5.66 37.96
CA PRO C 343 11.12 5.79 37.91
C PRO C 343 10.63 7.23 37.65
N GLN C 345 11.77 9.32 35.46
CA GLN C 345 11.78 9.54 34.00
C GLN C 345 10.41 9.19 33.42
N VAL C 346 9.76 8.15 33.96
CA VAL C 346 8.45 7.65 33.56
C VAL C 346 7.37 8.66 34.04
N GLU C 347 7.45 9.09 35.32
CA GLU C 347 6.50 10.03 35.93
C GLU C 347 6.48 11.38 35.20
N LYS C 348 7.66 11.95 34.87
CA LYS C 348 7.81 13.24 34.20
C LYS C 348 7.13 13.26 32.80
N ILE C 349 6.95 12.08 32.17
CA ILE C 349 6.26 11.94 30.88
C ILE C 349 4.74 11.87 31.11
N LEU C 350 4.31 10.99 32.05
CA LEU C 350 2.90 10.73 32.37
C LEU C 350 2.18 12.00 32.88
N VAL C 351 2.85 12.85 33.68
CA VAL C 351 2.25 14.07 34.27
C VAL C 351 1.88 15.11 33.18
N GLN C 352 2.52 15.06 31.99
CA GLN C 352 2.27 15.97 30.87
C GLN C 352 0.90 15.72 30.22
N PHE C 353 0.32 14.50 30.38
CA PHE C 353 -0.97 14.14 29.81
C PHE C 353 -2.10 14.44 30.82
N PRO C 354 -3.00 15.42 30.53
CA PRO C 354 -4.08 15.73 31.49
C PRO C 354 -5.18 14.66 31.53
N GLU C 355 -5.17 13.70 30.59
CA GLU C 355 -6.16 12.61 30.52
C GLU C 355 -5.82 11.51 31.53
N LEU C 356 -4.60 11.54 32.10
CA LEU C 356 -4.13 10.55 33.07
C LEU C 356 -4.21 11.04 34.50
N GLY C 357 -4.36 10.08 35.42
CA GLY C 357 -4.40 10.33 36.86
C GLY C 357 -3.02 10.56 37.44
N SER C 358 -2.92 10.48 38.77
CA SER C 358 -1.65 10.69 39.48
C SER C 358 -1.03 9.35 39.93
N ASN C 359 -1.85 8.28 40.03
CA ASN C 359 -1.38 6.97 40.48
C ASN C 359 -1.00 6.09 39.28
N TYR C 360 0.23 5.52 39.32
CA TYR C 360 0.81 4.66 38.28
C TYR C 360 1.65 3.53 38.92
N LEU C 361 1.92 2.45 38.15
CA LEU C 361 2.72 1.31 38.60
C LEU C 361 3.55 0.72 37.45
N ILE C 362 4.84 0.51 37.71
CA ILE C 362 5.80 -0.10 36.77
C ILE C 362 6.02 -1.54 37.22
N THR C 363 5.74 -2.51 36.34
CA THR C 363 5.91 -3.93 36.63
C THR C 363 6.96 -4.52 35.68
N LEU C 364 7.94 -5.24 36.25
CA LEU C 364 9.03 -5.87 35.50
C LEU C 364 8.90 -7.40 35.59
N GLU C 365 8.67 -8.06 34.45
CA GLU C 365 8.48 -9.52 34.36
C GLU C 365 9.38 -10.17 33.29
N THR C 366 9.57 -11.50 33.39
CA THR C 366 10.36 -12.30 32.44
C THR C 366 9.38 -13.20 31.66
N VAL C 367 9.29 -12.98 30.33
CA VAL C 367 8.42 -13.74 29.43
C VAL C 367 9.30 -14.36 28.34
N ASN C 368 9.37 -15.71 28.32
CA ASN C 368 10.16 -16.55 27.41
C ASN C 368 11.65 -16.14 27.45
N ASN C 369 12.21 -16.04 28.69
CA ASN C 369 13.60 -15.67 29.04
C ASN C 369 13.92 -14.20 28.68
N GLN C 370 12.94 -13.44 28.11
CA GLN C 370 13.09 -12.02 27.75
C GLN C 370 12.36 -11.14 28.77
N ASP C 371 12.99 -10.04 29.18
CA ASP C 371 12.42 -9.12 30.16
C ASP C 371 11.45 -8.12 29.51
N GLU C 372 10.32 -7.85 30.20
CA GLU C 372 9.27 -6.94 29.78
C GLU C 372 8.94 -5.90 30.85
N ILE C 374 6.02 -3.20 32.06
CA ILE C 374 4.61 -2.85 31.96
C ILE C 374 4.36 -1.59 32.80
N VAL C 375 3.79 -0.55 32.17
CA VAL C 375 3.50 0.72 32.83
C VAL C 375 1.97 0.89 32.90
N GLU C 376 1.39 0.65 34.09
CA GLU C 376 -0.04 0.82 34.37
C GLU C 376 -0.27 2.22 34.91
N VAL C 377 -1.21 2.97 34.31
CA VAL C 377 -1.50 4.33 34.75
C VAL C 377 -3.04 4.53 34.74
N GLU C 378 -3.59 5.06 35.84
CA GLU C 378 -5.02 5.32 36.03
C GLU C 378 -5.51 6.46 35.16
N LEU C 379 -6.77 6.35 34.69
CA LEU C 379 -7.42 7.39 33.88
C LEU C 379 -7.95 8.48 34.81
N SER C 380 -7.78 9.77 34.42
CA SER C 380 -8.13 10.93 35.25
C SER C 380 -9.64 11.10 35.48
N ASP C 381 -10.50 10.75 34.49
CA ASP C 381 -11.95 10.93 34.62
C ASP C 381 -12.72 9.68 34.19
N LEU C 382 -13.67 9.25 35.03
CA LEU C 382 -14.58 8.11 34.83
C LEU C 382 -15.84 8.51 34.04
N SER C 383 -15.72 9.55 33.19
CA SER C 383 -16.85 10.09 32.42
C SER C 383 -16.88 9.60 30.95
N THR C 384 -16.41 10.43 29.99
CA THR C 384 -16.42 10.26 28.54
C THR C 384 -15.89 8.88 28.08
N ASP C 385 -14.56 8.67 28.11
CA ASP C 385 -13.84 7.48 27.68
C ASP C 385 -14.08 7.20 26.17
N ASN C 386 -13.60 8.13 25.30
CA ASN C 386 -13.65 7.97 23.84
C ASN C 386 -12.52 7.03 23.47
N TYR C 387 -12.84 5.78 23.07
CA TYR C 387 -11.88 4.71 22.84
C TYR C 387 -10.79 5.10 21.82
N ILE C 388 -11.19 5.54 20.62
CA ILE C 388 -10.29 5.90 19.50
C ILE C 388 -9.29 6.99 19.96
N GLU C 389 -9.79 8.05 20.64
CA GLU C 389 -8.95 9.16 21.10
C GLU C 389 -8.04 8.73 22.26
N LEU C 390 -8.53 7.90 23.21
CA LEU C 390 -7.72 7.41 24.33
C LEU C 390 -6.64 6.44 23.87
N GLU C 391 -6.92 5.64 22.81
CA GLU C 391 -5.95 4.69 22.24
C GLU C 391 -4.83 5.47 21.54
N LYS C 392 -5.16 6.61 20.88
CA LYS C 392 -4.20 7.50 20.22
C LYS C 392 -3.26 8.13 21.27
N ILE C 393 -3.82 8.48 22.44
CA ILE C 393 -3.07 9.05 23.59
C ILE C 393 -2.17 7.96 24.16
N ARG C 394 -2.67 6.71 24.30
CA ARG C 394 -1.88 5.58 24.82
C ARG C 394 -0.67 5.32 23.90
N ARG C 395 -0.85 5.40 22.56
CA ARG C 395 0.22 5.22 21.59
C ARG C 395 1.23 6.38 21.69
N ASP C 396 0.75 7.60 22.00
CA ASP C 396 1.58 8.79 22.18
C ASP C 396 2.40 8.65 23.48
N ILE C 397 1.85 7.98 24.52
CA ILE C 397 2.51 7.71 25.80
C ILE C 397 3.67 6.72 25.56
N ILE C 398 3.41 5.62 24.80
CA ILE C 398 4.43 4.60 24.45
C ILE C 398 5.60 5.27 23.72
N ARG C 399 5.29 6.11 22.70
CA ARG C 399 6.26 6.82 21.85
C ARG C 399 7.14 7.77 22.69
N GLN C 400 6.52 8.61 23.56
CA GLN C 400 7.24 9.58 24.40
C GLN C 400 8.05 8.86 25.49
N LEU C 401 7.59 7.69 25.98
CA LEU C 401 8.34 6.89 26.96
C LEU C 401 9.57 6.27 26.29
N LYS C 402 9.38 5.67 25.09
CA LYS C 402 10.42 5.03 24.29
C LYS C 402 11.59 6.02 24.03
N ASP C 403 11.28 7.27 23.65
CA ASP C 403 12.28 8.31 23.36
C ASP C 403 13.05 8.76 24.61
N GLU C 404 12.39 8.73 25.78
CA GLU C 404 12.96 9.18 27.06
C GLU C 404 13.83 8.11 27.72
N ILE C 405 13.29 6.89 27.96
CA ILE C 405 13.96 5.83 28.71
C ILE C 405 14.77 4.87 27.78
N LEU C 406 14.64 5.04 26.45
CA LEU C 406 15.36 4.34 25.37
C LEU C 406 15.01 2.82 25.31
N VAL C 407 13.83 2.42 25.83
CA VAL C 407 13.26 1.07 25.74
C VAL C 407 11.77 1.21 25.48
N THR C 408 11.18 0.29 24.68
CA THR C 408 9.75 0.31 24.37
C THR C 408 8.98 -0.43 25.49
N PRO C 409 8.20 0.29 26.33
CA PRO C 409 7.43 -0.41 27.36
C PRO C 409 5.99 -0.71 26.94
N LYS C 410 5.33 -1.61 27.66
CA LYS C 410 3.92 -1.93 27.47
C LYS C 410 3.11 -0.97 28.36
N VAL C 411 2.17 -0.21 27.77
CA VAL C 411 1.40 0.76 28.54
C VAL C 411 -0.07 0.32 28.59
N LYS C 412 -0.64 0.28 29.80
CA LYS C 412 -2.03 -0.09 30.03
C LYS C 412 -2.76 1.01 30.80
N LEU C 413 -3.85 1.53 30.21
CA LEU C 413 -4.69 2.55 30.84
C LEU C 413 -5.72 1.83 31.69
N VAL C 414 -5.59 1.92 33.03
CA VAL C 414 -6.45 1.23 33.98
C VAL C 414 -7.50 2.20 34.57
N LYS C 415 -8.55 1.64 35.19
CA LYS C 415 -9.66 2.37 35.81
C LYS C 415 -9.18 3.18 37.02
N LYS C 416 -9.81 4.34 37.27
CA LYS C 416 -9.49 5.23 38.40
C LYS C 416 -9.84 4.52 39.71
N GLY C 417 -8.84 4.34 40.57
CA GLY C 417 -8.97 3.67 41.86
C GLY C 417 -8.66 2.18 41.87
N SER C 418 -8.34 1.60 40.68
CA SER C 418 -8.04 0.18 40.53
C SER C 418 -6.66 -0.16 41.10
N LEU C 419 -5.66 0.74 40.88
CA LEU C 419 -4.30 0.55 41.38
C LEU C 419 -4.28 0.73 42.91
N PRO C 420 -3.47 -0.07 43.64
CA PRO C 420 -3.47 0.03 45.11
C PRO C 420 -2.96 1.37 45.63
N GLN C 421 -3.53 1.81 46.77
CA GLN C 421 -3.15 3.05 47.45
C GLN C 421 -2.27 2.72 48.65
N SER C 422 -1.09 3.35 48.73
CA SER C 422 -0.15 3.12 49.83
C SER C 422 -0.24 4.23 50.86
N GLU C 423 0.17 3.93 52.11
CA GLU C 423 0.21 4.89 53.22
C GLU C 423 1.60 5.51 53.25
N GLY C 424 1.67 6.81 52.98
CA GLY C 424 2.93 7.55 52.92
C GLY C 424 3.56 7.44 51.55
N LYS C 425 4.81 6.94 51.49
CA LYS C 425 5.55 6.75 50.24
C LYS C 425 4.96 5.59 49.43
N ALA C 426 4.73 5.82 48.12
CA ALA C 426 4.14 4.84 47.21
C ALA C 426 5.20 3.99 46.50
N VAL C 427 4.89 2.68 46.29
CA VAL C 427 5.74 1.72 45.60
C VAL C 427 5.40 1.83 44.11
N ARG C 428 6.32 2.42 43.32
CA ARG C 428 6.11 2.66 41.89
C ARG C 428 6.68 1.54 41.02
N VAL C 429 7.61 0.73 41.55
CA VAL C 429 8.22 -0.35 40.79
C VAL C 429 8.00 -1.69 41.52
N LYS C 430 7.47 -2.68 40.77
CA LYS C 430 7.22 -4.05 41.20
C LYS C 430 8.04 -4.97 40.28
N ASP C 431 9.19 -5.46 40.78
CA ASP C 431 10.09 -6.32 40.02
C ASP C 431 9.77 -7.78 40.36
N LEU C 432 9.13 -8.49 39.41
CA LEU C 432 8.70 -9.89 39.56
C LEU C 432 9.68 -10.87 38.87
N ARG C 433 10.86 -10.38 38.45
CA ARG C 433 11.90 -11.18 37.80
C ARG C 433 12.65 -12.04 38.83
N ASP C 434 13.28 -13.15 38.38
CA ASP C 434 14.06 -14.04 39.23
C ASP C 434 15.47 -13.49 39.41
N SER D 3 43.67 33.14 1.16
CA SER D 3 43.04 33.07 2.48
C SER D 3 42.45 31.67 2.75
N THR D 4 42.47 30.76 1.75
CA THR D 4 41.94 29.39 1.86
C THR D 4 42.90 28.53 2.71
N GLN D 5 42.34 27.76 3.66
CA GLN D 5 43.11 26.88 4.55
C GLN D 5 42.86 25.43 4.17
N TYR D 6 43.93 24.61 4.16
CA TYR D 6 43.87 23.21 3.76
C TYR D 6 44.35 22.28 4.87
N TRP D 7 43.75 21.07 4.94
CA TRP D 7 44.10 20.01 5.88
C TRP D 7 45.45 19.40 5.47
N GLU D 8 45.61 19.12 4.16
CA GLU D 8 46.81 18.58 3.51
C GLU D 8 47.07 19.37 2.23
N GLU D 9 47.62 20.59 2.38
CA GLU D 9 47.88 21.54 1.29
C GLU D 9 48.66 20.90 0.12
N GLU D 10 49.74 20.14 0.42
CA GLU D 10 50.60 19.50 -0.59
C GLU D 10 49.80 18.56 -1.52
N ILE D 11 48.74 17.92 -1.01
CA ILE D 11 47.90 17.02 -1.79
C ILE D 11 46.73 17.79 -2.43
N GLU D 12 46.08 18.67 -1.65
CA GLU D 12 44.88 19.39 -2.08
C GLU D 12 45.16 20.39 -3.23
N ILE D 13 46.36 21.00 -3.30
CA ILE D 13 46.66 21.94 -4.40
C ILE D 13 47.76 21.34 -5.33
N SER D 15 49.76 19.77 -8.32
CA SER D 15 49.60 19.96 -9.77
C SER D 15 49.04 18.70 -10.44
N ARG D 16 48.29 18.88 -11.55
CA ARG D 16 47.68 17.78 -12.29
C ARG D 16 48.74 16.76 -12.72
N GLU D 17 49.95 17.26 -13.13
CA GLU D 17 51.07 16.43 -13.56
CA GLU D 17 51.09 16.45 -13.55
C GLU D 17 51.51 15.50 -12.41
N LYS D 18 51.66 16.06 -11.19
CA LYS D 18 52.05 15.30 -10.00
C LYS D 18 50.90 14.41 -9.49
N LEU D 19 49.62 14.82 -9.71
CA LEU D 19 48.44 14.01 -9.34
C LEU D 19 48.34 12.77 -10.20
N GLN D 20 48.62 12.92 -11.51
CA GLN D 20 48.61 11.83 -12.51
C GLN D 20 49.65 10.77 -12.18
N GLU D 21 50.88 11.18 -11.77
CA GLU D 21 51.94 10.21 -11.45
C GLU D 21 51.62 9.55 -10.10
N LEU D 22 50.95 10.25 -9.17
CA LEU D 22 50.55 9.68 -7.87
C LEU D 22 49.44 8.65 -8.10
N GLN D 23 48.45 8.97 -8.96
CA GLN D 23 47.35 8.05 -9.29
C GLN D 23 47.86 6.80 -10.00
N LEU D 24 48.81 6.95 -10.96
CA LEU D 24 49.39 5.84 -11.70
C LEU D 24 50.18 4.90 -10.77
N GLN D 25 50.99 5.48 -9.86
CA GLN D 25 51.78 4.73 -8.87
C GLN D 25 50.82 3.93 -7.96
N ARG D 26 49.75 4.56 -7.43
CA ARG D 26 48.79 3.91 -6.56
C ARG D 26 47.88 2.94 -7.33
N LEU D 27 47.62 3.18 -8.63
CA LEU D 27 46.79 2.30 -9.47
C LEU D 27 47.51 0.97 -9.71
N LYS D 28 48.82 1.01 -10.04
CA LYS D 28 49.65 -0.19 -10.24
C LYS D 28 49.69 -1.03 -8.97
N LYS D 29 49.90 -0.35 -7.81
CA LYS D 29 49.96 -0.94 -6.47
C LYS D 29 48.61 -1.62 -6.13
N THR D 30 47.48 -0.95 -6.45
CA THR D 30 46.12 -1.45 -6.19
C THR D 30 45.87 -2.76 -6.97
N ILE D 31 46.25 -2.78 -8.24
CA ILE D 31 46.06 -3.93 -9.13
C ILE D 31 46.93 -5.11 -8.65
N ASN D 32 48.17 -4.83 -8.20
CA ASN D 32 49.07 -5.87 -7.67
C ASN D 32 48.51 -6.45 -6.37
N ILE D 33 47.89 -5.61 -5.51
CA ILE D 33 47.26 -6.05 -4.26
C ILE D 33 46.00 -6.86 -4.58
N ALA D 34 45.07 -6.30 -5.39
CA ALA D 34 43.79 -6.93 -5.78
C ALA D 34 43.98 -8.30 -6.42
N ALA D 35 45.11 -8.53 -7.11
CA ALA D 35 45.46 -9.80 -7.77
C ALA D 35 45.54 -10.97 -6.76
N ASN D 36 45.71 -10.66 -5.44
CA ASN D 36 45.79 -11.65 -4.37
CA ASN D 36 45.80 -11.67 -4.38
C ASN D 36 44.39 -12.15 -3.98
N SER D 37 43.32 -11.40 -4.35
CA SER D 37 41.95 -11.79 -4.03
C SER D 37 41.46 -12.88 -5.00
N PRO D 38 40.66 -13.88 -4.57
CA PRO D 38 40.18 -14.93 -5.50
C PRO D 38 39.38 -14.37 -6.68
N TYR D 39 38.60 -13.27 -6.48
CA TYR D 39 37.79 -12.68 -7.56
C TYR D 39 38.66 -12.01 -8.62
N TYR D 40 39.53 -11.05 -8.24
CA TYR D 40 40.34 -10.35 -9.23
C TYR D 40 41.46 -11.25 -9.79
N LYS D 41 41.89 -12.30 -9.05
CA LYS D 41 42.89 -13.25 -9.58
C LYS D 41 42.34 -13.93 -10.83
N GLU D 42 41.06 -14.35 -10.77
CA GLU D 42 40.33 -15.01 -11.86
C GLU D 42 40.03 -14.02 -12.99
N VAL D 43 39.56 -12.79 -12.65
CA VAL D 43 39.22 -11.73 -13.61
C VAL D 43 40.48 -11.35 -14.41
N PHE D 44 41.62 -11.11 -13.72
CA PHE D 44 42.87 -10.73 -14.37
C PHE D 44 43.43 -11.87 -15.23
N SER D 45 43.24 -13.14 -14.80
CA SER D 45 43.70 -14.32 -15.54
C SER D 45 42.94 -14.51 -16.85
N LYS D 46 41.60 -14.29 -16.85
CA LYS D 46 40.74 -14.46 -18.02
C LYS D 46 40.85 -13.27 -19.00
N ASN D 47 41.30 -12.09 -18.52
CA ASN D 47 41.39 -10.90 -19.37
C ASN D 47 42.85 -10.49 -19.65
N GLY D 48 43.80 -11.36 -19.29
CA GLY D 48 45.22 -11.15 -19.50
C GLY D 48 45.79 -9.89 -18.84
N ILE D 49 45.28 -9.57 -17.64
CA ILE D 49 45.74 -8.41 -16.88
C ILE D 49 46.92 -8.86 -16.00
N THR D 50 48.10 -8.30 -16.27
CA THR D 50 49.35 -8.60 -15.55
C THR D 50 49.88 -7.30 -14.92
N GLY D 51 51.10 -7.35 -14.39
CA GLY D 51 51.75 -6.20 -13.79
C GLY D 51 52.25 -5.17 -14.80
N ASP D 52 52.23 -5.54 -16.09
CA ASP D 52 52.69 -4.72 -17.22
C ASP D 52 51.52 -4.12 -18.02
N SER D 53 50.28 -4.53 -17.70
CA SER D 53 49.07 -4.09 -18.38
C SER D 53 48.81 -2.58 -18.18
N ILE D 54 49.15 -2.05 -17.00
CA ILE D 54 48.95 -0.64 -16.67
C ILE D 54 50.28 0.12 -16.75
N GLN D 55 50.39 0.98 -17.77
CA GLN D 55 51.56 1.83 -18.03
C GLN D 55 51.14 3.31 -18.02
N SER D 56 49.83 3.55 -18.23
CA SER D 56 49.18 4.86 -18.21
C SER D 56 47.83 4.74 -17.51
N LEU D 57 47.20 5.89 -17.15
CA LEU D 57 45.91 5.89 -16.47
C LEU D 57 44.79 5.41 -17.41
N ASP D 58 44.96 5.59 -18.74
CA ASP D 58 43.99 5.15 -19.75
C ASP D 58 43.95 3.62 -19.88
N ASP D 59 45.04 2.92 -19.48
CA ASP D 59 45.15 1.46 -19.53
C ASP D 59 44.19 0.76 -18.55
N ILE D 60 43.53 1.51 -17.64
CA ILE D 60 42.57 0.95 -16.68
C ILE D 60 41.35 0.35 -17.44
N ARG D 61 41.05 0.88 -18.64
CA ARG D 61 39.94 0.47 -19.50
C ARG D 61 40.15 -0.95 -20.08
N LYS D 62 41.35 -1.55 -19.88
CA LYS D 62 41.64 -2.93 -20.27
C LYS D 62 40.94 -3.91 -19.32
N ILE D 63 40.75 -3.48 -18.06
CA ILE D 63 40.12 -4.24 -16.99
C ILE D 63 38.60 -4.11 -17.09
N PRO D 64 37.81 -5.24 -17.02
CA PRO D 64 36.35 -5.10 -17.05
C PRO D 64 35.81 -4.46 -15.76
N PHE D 65 34.56 -3.99 -15.79
CA PHE D 65 33.92 -3.35 -14.64
C PHE D 65 33.57 -4.35 -13.55
N THR D 66 33.50 -3.87 -12.29
CA THR D 66 33.06 -4.66 -11.14
C THR D 66 31.64 -4.19 -10.81
N THR D 67 30.66 -5.08 -10.97
CA THR D 67 29.25 -4.74 -10.71
C THR D 67 28.84 -5.19 -9.32
N LYS D 68 27.66 -4.73 -8.86
CA LYS D 68 27.08 -5.09 -7.57
C LYS D 68 26.72 -6.58 -7.58
N SER D 69 26.28 -7.09 -8.75
CA SER D 69 25.93 -8.49 -9.01
C SER D 69 27.16 -9.41 -8.78
N ASP D 70 28.36 -9.00 -9.26
CA ASP D 70 29.62 -9.73 -9.10
C ASP D 70 30.00 -9.83 -7.62
N ARG D 72 27.89 -9.60 -5.00
CA ARG D 72 26.88 -10.47 -4.38
C ARG D 72 27.21 -11.94 -4.63
N ALA D 73 27.71 -12.26 -5.84
CA ALA D 73 28.09 -13.60 -6.28
C ALA D 73 29.33 -14.11 -5.52
N ASN D 74 30.18 -13.20 -5.02
CA ASN D 74 31.40 -13.55 -4.30
C ASN D 74 31.29 -13.19 -2.80
N TYR D 75 30.06 -13.10 -2.28
CA TYR D 75 29.79 -12.81 -0.87
C TYR D 75 30.18 -14.02 0.00
N PRO D 76 30.88 -13.81 1.13
CA PRO D 76 31.25 -12.52 1.73
C PRO D 76 32.68 -12.03 1.47
N PHE D 77 33.67 -12.93 1.26
CA PHE D 77 35.06 -12.47 1.19
C PHE D 77 35.80 -12.83 -0.12
N GLY D 78 35.06 -12.98 -1.22
CA GLY D 78 35.65 -13.27 -2.52
C GLY D 78 36.57 -12.20 -3.08
N LEU D 79 36.39 -10.93 -2.66
CA LEU D 79 37.21 -9.82 -3.14
C LEU D 79 38.24 -9.35 -2.08
N VAL D 80 38.41 -10.10 -0.97
CA VAL D 80 39.38 -9.76 0.08
C VAL D 80 40.77 -10.15 -0.45
N ALA D 81 41.66 -9.15 -0.53
CA ALA D 81 43.02 -9.28 -1.07
C ALA D 81 44.08 -9.45 0.05
N GLY D 82 43.89 -8.79 1.18
CA GLY D 82 44.84 -8.84 2.30
C GLY D 82 44.66 -10.02 3.22
N ASP D 83 45.45 -10.04 4.31
CA ASP D 83 45.42 -11.08 5.34
C ASP D 83 44.40 -10.63 6.38
N LYS D 85 42.66 -12.42 8.71
CA LYS D 85 42.83 -12.98 10.06
C LYS D 85 43.82 -12.14 10.89
N ARG D 86 44.93 -11.71 10.25
CA ARG D 86 46.00 -10.92 10.86
C ARG D 86 45.70 -9.42 10.87
N ASP D 87 45.35 -8.83 9.71
CA ASP D 87 45.23 -7.38 9.58
C ASP D 87 43.78 -6.85 9.44
N GLY D 88 42.78 -7.71 9.23
CA GLY D 88 41.38 -7.26 9.10
C GLY D 88 40.85 -6.78 10.44
N VAL D 89 40.35 -5.54 10.52
CA VAL D 89 39.89 -4.98 11.80
C VAL D 89 38.38 -4.59 11.75
N ARG D 90 37.75 -4.47 10.56
CA ARG D 90 36.33 -4.11 10.53
C ARG D 90 35.62 -4.57 9.25
N ILE D 91 34.34 -4.94 9.41
CA ILE D 91 33.40 -5.32 8.36
C ILE D 91 32.23 -4.34 8.34
N HIS D 92 31.94 -3.75 7.16
CA HIS D 92 30.76 -2.93 6.92
C HIS D 92 29.89 -3.66 5.89
N SER D 93 28.65 -3.98 6.27
CA SER D 93 27.72 -4.77 5.44
C SER D 93 26.38 -4.08 5.24
N SER D 94 25.64 -4.49 4.20
CA SER D 94 24.31 -3.99 3.83
C SER D 94 23.56 -5.01 2.97
N ASN D 100 20.60 -10.13 -2.16
CA ASN D 100 21.79 -10.73 -1.56
C ASN D 100 22.73 -9.64 -1.00
N PRO D 101 23.36 -9.85 0.18
CA PRO D 101 24.20 -8.78 0.77
C PRO D 101 25.61 -8.69 0.18
N THR D 102 26.30 -7.56 0.48
CA THR D 102 27.69 -7.27 0.11
C THR D 102 28.40 -6.68 1.32
N VAL D 103 29.70 -6.97 1.42
CA VAL D 103 30.53 -6.60 2.56
C VAL D 103 31.82 -5.90 2.09
N ILE D 104 32.30 -4.91 2.91
CA ILE D 104 33.58 -4.21 2.74
C ILE D 104 34.41 -4.51 3.98
N VAL D 105 35.61 -5.08 3.78
CA VAL D 105 36.52 -5.43 4.87
C VAL D 105 37.67 -4.41 4.88
N HIS D 106 37.95 -3.84 6.05
CA HIS D 106 39.01 -2.84 6.24
C HIS D 106 40.12 -3.31 7.17
N SER D 107 41.34 -2.86 6.89
CA SER D 107 42.51 -3.02 7.75
C SER D 107 42.68 -1.73 8.54
N GLN D 108 43.66 -1.64 9.48
CA GLN D 108 43.85 -0.41 10.25
C GLN D 108 44.24 0.74 9.30
N HIS D 109 45.10 0.47 8.29
CA HIS D 109 45.51 1.43 7.27
C HIS D 109 44.29 2.03 6.57
N ASP D 110 43.33 1.18 6.17
CA ASP D 110 42.10 1.55 5.48
C ASP D 110 41.21 2.45 6.35
N LEU D 111 41.10 2.16 7.66
CA LEU D 111 40.31 2.98 8.58
C LEU D 111 40.94 4.36 8.78
N ASP D 112 42.29 4.41 8.89
CA ASP D 112 43.06 5.64 9.09
C ASP D 112 43.00 6.52 7.83
N SER D 113 43.05 5.90 6.64
CA SER D 113 42.95 6.60 5.35
C SER D 113 41.57 7.25 5.22
N TRP D 114 40.53 6.50 5.62
CA TRP D 114 39.13 6.90 5.59
C TRP D 114 38.89 8.04 6.60
N ALA D 115 39.38 7.92 7.84
CA ALA D 115 39.26 8.95 8.88
C ALA D 115 39.97 10.25 8.45
N ASN D 116 41.12 10.13 7.76
CA ASN D 116 41.88 11.28 7.27
C ASN D 116 41.08 12.02 6.17
N LEU D 117 40.41 11.28 5.27
CA LEU D 117 39.59 11.87 4.20
C LEU D 117 38.39 12.62 4.77
N VAL D 118 37.74 12.08 5.82
CA VAL D 118 36.60 12.72 6.48
C VAL D 118 37.08 14.00 7.18
N ALA D 119 38.23 13.95 7.88
CA ALA D 119 38.83 15.12 8.54
C ALA D 119 39.18 16.21 7.51
N ARG D 120 39.69 15.79 6.33
CA ARG D 120 40.04 16.68 5.22
C ARG D 120 38.80 17.42 4.71
N CYS D 121 37.67 16.68 4.55
CA CYS D 121 36.37 17.20 4.09
C CYS D 121 35.82 18.23 5.07
N LEU D 122 35.78 17.89 6.37
CA LEU D 122 35.24 18.73 7.44
C LEU D 122 36.07 20.01 7.58
N TYR D 123 37.41 19.91 7.51
CA TYR D 123 38.31 21.06 7.62
C TYR D 123 38.11 22.01 6.42
N VAL D 125 35.38 22.71 4.72
CA VAL D 125 34.16 23.52 4.81
C VAL D 125 34.20 24.45 6.06
N GLY D 126 35.37 24.56 6.71
CA GLY D 126 35.59 25.45 7.85
C GLY D 126 35.43 24.90 9.25
N ILE D 127 35.19 23.59 9.40
CA ILE D 127 35.05 22.96 10.73
C ILE D 127 36.47 22.79 11.31
N ARG D 128 36.63 23.12 12.60
CA ARG D 128 37.89 23.05 13.33
C ARG D 128 37.73 22.18 14.59
N LYS D 129 38.84 21.94 15.32
CA LYS D 129 38.85 21.14 16.55
C LYS D 129 38.00 21.82 17.65
N THR D 130 37.80 23.15 17.55
CA THR D 130 37.02 23.96 18.49
C THR D 130 35.50 23.74 18.31
N ASP D 131 35.09 23.16 17.16
CA ASP D 131 33.67 22.90 16.89
C ASP D 131 33.14 21.71 17.69
N VAL D 132 31.82 21.74 17.95
CA VAL D 132 31.08 20.67 18.63
C VAL D 132 30.30 19.96 17.51
N PHE D 133 30.76 18.75 17.12
CA PHE D 133 30.21 18.01 16.00
C PHE D 133 29.20 16.95 16.46
N GLN D 134 27.96 17.03 15.94
CA GLN D 134 26.90 16.08 16.26
C GLN D 134 26.59 15.24 15.01
N ASN D 135 26.59 13.91 15.18
CA ASN D 135 26.32 12.97 14.10
C ASN D 135 24.95 12.30 14.30
N SER D 136 23.97 12.64 13.45
CA SER D 136 22.61 12.08 13.54
C SER D 136 22.44 10.86 12.62
N SER D 137 23.54 10.38 12.03
CA SER D 137 23.53 9.19 11.20
C SER D 137 23.46 7.94 12.06
N GLY D 138 22.84 6.88 11.54
CA GLY D 138 22.77 5.60 12.22
C GLY D 138 24.16 5.03 12.40
N TYR D 139 24.41 4.37 13.53
CA TYR D 139 25.71 3.79 13.79
C TYR D 139 25.64 2.28 13.43
N GLY D 140 26.43 1.44 14.10
CA GLY D 140 26.47 0.03 13.78
C GLY D 140 27.13 -0.25 12.44
N PHE D 142 26.14 0.86 9.50
CA PHE D 142 26.07 2.06 8.64
C PHE D 142 27.37 2.83 8.72
N THR D 143 28.01 3.07 7.56
CA THR D 143 29.31 3.71 7.46
C THR D 143 29.27 5.21 7.86
N GLY D 144 28.10 5.84 7.83
CA GLY D 144 27.94 7.23 8.23
C GLY D 144 28.18 7.49 9.71
N GLY D 145 27.90 6.48 10.54
CA GLY D 145 28.08 6.54 11.99
C GLY D 145 29.54 6.58 12.39
N LEU D 146 30.21 5.42 12.28
CA LEU D 146 31.63 5.29 12.62
C LEU D 146 32.52 6.14 11.69
N GLY D 147 32.08 6.36 10.45
CA GLY D 147 32.80 7.17 9.46
C GLY D 147 33.05 8.59 9.89
N PHE D 148 31.98 9.32 10.23
CA PHE D 148 32.09 10.69 10.70
C PHE D 148 32.62 10.74 12.13
N GLN D 149 32.34 9.71 12.95
CA GLN D 149 32.82 9.66 14.33
C GLN D 149 34.35 9.68 14.39
N TYR D 150 35.02 8.80 13.61
CA TYR D 150 36.48 8.69 13.55
C TYR D 150 37.11 9.91 12.88
N GLY D 151 36.46 10.41 11.82
CA GLY D 151 36.92 11.59 11.08
C GLY D 151 36.90 12.86 11.90
N ALA D 152 35.80 13.10 12.66
CA ALA D 152 35.65 14.28 13.51
C ALA D 152 36.58 14.21 14.72
N GLU D 153 36.82 13.00 15.29
CA GLU D 153 37.77 12.81 16.40
C GLU D 153 39.19 13.09 15.92
N ARG D 154 39.52 12.64 14.68
CA ARG D 154 40.82 12.86 14.03
C ARG D 154 41.08 14.37 13.90
N LEU D 155 40.04 15.15 13.53
CA LEU D 155 40.11 16.60 13.41
C LEU D 155 40.26 17.23 14.82
N GLY D 156 39.62 16.61 15.81
CA GLY D 156 39.70 17.05 17.20
C GLY D 156 38.45 17.69 17.75
N CYS D 157 37.34 17.62 16.98
CA CYS D 157 36.02 18.14 17.36
C CYS D 157 35.52 17.49 18.64
N LEU D 158 34.73 18.23 19.43
CA LEU D 158 34.01 17.66 20.56
C LEU D 158 32.82 16.94 19.94
N THR D 159 32.93 15.60 19.76
CA THR D 159 31.88 14.85 19.07
C THR D 159 30.71 14.51 20.00
N VAL D 160 29.52 14.45 19.39
CA VAL D 160 28.24 14.12 20.02
C VAL D 160 27.66 12.93 19.21
N PRO D 161 27.94 11.67 19.61
CA PRO D 161 27.44 10.53 18.82
C PRO D 161 25.96 10.27 19.12
N ALA D 162 25.09 11.20 18.71
CA ALA D 162 23.64 11.14 18.96
C ALA D 162 22.98 9.95 18.27
N ALA D 163 23.46 9.56 17.07
CA ALA D 163 22.93 8.49 16.20
C ALA D 163 21.56 8.92 15.64
N ALA D 164 20.82 8.01 14.97
CA ALA D 164 19.55 8.31 14.31
C ALA D 164 18.38 8.54 15.29
N GLY D 165 17.41 9.32 14.84
CA GLY D 165 16.15 9.60 15.53
C GLY D 165 16.21 10.35 16.84
N ASN D 166 15.04 10.35 17.54
CA ASN D 166 14.76 10.98 18.83
C ASN D 166 15.11 12.48 18.72
N SER D 167 14.34 13.20 17.89
CA SER D 167 14.52 14.62 17.56
C SER D 167 14.54 15.53 18.80
N LYS D 168 13.73 15.22 19.85
CA LYS D 168 13.72 16.01 21.09
CA LYS D 168 13.72 15.99 21.10
C LYS D 168 15.09 15.96 21.77
N ARG D 169 15.72 14.76 21.78
CA ARG D 169 17.04 14.55 22.37
C ARG D 169 18.11 15.23 21.52
N GLN D 170 17.94 15.23 20.17
CA GLN D 170 18.84 15.89 19.20
C GLN D 170 18.90 17.40 19.48
N ILE D 171 17.72 18.04 19.66
CA ILE D 171 17.52 19.46 19.95
C ILE D 171 18.13 19.76 21.34
N LYS D 172 17.94 18.85 22.32
CA LYS D 172 18.47 19.00 23.67
C LYS D 172 20.02 19.04 23.65
N PHE D 173 20.64 18.12 22.86
CA PHE D 173 22.10 18.06 22.72
C PHE D 173 22.65 19.34 22.09
N ILE D 174 21.98 19.86 21.04
CA ILE D 174 22.38 21.09 20.32
C ILE D 174 22.33 22.29 21.31
N SER D 175 21.25 22.39 22.08
CA SER D 175 21.02 23.49 23.04
C SER D 175 21.98 23.44 24.24
N ASP D 176 22.20 22.24 24.83
CA ASP D 176 23.01 22.07 26.04
C ASP D 176 24.52 21.91 25.75
N PHE D 177 24.91 21.26 24.65
CA PHE D 177 26.34 21.05 24.39
C PHE D 177 26.90 22.12 23.44
N LYS D 178 26.03 23.04 22.96
CA LYS D 178 26.31 24.17 22.07
C LYS D 178 26.94 23.64 20.76
N THR D 179 26.22 22.70 20.09
CA THR D 179 26.60 22.09 18.81
C THR D 179 26.72 23.17 17.74
N THR D 180 27.82 23.14 16.98
CA THR D 180 28.09 24.12 15.91
C THR D 180 28.11 23.44 14.54
N ALA D 181 28.43 22.13 14.49
CA ALA D 181 28.46 21.35 13.26
C ALA D 181 27.57 20.12 13.38
N LEU D 182 26.69 19.89 12.39
CA LEU D 182 25.75 18.77 12.43
C LEU D 182 25.75 17.99 11.13
N HIS D 183 25.81 16.65 11.23
CA HIS D 183 25.68 15.75 10.10
C HIS D 183 24.29 15.13 10.13
N ALA D 184 23.52 15.37 9.06
CA ALA D 184 22.15 14.88 8.91
C ALA D 184 21.80 14.73 7.44
N ILE D 185 20.83 13.85 7.14
CA ILE D 185 20.33 13.71 5.76
C ILE D 185 19.43 14.96 5.51
N PRO D 186 19.33 15.49 4.25
CA PRO D 186 18.57 16.73 4.05
C PRO D 186 17.14 16.71 4.66
N SER D 187 16.38 15.61 4.51
CA SER D 187 15.01 15.51 5.03
C SER D 187 14.97 15.53 6.58
N TYR D 188 16.01 14.99 7.25
CA TYR D 188 16.02 14.98 8.71
C TYR D 188 16.39 16.39 9.26
N ALA D 189 17.21 17.16 8.51
CA ALA D 189 17.60 18.52 8.86
C ALA D 189 16.36 19.44 8.90
N ILE D 190 15.39 19.20 7.98
CA ILE D 190 14.12 19.93 7.90
C ILE D 190 13.25 19.54 9.11
N ARG D 191 13.21 18.23 9.43
CA ARG D 191 12.47 17.67 10.55
C ARG D 191 12.96 18.28 11.88
N LEU D 192 14.29 18.42 12.06
CA LEU D 192 14.88 19.01 13.28
C LEU D 192 14.48 20.48 13.43
N ALA D 193 14.48 21.26 12.31
CA ALA D 193 14.07 22.67 12.31
C ALA D 193 12.62 22.81 12.75
N GLU D 194 11.76 21.85 12.33
CA GLU D 194 10.34 21.77 12.68
C GLU D 194 10.16 21.45 14.16
N VAL D 195 10.97 20.50 14.70
CA VAL D 195 10.92 20.07 16.09
C VAL D 195 11.42 21.23 16.99
N PHE D 196 12.39 22.04 16.53
CA PHE D 196 12.86 23.22 17.27
C PHE D 196 11.70 24.19 17.55
N GLN D 197 10.91 24.50 16.51
CA GLN D 197 9.73 25.37 16.56
C GLN D 197 8.67 24.82 17.51
N GLU D 198 8.43 23.49 17.45
CA GLU D 198 7.46 22.77 18.28
C GLU D 198 7.79 22.87 19.77
N GLU D 199 9.10 22.95 20.11
CA GLU D 199 9.59 23.05 21.48
C GLU D 199 9.80 24.53 21.89
N GLY D 200 9.30 25.46 21.08
CA GLY D 200 9.37 26.89 21.33
C GLY D 200 10.75 27.51 21.18
N ILE D 201 11.59 26.92 20.33
CA ILE D 201 12.95 27.41 20.06
C ILE D 201 13.02 27.90 18.61
N ASP D 202 13.58 29.11 18.40
CA ASP D 202 13.76 29.66 17.05
C ASP D 202 14.87 28.85 16.36
N PRO D 203 14.58 28.10 15.26
CA PRO D 203 15.63 27.26 14.64
C PRO D 203 16.79 28.06 14.04
N ARG D 204 16.62 29.39 13.87
CA ARG D 204 17.64 30.29 13.33
C ARG D 204 18.51 30.94 14.44
N GLU D 205 18.15 30.73 15.72
CA GLU D 205 18.88 31.35 16.82
C GLU D 205 19.58 30.30 17.71
N THR D 206 20.14 29.24 17.10
CA THR D 206 20.87 28.21 17.84
C THR D 206 22.38 28.44 17.63
N THR D 207 23.22 27.58 18.23
CA THR D 207 24.68 27.65 18.13
C THR D 207 25.17 27.03 16.81
N LEU D 208 24.27 26.38 16.04
CA LEU D 208 24.60 25.73 14.76
C LEU D 208 25.17 26.74 13.76
N LYS D 209 26.25 26.34 13.06
CA LYS D 209 26.91 27.17 12.05
C LYS D 209 27.09 26.41 10.74
N THR D 210 27.48 25.13 10.81
CA THR D 210 27.75 24.32 9.62
C THR D 210 26.91 23.04 9.63
N LEU D 211 26.34 22.68 8.46
CA LEU D 211 25.61 21.45 8.28
C LEU D 211 26.23 20.64 7.16
N VAL D 212 26.35 19.33 7.38
CA VAL D 212 26.88 18.38 6.42
C VAL D 212 25.71 17.48 6.02
N ILE D 213 25.26 17.60 4.77
CA ILE D 213 24.10 16.84 4.30
C ILE D 213 24.49 15.94 3.11
N GLY D 214 24.08 14.68 3.20
CA GLY D 214 24.33 13.67 2.18
C GLY D 214 23.27 12.60 2.12
N ALA D 215 23.63 11.44 1.52
CA ALA D 215 22.82 10.20 1.37
C ALA D 215 21.65 10.38 0.37
N GLU D 216 20.89 11.49 0.43
CA GLU D 216 19.73 11.70 -0.45
C GLU D 216 19.99 12.63 -1.62
N PRO D 217 19.55 12.28 -2.85
CA PRO D 217 19.61 13.27 -3.95
C PRO D 217 18.71 14.44 -3.59
N HIS D 218 19.24 15.67 -3.67
CA HIS D 218 18.53 16.89 -3.30
C HIS D 218 19.02 18.04 -4.18
N THR D 219 18.12 18.99 -4.48
CA THR D 219 18.45 20.14 -5.33
C THR D 219 19.19 21.20 -4.52
N ASP D 220 19.80 22.18 -5.23
CA ASP D 220 20.50 23.31 -4.61
C ASP D 220 19.51 24.18 -3.82
N GLU D 221 18.27 24.34 -4.35
CA GLU D 221 17.26 25.17 -3.68
CA GLU D 221 17.22 25.14 -3.71
C GLU D 221 16.76 24.47 -2.41
N GLN D 222 16.73 23.12 -2.40
CA GLN D 222 16.34 22.34 -1.23
C GLN D 222 17.35 22.62 -0.08
N ARG D 223 18.65 22.70 -0.43
CA ARG D 223 19.76 23.01 0.48
C ARG D 223 19.66 24.47 0.95
N ARG D 224 19.30 25.42 0.05
CA ARG D 224 19.15 26.84 0.39
C ARG D 224 17.97 27.03 1.35
N LYS D 225 16.92 26.18 1.22
CA LYS D 225 15.77 26.15 2.12
C LYS D 225 16.23 25.76 3.53
N ILE D 226 17.08 24.72 3.63
CA ILE D 226 17.65 24.23 4.89
C ILE D 226 18.51 25.35 5.53
N GLU D 227 19.37 26.01 4.72
CA GLU D 227 20.23 27.11 5.15
C GLU D 227 19.42 28.26 5.75
N ARG D 228 18.26 28.62 5.14
CA ARG D 228 17.38 29.68 5.63
C ARG D 228 16.64 29.27 6.91
N LEU D 230 17.53 27.08 9.36
CA LEU D 230 18.41 26.93 10.52
C LEU D 230 19.50 28.02 10.61
N ASN D 231 19.55 28.98 9.64
CA ASN D 231 20.53 30.07 9.58
C ASN D 231 21.96 29.46 9.66
N VAL D 232 22.26 28.57 8.72
CA VAL D 232 23.54 27.84 8.64
C VAL D 232 24.06 27.79 7.21
N LYS D 233 25.27 27.25 7.05
CA LYS D 233 25.91 26.96 5.77
C LYS D 233 25.88 25.44 5.63
N ALA D 234 25.17 24.93 4.61
CA ALA D 234 25.02 23.50 4.40
C ALA D 234 25.88 23.05 3.23
N TYR D 235 26.56 21.89 3.38
CA TYR D 235 27.46 21.40 2.34
C TYR D 235 27.12 19.98 1.95
N ASN D 236 27.14 19.73 0.62
CA ASN D 236 26.82 18.43 0.04
C ASN D 236 27.96 17.45 0.30
N SER D 237 27.64 16.29 0.90
CA SER D 237 28.55 15.22 1.29
C SER D 237 28.25 13.94 0.51
N PHE D 238 29.21 13.48 -0.31
CA PHE D 238 29.00 12.26 -1.09
C PHE D 238 29.80 11.09 -0.51
N GLY D 239 29.19 9.93 -0.55
CA GLY D 239 29.82 8.71 -0.08
C GLY D 239 29.00 7.46 -0.27
N THR D 241 29.36 2.96 0.94
CA THR D 241 30.00 1.90 1.71
C THR D 241 31.18 1.29 0.92
N GLU D 242 31.00 1.08 -0.39
CA GLU D 242 32.02 0.49 -1.28
C GLU D 242 33.29 1.33 -1.35
N ASN D 244 34.30 3.34 1.15
CA ASN D 244 34.53 3.53 2.60
C ASN D 244 33.24 3.94 3.29
N GLY D 245 32.61 4.98 2.76
CA GLY D 245 31.39 5.61 3.25
C GLY D 245 31.55 7.10 3.04
N PRO D 246 31.45 7.95 4.08
CA PRO D 246 31.70 9.40 3.88
C PRO D 246 33.17 9.72 3.59
N GLY D 247 33.41 10.93 3.07
CA GLY D 247 34.75 11.42 2.76
C GLY D 247 35.24 11.22 1.33
N VAL D 248 34.40 10.62 0.48
CA VAL D 248 34.69 10.31 -0.92
C VAL D 248 34.72 11.62 -1.75
N ALA D 249 33.59 12.35 -1.81
CA ALA D 249 33.47 13.64 -2.50
C ALA D 249 32.74 14.63 -1.59
N PHE D 250 33.07 15.92 -1.69
CA PHE D 250 32.52 16.95 -0.81
C PHE D 250 32.64 18.34 -1.41
N GLU D 251 31.65 19.21 -1.17
CA GLU D 251 31.70 20.60 -1.63
C GLU D 251 32.73 21.39 -0.86
N CYS D 252 33.30 22.43 -1.50
CA CYS D 252 34.21 23.34 -0.82
C CYS D 252 33.37 24.55 -0.34
N GLN D 253 33.97 25.63 0.12
CA GLN D 253 33.19 26.78 0.60
C GLN D 253 32.59 27.57 -0.59
N GLU D 254 32.94 27.21 -1.85
CA GLU D 254 32.37 27.81 -3.06
C GLU D 254 30.95 27.26 -3.32
N GLN D 255 30.64 26.07 -2.77
CA GLN D 255 29.34 25.36 -2.89
C GLN D 255 28.95 25.23 -4.38
N ASN D 256 29.92 24.80 -5.21
CA ASN D 256 29.75 24.61 -6.65
C ASN D 256 30.56 23.39 -7.08
N GLY D 257 29.93 22.24 -6.99
CA GLY D 257 30.54 20.96 -7.31
C GLY D 257 31.24 20.34 -6.12
N HIS D 259 34.31 18.27 -4.70
CA HIS D 259 35.70 17.88 -4.95
C HIS D 259 35.89 16.42 -4.61
N PHE D 260 36.31 15.62 -5.60
CA PHE D 260 36.59 14.20 -5.47
C PHE D 260 38.06 14.04 -5.13
N TRP D 261 38.39 13.31 -4.04
CA TRP D 261 39.80 13.17 -3.64
C TRP D 261 40.45 12.12 -4.52
N GLU D 262 41.12 12.61 -5.57
CA GLU D 262 41.77 11.84 -6.62
C GLU D 262 43.04 11.13 -6.15
N ASP D 263 43.56 11.47 -4.97
CA ASP D 263 44.72 10.76 -4.41
C ASP D 263 44.28 9.38 -3.89
N CYS D 264 42.98 9.22 -3.57
CA CYS D 264 42.44 7.97 -3.02
C CYS D 264 41.41 7.32 -3.96
N TYR D 265 40.99 8.02 -5.03
CA TYR D 265 40.01 7.47 -5.99
C TYR D 265 40.31 7.87 -7.43
N LEU D 266 40.10 6.93 -8.37
CA LEU D 266 40.22 7.18 -9.81
C LEU D 266 38.78 7.27 -10.34
N VAL D 267 38.40 8.45 -10.86
CA VAL D 267 37.04 8.74 -11.30
C VAL D 267 36.91 8.56 -12.82
N GLU D 268 35.85 7.85 -13.22
CA GLU D 268 35.44 7.64 -14.61
C GLU D 268 33.96 7.91 -14.76
N ILE D 269 33.58 8.59 -15.85
CA ILE D 269 32.18 8.85 -16.22
C ILE D 269 31.98 8.08 -17.54
N ILE D 270 31.25 6.96 -17.46
CA ILE D 270 31.03 6.00 -18.55
C ILE D 270 29.56 6.03 -19.03
N ASP D 271 29.35 5.77 -20.35
CA ASP D 271 28.02 5.68 -20.96
C ASP D 271 27.38 4.37 -20.47
N PRO D 272 26.20 4.43 -19.79
CA PRO D 272 25.61 3.19 -19.23
C PRO D 272 25.26 2.12 -20.27
N GLU D 273 25.12 2.51 -21.56
CA GLU D 273 24.77 1.60 -22.65
C GLU D 273 26.02 0.98 -23.28
N THR D 274 26.89 1.81 -23.91
CA THR D 274 28.10 1.38 -24.63
C THR D 274 29.21 0.87 -23.70
N GLY D 275 29.32 1.45 -22.50
CA GLY D 275 30.38 1.09 -21.55
C GLY D 275 31.70 1.81 -21.84
N GLU D 276 31.62 2.88 -22.65
CA GLU D 276 32.75 3.72 -23.08
C GLU D 276 32.73 5.07 -22.33
N PRO D 277 33.89 5.76 -22.17
CA PRO D 277 33.85 7.07 -21.49
C PRO D 277 33.03 8.10 -22.28
N VAL D 278 32.23 8.88 -21.56
CA VAL D 278 31.37 9.92 -22.16
C VAL D 278 32.25 11.10 -22.63
N PRO D 279 31.81 11.96 -23.60
CA PRO D 279 32.62 13.14 -23.94
C PRO D 279 32.78 14.04 -22.71
N GLU D 280 33.96 14.68 -22.57
CA GLU D 280 34.34 15.52 -21.42
C GLU D 280 33.21 16.49 -20.99
N GLY D 281 32.70 16.26 -19.78
CA GLY D 281 31.64 17.08 -19.17
C GLY D 281 30.21 16.61 -19.30
N GLU D 282 29.97 15.49 -20.02
CA GLU D 282 28.62 14.92 -20.23
C GLU D 282 28.19 14.03 -19.05
N ILE D 283 26.86 13.89 -18.86
CA ILE D 283 26.28 13.06 -17.79
C ILE D 283 26.41 11.58 -18.19
N GLY D 284 26.83 10.76 -17.23
CA GLY D 284 26.98 9.32 -17.38
C GLY D 284 27.10 8.63 -16.03
N GLU D 285 27.39 7.32 -16.04
CA GLU D 285 27.52 6.55 -14.81
C GLU D 285 28.89 6.77 -14.17
N LEU D 286 28.89 7.03 -12.85
CA LEU D 286 30.10 7.20 -12.04
C LEU D 286 30.73 5.80 -11.81
N VAL D 287 31.97 5.60 -12.28
CA VAL D 287 32.72 4.35 -12.17
C VAL D 287 33.98 4.68 -11.37
N LEU D 288 34.18 3.99 -10.23
CA LEU D 288 35.27 4.34 -9.31
C LEU D 288 36.23 3.20 -9.00
N THR D 289 37.50 3.56 -8.77
CA THR D 289 38.59 2.66 -8.39
C THR D 289 39.26 3.22 -7.13
N THR D 290 39.39 2.39 -6.08
CA THR D 290 40.07 2.78 -4.84
C THR D 290 41.58 2.86 -5.11
N LEU D 291 42.29 3.81 -4.49
CA LEU D 291 43.73 3.96 -4.71
C LEU D 291 44.53 3.87 -3.40
N ASP D 292 43.86 3.91 -2.22
CA ASP D 292 44.57 3.83 -0.93
C ASP D 292 44.01 2.69 -0.04
N ARG D 293 43.14 1.83 -0.61
CA ARG D 293 42.57 0.67 0.10
C ARG D 293 43.46 -0.56 -0.11
N GLU D 294 43.71 -1.32 0.97
CA GLU D 294 44.62 -2.47 0.89
C GLU D 294 43.94 -3.81 1.19
N PRO D 297 40.53 -3.77 -2.08
CA PRO D 297 40.39 -2.71 -3.08
C PRO D 297 39.29 -3.05 -4.09
N LEU D 298 38.71 -2.01 -4.71
CA LEU D 298 37.67 -2.14 -5.73
C LEU D 298 38.14 -1.46 -7.01
N ILE D 299 38.06 -2.18 -8.13
CA ILE D 299 38.54 -1.69 -9.42
C ILE D 299 37.34 -1.52 -10.37
N ARG D 300 37.21 -0.30 -10.93
CA ARG D 300 36.18 0.14 -11.87
C ARG D 300 34.78 -0.30 -11.42
N TYR D 301 34.42 0.06 -10.19
CA TYR D 301 33.12 -0.31 -9.63
C TYR D 301 32.02 0.58 -10.22
N ARG D 302 31.02 -0.06 -10.85
CA ARG D 302 29.84 0.59 -11.42
C ARG D 302 28.87 0.93 -10.29
N THR D 303 28.91 2.20 -9.85
CA THR D 303 28.16 2.73 -8.71
C THR D 303 26.64 2.80 -8.97
N ARG D 304 26.22 2.91 -10.25
CA ARG D 304 24.83 3.06 -10.71
C ARG D 304 24.36 4.53 -10.49
N ASP D 305 25.26 5.41 -10.01
CA ASP D 305 24.98 6.83 -9.83
C ASP D 305 25.26 7.59 -11.11
N LEU D 306 24.43 8.58 -11.42
CA LEU D 306 24.58 9.37 -12.63
C LEU D 306 24.96 10.80 -12.30
N THR D 307 26.11 11.25 -12.81
CA THR D 307 26.64 12.60 -12.61
C THR D 307 27.58 12.96 -13.79
N ARG D 308 28.22 14.14 -13.71
CA ARG D 308 29.17 14.66 -14.69
C ARG D 308 30.32 15.39 -13.99
N ILE D 309 31.47 15.51 -14.67
CA ILE D 309 32.63 16.24 -14.16
C ILE D 309 32.47 17.70 -14.58
N LEU D 310 32.47 18.62 -13.60
CA LEU D 310 32.34 20.05 -13.87
C LEU D 310 33.68 20.60 -14.36
N PRO D 311 33.72 21.26 -15.54
CA PRO D 311 35.00 21.74 -16.07
C PRO D 311 35.48 23.03 -15.41
N GLY D 312 36.77 23.30 -15.58
CA GLY D 312 37.44 24.48 -15.05
C GLY D 312 37.98 24.32 -13.64
N LYS D 313 39.03 25.09 -13.30
CA LYS D 313 39.62 25.06 -11.97
C LYS D 313 38.71 25.83 -11.00
N CYS D 314 38.72 25.42 -9.73
CA CYS D 314 37.88 26.00 -8.70
C CYS D 314 38.61 27.18 -8.02
N PRO D 315 37.89 28.28 -7.69
CA PRO D 315 38.54 29.43 -7.04
C PRO D 315 39.12 29.13 -5.63
N CYS D 316 38.82 27.96 -5.00
CA CYS D 316 39.36 27.63 -3.69
C CYS D 316 40.85 27.20 -3.82
N GLY D 317 41.31 26.99 -5.06
CA GLY D 317 42.69 26.62 -5.36
C GLY D 317 42.96 25.13 -5.44
N ARG D 318 41.98 24.30 -5.05
CA ARG D 318 42.13 22.84 -5.08
C ARG D 318 42.05 22.35 -6.51
N THR D 319 42.98 21.45 -6.87
CA THR D 319 43.16 20.90 -8.21
C THR D 319 42.36 19.61 -8.44
N HIS D 320 41.79 19.03 -7.36
CA HIS D 320 40.98 17.81 -7.42
C HIS D 320 39.65 18.11 -8.12
N LEU D 321 39.29 17.29 -9.14
CA LEU D 321 38.10 17.44 -9.98
C LEU D 321 36.81 17.55 -9.14
N ARG D 322 35.82 18.24 -9.69
CA ARG D 322 34.51 18.45 -9.08
C ARG D 322 33.44 17.71 -9.87
N ILE D 323 32.57 17.00 -9.14
CA ILE D 323 31.43 16.32 -9.75
C ILE D 323 30.17 17.12 -9.44
N ASP D 324 29.20 17.08 -10.34
CA ASP D 324 27.93 17.74 -10.14
C ASP D 324 27.08 16.90 -9.19
N ARG D 325 25.93 17.42 -8.75
CA ARG D 325 24.98 16.71 -7.90
C ARG D 325 24.55 15.39 -8.53
N ILE D 326 24.28 14.38 -7.71
CA ILE D 326 23.84 13.11 -8.27
C ILE D 326 22.40 13.31 -8.75
N LYS D 327 22.19 13.10 -10.06
CA LYS D 327 20.90 13.17 -10.76
C LYS D 327 19.94 12.14 -10.14
N GLY D 328 20.54 11.11 -9.57
CA GLY D 328 19.89 9.98 -8.92
C GLY D 328 20.58 8.70 -9.34
N ARG D 329 20.25 7.60 -8.65
CA ARG D 329 20.79 6.29 -8.97
C ARG D 329 19.94 5.70 -10.12
N SER D 330 20.46 4.69 -10.83
CA SER D 330 19.77 4.05 -11.96
C SER D 330 18.50 3.31 -11.51
N ASP D 331 18.49 2.77 -10.27
CA ASP D 331 17.35 2.04 -9.71
C ASP D 331 16.20 3.00 -9.32
N ASP D 332 16.52 4.28 -9.03
CA ASP D 332 15.52 5.32 -8.69
C ASP D 332 14.65 5.70 -9.89
N PHE D 334 12.05 5.56 -12.88
CA PHE D 334 10.74 4.90 -13.02
C PHE D 334 10.18 5.21 -14.42
N ILE D 335 9.45 4.23 -14.98
CA ILE D 335 8.86 4.33 -16.31
C ILE D 335 7.34 4.39 -16.19
N ILE D 336 6.74 5.42 -16.80
CA ILE D 336 5.28 5.64 -16.83
C ILE D 336 4.93 6.04 -18.27
N LYS D 337 3.99 5.29 -18.89
CA LYS D 337 3.52 5.44 -20.28
C LYS D 337 4.71 5.30 -21.28
N GLY D 338 5.68 4.45 -20.92
CA GLY D 338 6.87 4.18 -21.71
C GLY D 338 7.95 5.25 -21.67
N VAL D 339 7.76 6.30 -20.83
CA VAL D 339 8.68 7.43 -20.72
C VAL D 339 9.49 7.32 -19.41
N ASN D 340 10.83 7.45 -19.52
CA ASN D 340 11.78 7.39 -18.40
C ASN D 340 11.79 8.71 -17.63
N ILE D 341 11.61 8.64 -16.29
CA ILE D 341 11.60 9.82 -15.43
C ILE D 341 12.41 9.56 -14.16
N PHE D 342 13.22 10.58 -13.76
CA PHE D 342 13.99 10.58 -12.53
C PHE D 342 13.28 11.47 -11.50
N PRO D 343 13.18 11.03 -10.22
CA PRO D 343 12.47 11.86 -9.21
C PRO D 343 13.03 13.28 -9.04
N GLN D 345 13.87 15.35 -11.40
CA GLN D 345 13.25 16.19 -12.43
C GLN D 345 12.00 16.87 -11.89
N VAL D 346 11.26 16.13 -11.04
CA VAL D 346 10.02 16.58 -10.38
C VAL D 346 10.38 17.59 -9.27
N GLU D 347 11.39 17.28 -8.43
CA GLU D 347 11.83 18.12 -7.31
C GLU D 347 12.34 19.49 -7.82
N LYS D 348 13.17 19.50 -8.89
CA LYS D 348 13.76 20.73 -9.46
C LYS D 348 12.67 21.73 -9.93
N ILE D 349 11.45 21.25 -10.25
CA ILE D 349 10.32 22.08 -10.66
C ILE D 349 9.59 22.61 -9.41
N LEU D 350 9.26 21.71 -8.46
CA LEU D 350 8.53 22.01 -7.22
C LEU D 350 9.25 23.03 -6.32
N VAL D 351 10.60 22.97 -6.24
CA VAL D 351 11.41 23.86 -5.38
C VAL D 351 11.32 25.33 -5.85
N GLN D 352 11.01 25.58 -7.13
CA GLN D 352 10.90 26.92 -7.73
C GLN D 352 9.67 27.68 -7.19
N PHE D 353 8.65 26.97 -6.70
CA PHE D 353 7.42 27.56 -6.16
C PHE D 353 7.55 27.80 -4.64
N PRO D 354 7.59 29.08 -4.19
CA PRO D 354 7.73 29.34 -2.74
C PRO D 354 6.45 29.05 -1.93
N GLU D 355 5.32 28.79 -2.61
CA GLU D 355 4.04 28.48 -1.96
C GLU D 355 4.00 27.01 -1.51
N LEU D 356 4.96 26.19 -1.97
CA LEU D 356 5.05 24.77 -1.65
C LEU D 356 6.06 24.50 -0.55
N GLY D 357 5.81 23.43 0.21
CA GLY D 357 6.68 22.97 1.27
C GLY D 357 7.87 22.21 0.73
N SER D 358 8.52 21.40 1.60
CA SER D 358 9.71 20.63 1.23
C SER D 358 9.39 19.14 1.02
N ASN D 359 8.32 18.61 1.66
CA ASN D 359 7.97 17.19 1.55
C ASN D 359 6.97 16.96 0.41
N TYR D 360 7.29 16.00 -0.46
CA TYR D 360 6.49 15.60 -1.63
C TYR D 360 6.52 14.08 -1.80
N LEU D 361 5.54 13.51 -2.52
CA LEU D 361 5.44 12.08 -2.79
C LEU D 361 4.88 11.82 -4.19
N ILE D 362 5.55 10.93 -4.95
CA ILE D 362 5.14 10.49 -6.29
C ILE D 362 4.53 9.09 -6.14
N THR D 363 3.26 8.94 -6.56
CA THR D 363 2.55 7.67 -6.48
C THR D 363 2.20 7.20 -7.90
N LEU D 364 2.53 5.93 -8.21
CA LEU D 364 2.27 5.31 -9.50
C LEU D 364 1.22 4.21 -9.34
N GLU D 365 0.05 4.39 -9.97
CA GLU D 365 -1.09 3.46 -9.89
C GLU D 365 -1.61 3.07 -11.28
N THR D 366 -2.38 1.96 -11.34
CA THR D 366 -3.02 1.46 -12.56
C THR D 366 -4.52 1.61 -12.40
N ASN D 369 -6.37 -0.32 -15.81
CA ASN D 369 -6.33 -0.32 -17.26
C ASN D 369 -5.13 0.48 -17.78
N GLN D 370 -4.97 1.74 -17.32
CA GLN D 370 -3.91 2.66 -17.73
C GLN D 370 -3.12 3.16 -16.51
N ASP D 371 -1.83 3.45 -16.70
CA ASP D 371 -0.95 3.91 -15.64
C ASP D 371 -1.10 5.42 -15.40
N GLU D 372 -1.15 5.82 -14.12
CA GLU D 372 -1.31 7.21 -13.68
C GLU D 372 -0.22 7.59 -12.68
N ILE D 374 0.71 10.36 -9.78
CA ILE D 374 0.15 11.32 -8.83
C ILE D 374 1.31 11.97 -8.05
N VAL D 375 1.39 13.30 -8.09
CA VAL D 375 2.43 14.07 -7.40
C VAL D 375 1.77 14.87 -6.26
N GLU D 376 1.93 14.37 -5.02
CA GLU D 376 1.44 15.03 -3.80
C GLU D 376 2.53 15.92 -3.25
N VAL D 377 2.22 17.19 -2.98
CA VAL D 377 3.21 18.14 -2.45
C VAL D 377 2.52 18.98 -1.35
N GLU D 378 3.18 19.10 -0.18
CA GLU D 378 2.70 19.84 0.98
C GLU D 378 2.73 21.35 0.73
N LEU D 379 1.75 22.06 1.33
CA LEU D 379 1.64 23.52 1.26
C LEU D 379 2.51 24.18 2.32
N SER D 380 2.96 25.42 2.05
CA SER D 380 3.76 26.22 3.00
C SER D 380 2.85 27.01 3.95
N ASP D 381 3.34 27.33 5.16
CA ASP D 381 2.61 28.13 6.15
C ASP D 381 2.50 29.59 5.71
N LEU D 382 3.53 30.09 4.98
CA LEU D 382 3.62 31.45 4.47
C LEU D 382 2.69 31.69 3.27
N SER D 383 2.21 30.60 2.61
CA SER D 383 1.31 30.66 1.45
C SER D 383 -0.06 31.23 1.82
N THR D 384 -0.60 32.11 0.94
CA THR D 384 -1.90 32.76 1.09
C THR D 384 -3.02 31.74 0.91
N ASP D 385 -4.04 31.77 1.79
CA ASP D 385 -5.16 30.84 1.81
C ASP D 385 -6.24 31.21 0.76
N ASN D 386 -5.83 31.53 -0.48
CA ASN D 386 -6.77 31.84 -1.55
C ASN D 386 -6.84 30.65 -2.49
N TYR D 387 -8.04 30.04 -2.60
CA TYR D 387 -8.32 28.88 -3.44
C TYR D 387 -7.99 29.14 -4.91
N ILE D 388 -8.54 30.24 -5.49
CA ILE D 388 -8.38 30.62 -6.89
C ILE D 388 -6.90 30.77 -7.26
N GLU D 389 -6.11 31.46 -6.41
CA GLU D 389 -4.67 31.68 -6.65
C GLU D 389 -3.86 30.39 -6.50
N LEU D 390 -4.19 29.54 -5.48
CA LEU D 390 -3.49 28.26 -5.28
C LEU D 390 -3.79 27.27 -6.40
N GLU D 391 -5.02 27.30 -6.96
CA GLU D 391 -5.43 26.42 -8.05
C GLU D 391 -4.69 26.84 -9.34
N LYS D 392 -4.46 28.15 -9.54
CA LYS D 392 -3.71 28.70 -10.68
C LYS D 392 -2.24 28.25 -10.60
N ILE D 393 -1.68 28.19 -9.38
CA ILE D 393 -0.31 27.74 -9.10
C ILE D 393 -0.24 26.22 -9.37
N ARG D 394 -1.28 25.47 -8.93
CA ARG D 394 -1.41 24.03 -9.12
C ARG D 394 -1.40 23.68 -10.62
N ARG D 395 -2.10 24.48 -11.46
CA ARG D 395 -2.15 24.32 -12.92
C ARG D 395 -0.80 24.66 -13.56
N ASP D 396 -0.08 25.65 -12.98
CA ASP D 396 1.25 26.08 -13.42
C ASP D 396 2.28 24.96 -13.13
N ILE D 397 2.09 24.22 -12.00
CA ILE D 397 2.93 23.09 -11.58
C ILE D 397 2.75 21.94 -12.60
N ILE D 398 1.48 21.60 -12.96
CA ILE D 398 1.15 20.55 -13.93
C ILE D 398 1.83 20.86 -15.28
N ARG D 399 1.69 22.10 -15.77
CA ARG D 399 2.23 22.60 -17.04
C ARG D 399 3.77 22.49 -17.07
N GLN D 400 4.47 22.99 -16.02
CA GLN D 400 5.94 22.95 -15.94
C GLN D 400 6.46 21.51 -15.79
N LEU D 401 5.68 20.62 -15.11
CA LEU D 401 6.06 19.22 -14.96
C LEU D 401 5.93 18.50 -16.31
N LYS D 402 4.80 18.72 -17.01
CA LYS D 402 4.49 18.13 -18.33
C LYS D 402 5.60 18.44 -19.35
N ASP D 403 6.10 19.69 -19.39
CA ASP D 403 7.15 20.13 -20.31
C ASP D 403 8.51 19.50 -19.98
N GLU D 404 8.77 19.22 -18.70
CA GLU D 404 10.04 18.66 -18.21
C GLU D 404 10.12 17.13 -18.36
N ILE D 405 9.14 16.39 -17.80
CA ILE D 405 9.17 14.92 -17.73
C ILE D 405 8.48 14.29 -18.96
N LEU D 406 7.83 15.11 -19.81
CA LEU D 406 7.16 14.75 -21.08
C LEU D 406 5.93 13.82 -20.86
N VAL D 407 5.32 13.85 -19.66
CA VAL D 407 4.08 13.13 -19.30
C VAL D 407 3.25 14.08 -18.44
N THR D 408 1.93 14.06 -18.58
CA THR D 408 1.04 14.92 -17.80
C THR D 408 0.69 14.22 -16.47
N PRO D 409 1.21 14.70 -15.32
CA PRO D 409 0.88 14.05 -14.05
C PRO D 409 -0.30 14.70 -13.33
N LYS D 410 -0.87 13.98 -12.35
CA LYS D 410 -1.92 14.50 -11.48
C LYS D 410 -1.25 15.15 -10.29
N VAL D 411 -1.52 16.44 -10.02
CA VAL D 411 -0.88 17.15 -8.90
C VAL D 411 -1.93 17.48 -7.84
N LYS D 412 -1.64 17.11 -6.57
CA LYS D 412 -2.50 17.37 -5.42
C LYS D 412 -1.75 18.14 -4.35
N LEU D 413 -2.30 19.31 -3.96
CA LEU D 413 -1.73 20.14 -2.90
C LEU D 413 -2.30 19.66 -1.58
N VAL D 414 -1.46 19.02 -0.75
CA VAL D 414 -1.88 18.44 0.54
C VAL D 414 -1.45 19.35 1.72
N LYS D 415 -2.03 19.08 2.91
CA LYS D 415 -1.77 19.80 4.16
C LYS D 415 -0.31 19.57 4.62
N LYS D 416 0.30 20.58 5.27
CA LYS D 416 1.67 20.50 5.80
C LYS D 416 1.71 19.49 6.94
N GLY D 417 2.55 18.46 6.78
CA GLY D 417 2.73 17.39 7.76
C GLY D 417 1.87 16.16 7.53
N SER D 418 1.00 16.19 6.49
CA SER D 418 0.09 15.07 6.17
C SER D 418 0.86 13.88 5.61
N LEU D 419 1.85 14.13 4.72
CA LEU D 419 2.66 13.08 4.08
C LEU D 419 3.59 12.42 5.13
N PRO D 420 3.75 11.07 5.08
CA PRO D 420 4.58 10.39 6.09
C PRO D 420 6.07 10.73 5.99
N GLN D 421 6.74 10.70 7.16
CA GLN D 421 8.17 10.97 7.31
C GLN D 421 8.93 9.66 7.45
N SER D 422 10.01 9.50 6.65
CA SER D 422 10.87 8.31 6.61
CA SER D 422 10.85 8.30 6.63
C SER D 422 11.85 8.27 7.78
N GLU D 423 12.15 7.05 8.28
CA GLU D 423 13.09 6.82 9.37
C GLU D 423 14.54 7.02 8.88
N GLY D 424 14.80 6.60 7.64
CA GLY D 424 16.09 6.75 6.97
C GLY D 424 15.95 7.68 5.79
N LYS D 425 16.52 7.30 4.62
CA LYS D 425 16.41 8.06 3.37
C LYS D 425 14.95 8.23 2.97
N ALA D 426 14.59 9.43 2.51
CA ALA D 426 13.23 9.76 2.10
C ALA D 426 12.82 8.95 0.89
N VAL D 427 11.61 8.37 0.94
CA VAL D 427 11.03 7.59 -0.15
C VAL D 427 10.12 8.55 -0.93
N ARG D 428 10.59 8.98 -2.10
CA ARG D 428 9.88 9.94 -2.93
C ARG D 428 8.95 9.26 -3.96
N VAL D 429 9.17 7.95 -4.26
CA VAL D 429 8.37 7.22 -5.24
C VAL D 429 7.73 5.98 -4.57
N LYS D 430 6.40 5.86 -4.70
CA LYS D 430 5.57 4.75 -4.23
C LYS D 430 4.88 4.13 -5.45
N ASP D 431 5.41 2.99 -5.91
CA ASP D 431 4.88 2.29 -7.10
C ASP D 431 3.90 1.20 -6.63
N LEU D 432 2.59 1.44 -6.83
CA LEU D 432 1.50 0.55 -6.42
C LEU D 432 0.98 -0.30 -7.60
N ARG D 433 1.70 -0.30 -8.74
CA ARG D 433 1.34 -1.07 -9.94
C ARG D 433 1.69 -2.55 -9.76
N ASP D 434 0.97 -3.44 -10.48
CA ASP D 434 1.18 -4.89 -10.40
C ASP D 434 2.44 -5.30 -11.19
N ASN D 435 3.62 -5.10 -10.57
CA ASN D 435 4.92 -5.41 -11.16
C ASN D 435 5.91 -5.80 -10.06
#